data_3ILA
#
_entry.id   3ILA
#
_cell.length_a   70.734
_cell.length_b   155.705
_cell.length_c   81.613
_cell.angle_alpha   90.00
_cell.angle_beta   110.63
_cell.angle_gamma   90.00
#
_symmetry.space_group_name_H-M   'P 1 21 1'
#
_entity_poly.entity_id   1
_entity_poly.type   'polypeptide(L)'
_entity_poly.pdbx_seq_one_letter_code
;DEVQFLRTDDEVVLQCSATVLKEQLKLCLAAEGFGNRLCFLEPTSNAQNVPPDLAICCFTLEQSLSVRALQEMLANTVEA
GVESSQGGGHRTLLYGHAILLRHAHSRMYLSCLTTSRSMTDKLAFDVGLQEDATGEACWWTMHPASKQRSEGEKVRVGDD
LILVSVSSERYLHLSTASGELQVDASFMQTLWNMNPI
;
_entity_poly.pdbx_strand_id   A,B,C,D,E,F,G,H,I
#
# COMPACT_ATOMS: atom_id res chain seq x y z
N GLN A 4 -6.40 -45.86 15.96
CA GLN A 4 -7.54 -44.95 16.31
C GLN A 4 -7.73 -43.88 15.23
N PHE A 5 -8.97 -43.74 14.78
CA PHE A 5 -9.31 -42.77 13.73
C PHE A 5 -9.97 -41.53 14.31
N LEU A 6 -9.86 -40.41 13.60
CA LEU A 6 -10.50 -39.16 13.98
C LEU A 6 -12.00 -39.22 13.71
N ARG A 7 -12.79 -38.73 14.66
CA ARG A 7 -14.24 -38.77 14.58
C ARG A 7 -14.86 -37.40 14.83
N THR A 8 -16.14 -37.26 14.47
CA THR A 8 -16.87 -36.01 14.70
C THR A 8 -17.16 -35.79 16.18
N ASP A 9 -17.25 -34.52 16.57
CA ASP A 9 -17.46 -34.09 17.96
C ASP A 9 -16.25 -34.35 18.86
N ASP A 10 -15.10 -34.59 18.25
CA ASP A 10 -13.83 -34.74 18.97
C ASP A 10 -13.17 -33.38 19.17
N GLU A 11 -12.75 -33.12 20.40
CA GLU A 11 -11.97 -31.92 20.72
C GLU A 11 -10.54 -32.13 20.24
N VAL A 12 -10.06 -31.25 19.38
CA VAL A 12 -8.72 -31.40 18.79
C VAL A 12 -7.86 -30.13 18.87
N VAL A 13 -6.55 -30.31 18.68
CA VAL A 13 -5.62 -29.20 18.50
C VAL A 13 -4.91 -29.34 17.14
N LEU A 14 -4.98 -28.27 16.33
CA LEU A 14 -4.32 -28.24 15.04
C LEU A 14 -2.86 -27.84 15.20
N GLN A 15 -1.95 -28.75 14.84
CA GLN A 15 -0.52 -28.52 15.04
C GLN A 15 0.32 -28.73 13.78
N CYS A 16 1.28 -27.84 13.55
CA CYS A 16 2.21 -27.95 12.42
C CYS A 16 3.66 -27.82 12.86
N SER A 17 4.58 -28.18 11.98
CA SER A 17 6.01 -28.11 12.26
C SER A 17 6.66 -26.92 11.55
N ALA A 18 7.73 -26.40 12.14
CA ALA A 18 8.46 -25.27 11.58
C ALA A 18 9.95 -25.37 11.89
N THR A 19 10.78 -25.00 10.91
CA THR A 19 12.23 -24.92 11.12
C THR A 19 12.64 -23.45 11.14
N VAL A 20 12.65 -22.88 12.36
CA VAL A 20 13.05 -21.50 12.56
C VAL A 20 14.39 -21.43 13.29
N LEU A 21 15.37 -20.81 12.64
CA LEU A 21 16.74 -20.67 13.16
C LEU A 21 17.41 -22.04 13.41
N LYS A 22 17.32 -22.91 12.40
CA LYS A 22 17.90 -24.27 12.45
C LYS A 22 17.40 -25.13 13.62
N GLU A 23 16.27 -24.75 14.20
CA GLU A 23 15.67 -25.46 15.32
C GLU A 23 14.24 -25.88 15.00
N GLN A 24 13.90 -27.13 15.33
CA GLN A 24 12.57 -27.67 15.07
C GLN A 24 11.57 -27.18 16.09
N LEU A 25 10.45 -26.64 15.60
CA LEU A 25 9.39 -26.13 16.46
C LEU A 25 8.07 -26.85 16.22
N LYS A 26 7.30 -27.04 17.29
CA LYS A 26 5.96 -27.60 17.20
C LYS A 26 4.93 -26.54 17.57
N LEU A 27 4.30 -25.96 16.55
CA LEU A 27 3.35 -24.88 16.73
C LEU A 27 1.92 -25.38 16.61
N CYS A 28 1.00 -24.75 17.36
CA CYS A 28 -0.41 -25.12 17.30
C CYS A 28 -1.32 -23.89 17.17
N LEU A 29 -2.40 -24.08 16.42
CA LEU A 29 -3.37 -23.02 16.12
C LEU A 29 -4.16 -22.56 17.33
N ALA A 30 -4.17 -21.24 17.56
CA ALA A 30 -4.85 -20.63 18.69
C ALA A 30 -5.63 -19.39 18.26
N ALA A 31 -6.71 -19.11 18.98
CA ALA A 31 -7.54 -17.93 18.71
C ALA A 31 -8.22 -17.44 19.99
N GLU A 32 -8.51 -16.13 20.02
CA GLU A 32 -9.20 -15.52 21.14
C GLU A 32 -10.61 -15.05 20.74
N GLY A 33 -11.38 -14.57 21.72
CA GLY A 33 -12.76 -14.13 21.48
C GLY A 33 -12.87 -12.76 20.84
N PHE A 34 -12.27 -11.75 21.48
CA PHE A 34 -12.37 -10.37 21.03
C PHE A 34 -11.51 -10.09 19.80
N ARG A 37 -12.01 -12.61 15.65
CA ARG A 37 -10.61 -12.37 15.98
C ARG A 37 -9.67 -13.23 15.15
N LEU A 38 -8.52 -12.65 14.77
CA LEU A 38 -7.51 -13.35 13.98
C LEU A 38 -6.77 -14.42 14.77
N CYS A 39 -6.44 -15.52 14.10
CA CYS A 39 -5.75 -16.64 14.71
C CYS A 39 -4.25 -16.42 14.80
N PHE A 40 -3.63 -17.05 15.80
CA PHE A 40 -2.18 -17.02 15.97
C PHE A 40 -1.64 -18.41 16.33
N LEU A 41 -0.32 -18.56 16.31
CA LEU A 41 0.32 -19.84 16.58
C LEU A 41 1.21 -19.78 17.81
N GLU A 42 0.95 -20.67 18.77
CA GLU A 42 1.70 -20.72 20.02
C GLU A 42 2.55 -22.00 20.10
N PRO A 43 3.85 -21.85 20.41
CA PRO A 43 4.78 -22.98 20.54
C PRO A 43 4.45 -23.87 21.74
N THR A 44 4.57 -25.18 21.55
CA THR A 44 4.22 -26.15 22.59
C THR A 44 5.34 -26.35 23.62
N SER A 45 4.95 -26.64 24.85
CA SER A 45 5.89 -26.88 25.95
C SER A 45 5.28 -27.78 27.02
N PRO A 52 1.48 -24.44 27.11
CA PRO A 52 0.60 -23.47 26.46
C PRO A 52 -0.88 -23.75 26.74
N ASP A 53 -1.63 -22.68 27.05
CA ASP A 53 -3.05 -22.81 27.39
C ASP A 53 -3.88 -23.44 26.27
N LEU A 54 -4.33 -24.67 26.52
CA LEU A 54 -5.05 -25.47 25.52
C LEU A 54 -6.45 -24.97 25.23
N ALA A 55 -7.03 -24.23 26.17
CA ALA A 55 -8.39 -23.70 26.05
C ALA A 55 -8.58 -22.89 24.76
N ILE A 56 -7.63 -22.01 24.48
CA ILE A 56 -7.67 -21.17 23.29
C ILE A 56 -7.23 -21.92 22.02
N CYS A 57 -6.76 -23.14 22.20
CA CYS A 57 -6.30 -23.98 21.08
C CYS A 57 -7.30 -25.08 20.71
N CYS A 58 -8.29 -25.29 21.56
CA CYS A 58 -9.24 -26.40 21.39
C CYS A 58 -10.30 -26.12 20.32
N PHE A 59 -10.40 -27.04 19.37
CA PHE A 59 -11.43 -27.00 18.32
C PHE A 59 -12.21 -28.30 18.32
N THR A 60 -13.53 -28.22 18.23
CA THR A 60 -14.36 -29.42 18.13
C THR A 60 -14.78 -29.67 16.69
N LEU A 61 -14.61 -30.92 16.24
CA LEU A 61 -15.01 -31.33 14.90
C LEU A 61 -16.52 -31.48 14.79
N GLU A 62 -17.22 -30.35 14.63
CA GLU A 62 -18.68 -30.31 14.63
C GLU A 62 -19.29 -31.19 13.53
N GLN A 63 -18.79 -31.03 12.30
CA GLN A 63 -19.34 -31.75 11.15
C GLN A 63 -18.26 -32.21 10.18
N SER A 64 -18.59 -33.24 9.41
CA SER A 64 -17.73 -33.76 8.35
C SER A 64 -18.58 -34.32 7.23
N LEU A 65 -18.72 -33.56 6.15
CA LEU A 65 -19.56 -33.95 5.02
C LEU A 65 -18.75 -34.03 3.74
N SER A 66 -19.19 -34.88 2.81
CA SER A 66 -18.56 -35.01 1.49
C SER A 66 -18.79 -33.76 0.64
N VAL A 67 -18.12 -33.70 -0.52
CA VAL A 67 -18.23 -32.55 -1.42
C VAL A 67 -19.68 -32.29 -1.88
N ARG A 68 -20.36 -33.35 -2.31
CA ARG A 68 -21.74 -33.27 -2.78
C ARG A 68 -22.74 -32.97 -1.66
N ALA A 69 -22.49 -33.53 -0.48
CA ALA A 69 -23.33 -33.30 0.69
C ALA A 69 -23.26 -31.84 1.15
N LEU A 70 -22.05 -31.27 1.13
CA LEU A 70 -21.84 -29.87 1.46
C LEU A 70 -22.53 -28.96 0.44
N GLN A 71 -22.37 -29.28 -0.84
CA GLN A 71 -23.01 -28.55 -1.93
C GLN A 71 -24.54 -28.60 -1.83
N GLU A 72 -25.06 -29.71 -1.32
CA GLU A 72 -26.49 -29.89 -1.12
C GLU A 72 -26.99 -29.03 0.04
N MET A 73 -26.23 -29.05 1.14
CA MET A 73 -26.54 -28.25 2.33
C MET A 73 -26.48 -26.75 2.03
N LEU A 74 -25.51 -26.35 1.22
CA LEU A 74 -25.37 -24.96 0.79
C LEU A 74 -26.50 -24.54 -0.15
N ALA A 75 -27.02 -25.48 -0.93
CA ALA A 75 -28.13 -25.22 -1.85
C ALA A 75 -29.48 -25.13 -1.15
N ASN A 76 -29.58 -25.77 0.01
CA ASN A 76 -30.81 -25.76 0.81
C ASN A 76 -30.92 -24.49 1.65
N HIS A 90 -19.82 -39.33 16.22
CA HIS A 90 -19.28 -40.68 16.06
C HIS A 90 -18.79 -40.94 14.63
N ARG A 91 -19.22 -40.09 13.70
CA ARG A 91 -18.90 -40.22 12.28
C ARG A 91 -17.40 -40.07 12.02
N THR A 92 -16.85 -41.02 11.26
CA THR A 92 -15.41 -41.07 10.97
C THR A 92 -15.03 -40.15 9.82
N LEU A 93 -13.91 -39.44 9.99
CA LEU A 93 -13.40 -38.51 8.99
C LEU A 93 -12.71 -39.26 7.85
N LEU A 94 -13.07 -38.91 6.63
CA LEU A 94 -12.47 -39.49 5.42
C LEU A 94 -11.82 -38.39 4.58
N TYR A 95 -10.79 -38.76 3.81
CA TYR A 95 -10.14 -37.82 2.91
C TYR A 95 -11.06 -37.45 1.75
N GLY A 96 -11.22 -36.14 1.52
CA GLY A 96 -12.15 -35.63 0.53
C GLY A 96 -13.30 -34.87 1.18
N HIS A 97 -13.64 -35.28 2.40
CA HIS A 97 -14.70 -34.66 3.20
C HIS A 97 -14.33 -33.25 3.65
N ALA A 98 -15.33 -32.40 3.79
CA ALA A 98 -15.16 -31.04 4.28
C ALA A 98 -15.59 -30.94 5.75
N ILE A 99 -14.73 -30.35 6.58
CA ILE A 99 -14.97 -30.31 8.02
C ILE A 99 -15.31 -28.92 8.56
N LEU A 100 -16.02 -28.90 9.68
CA LEU A 100 -16.40 -27.67 10.37
C LEU A 100 -15.79 -27.69 11.77
N LEU A 101 -14.95 -26.69 12.06
CA LEU A 101 -14.22 -26.63 13.32
C LEU A 101 -14.72 -25.50 14.22
N ARG A 102 -15.21 -25.86 15.40
CA ARG A 102 -15.73 -24.89 16.35
C ARG A 102 -14.75 -24.60 17.48
N HIS A 103 -14.39 -23.32 17.62
CA HIS A 103 -13.53 -22.85 18.69
C HIS A 103 -14.25 -23.05 20.02
N ALA A 104 -13.69 -23.90 20.88
CA ALA A 104 -14.34 -24.34 22.12
C ALA A 104 -14.58 -23.24 23.13
N HIS A 105 -13.71 -22.23 23.14
CA HIS A 105 -13.80 -21.14 24.13
C HIS A 105 -14.88 -20.13 23.79
N SER A 106 -14.88 -19.67 22.53
CA SER A 106 -15.77 -18.60 22.09
C SER A 106 -17.00 -19.09 21.34
N ARG A 107 -17.07 -20.41 21.11
CA ARG A 107 -18.14 -21.04 20.32
C ARG A 107 -18.22 -20.51 18.89
N MET A 108 -17.10 -19.96 18.41
CA MET A 108 -16.99 -19.42 17.05
C MET A 108 -16.34 -20.44 16.11
N TYR A 109 -16.24 -20.10 14.83
CA TYR A 109 -15.80 -21.04 13.79
C TYR A 109 -14.55 -20.60 13.04
N LEU A 110 -13.65 -21.55 12.81
CA LEU A 110 -12.45 -21.31 12.00
C LEU A 110 -12.85 -21.09 10.55
N SER A 111 -12.53 -19.92 10.02
CA SER A 111 -12.89 -19.58 8.65
C SER A 111 -11.77 -18.86 7.92
N CYS A 112 -11.89 -18.84 6.58
CA CYS A 112 -11.01 -18.06 5.74
C CYS A 112 -11.59 -16.65 5.60
N LEU A 113 -10.81 -15.67 6.02
CA LEU A 113 -11.28 -14.27 6.04
C LEU A 113 -11.08 -13.56 4.70
N THR A 114 -11.80 -12.46 4.51
CA THR A 114 -11.71 -11.66 3.30
C THR A 114 -10.45 -10.80 3.27
N THR A 115 -9.96 -10.43 4.46
CA THR A 115 -8.78 -9.58 4.62
C THR A 115 -7.47 -10.34 4.39
N SER A 116 -6.42 -9.59 4.04
CA SER A 116 -5.07 -10.13 3.92
C SER A 116 -4.18 -9.53 5.02
N LYS A 122 -0.11 -8.89 -1.76
CA LYS A 122 -0.20 -10.34 -1.73
C LYS A 122 -1.62 -10.83 -1.93
N LEU A 123 -1.76 -12.07 -2.40
CA LEU A 123 -3.07 -12.67 -2.67
C LEU A 123 -3.49 -13.68 -1.59
N ALA A 124 -2.70 -13.78 -0.52
CA ALA A 124 -3.04 -14.64 0.61
C ALA A 124 -4.19 -14.04 1.43
N PHE A 125 -4.83 -14.87 2.25
CA PHE A 125 -5.92 -14.40 3.11
C PHE A 125 -5.67 -14.72 4.58
N ASP A 126 -6.15 -13.85 5.46
CA ASP A 126 -6.07 -14.09 6.90
C ASP A 126 -7.03 -15.19 7.33
N VAL A 127 -6.69 -15.83 8.44
CA VAL A 127 -7.54 -16.87 9.02
C VAL A 127 -7.87 -16.46 10.45
N GLY A 128 -9.16 -16.35 10.74
CA GLY A 128 -9.63 -15.90 12.05
C GLY A 128 -10.83 -16.68 12.53
N LEU A 129 -11.71 -15.99 13.26
CA LEU A 129 -12.94 -16.61 13.75
C LEU A 129 -14.19 -15.98 13.17
N GLN A 130 -15.16 -16.83 12.85
CA GLN A 130 -16.45 -16.42 12.30
C GLN A 130 -17.53 -16.76 13.32
N GLU A 131 -18.61 -15.99 13.32
CA GLU A 131 -19.64 -16.11 14.36
C GLU A 131 -20.77 -17.08 14.02
N ASP A 132 -20.79 -17.55 12.76
CA ASP A 132 -21.82 -18.49 12.30
C ASP A 132 -21.26 -19.48 11.28
N ALA A 133 -22.02 -20.56 11.05
CA ALA A 133 -21.64 -21.59 10.09
C ALA A 133 -22.25 -21.34 8.70
N THR A 134 -22.56 -20.08 8.42
CA THR A 134 -23.17 -19.70 7.14
C THR A 134 -22.10 -19.34 6.11
N GLY A 135 -22.20 -19.97 4.94
CA GLY A 135 -21.25 -19.75 3.85
C GLY A 135 -20.23 -20.86 3.70
N GLU A 136 -19.35 -20.71 2.72
CA GLU A 136 -18.32 -21.71 2.43
C GLU A 136 -17.06 -21.49 3.27
N ALA A 137 -16.83 -20.24 3.67
CA ALA A 137 -15.61 -19.82 4.36
C ALA A 137 -15.19 -20.71 5.54
N CYS A 138 -16.16 -21.15 6.33
CA CYS A 138 -15.90 -21.97 7.52
C CYS A 138 -15.76 -23.46 7.21
N TRP A 139 -15.68 -23.80 5.93
CA TRP A 139 -15.54 -25.20 5.52
C TRP A 139 -14.16 -25.51 4.92
N TRP A 140 -13.53 -26.57 5.41
CA TRP A 140 -12.20 -26.98 4.99
C TRP A 140 -12.20 -28.45 4.59
N THR A 141 -11.56 -28.76 3.47
CA THR A 141 -11.47 -30.15 3.01
C THR A 141 -10.10 -30.74 3.36
N MET A 142 -10.10 -32.02 3.77
CA MET A 142 -8.88 -32.71 4.15
C MET A 142 -8.30 -33.50 2.98
N HIS A 143 -6.99 -33.40 2.80
CA HIS A 143 -6.29 -34.11 1.73
C HIS A 143 -4.98 -34.73 2.22
N PRO A 144 -4.64 -35.93 1.71
CA PRO A 144 -3.44 -36.63 2.20
C PRO A 144 -2.14 -36.08 1.61
N ALA A 145 -1.05 -36.23 2.36
CA ALA A 145 0.27 -35.80 1.92
C ALA A 145 0.81 -36.70 0.81
N SER A 146 1.09 -37.95 1.16
CA SER A 146 1.52 -38.97 0.20
C SER A 146 1.30 -40.37 0.77
N LYS A 147 0.56 -41.18 0.04
CA LYS A 147 0.26 -42.57 0.42
C LYS A 147 -0.15 -43.39 -0.81
N GLU A 151 -7.27 -40.91 -0.84
CA GLU A 151 -8.61 -40.36 -0.97
C GLU A 151 -9.67 -41.41 -0.65
N GLY A 152 -10.61 -41.03 0.21
CA GLY A 152 -11.69 -41.94 0.63
C GLY A 152 -11.35 -42.75 1.86
N GLU A 153 -10.06 -42.83 2.20
CA GLU A 153 -9.60 -43.58 3.36
C GLU A 153 -9.83 -42.79 4.65
N LYS A 154 -9.91 -43.52 5.77
CA LYS A 154 -10.13 -42.92 7.08
C LYS A 154 -8.93 -42.08 7.52
N VAL A 155 -9.20 -40.93 8.11
CA VAL A 155 -8.16 -40.04 8.61
C VAL A 155 -7.70 -40.50 9.99
N ARG A 156 -6.45 -40.96 10.06
CA ARG A 156 -5.87 -41.48 11.30
C ARG A 156 -5.37 -40.35 12.20
N VAL A 157 -5.44 -40.58 13.52
CA VAL A 157 -4.94 -39.64 14.51
C VAL A 157 -3.41 -39.54 14.40
N GLY A 158 -2.91 -38.30 14.31
CA GLY A 158 -1.47 -38.07 14.17
C GLY A 158 -0.99 -38.32 12.75
N ASP A 159 -1.67 -37.69 11.80
CA ASP A 159 -1.34 -37.81 10.38
C ASP A 159 -1.04 -36.46 9.74
N ASP A 160 -0.31 -36.51 8.62
CA ASP A 160 -0.05 -35.32 7.82
C ASP A 160 -1.33 -34.96 7.05
N LEU A 161 -1.77 -33.72 7.19
CA LEU A 161 -3.02 -33.26 6.58
C LEU A 161 -2.85 -31.99 5.76
N ILE A 162 -3.47 -31.98 4.58
CA ILE A 162 -3.59 -30.78 3.77
C ILE A 162 -5.02 -30.25 3.93
N LEU A 163 -5.13 -29.10 4.59
CA LEU A 163 -6.43 -28.45 4.80
C LEU A 163 -6.65 -27.34 3.76
N VAL A 164 -7.72 -27.47 2.99
CA VAL A 164 -8.02 -26.53 1.91
C VAL A 164 -9.34 -25.80 2.14
N SER A 165 -9.29 -24.47 2.08
CA SER A 165 -10.48 -23.63 2.14
C SER A 165 -11.42 -23.93 0.98
N VAL A 166 -12.71 -23.96 1.26
CA VAL A 166 -13.73 -24.22 0.24
C VAL A 166 -14.04 -22.95 -0.55
N SER A 167 -14.13 -21.83 0.16
CA SER A 167 -14.50 -20.53 -0.44
C SER A 167 -13.39 -19.93 -1.31
N SER A 168 -12.15 -20.05 -0.86
CA SER A 168 -11.02 -19.39 -1.54
C SER A 168 -10.06 -20.37 -2.24
N GLU A 169 -10.26 -21.66 -1.99
CA GLU A 169 -9.41 -22.73 -2.56
C GLU A 169 -7.94 -22.63 -2.16
N ARG A 170 -7.69 -22.06 -0.99
CA ARG A 170 -6.31 -21.87 -0.49
C ARG A 170 -6.00 -22.81 0.67
N TYR A 171 -4.73 -23.17 0.79
CA TYR A 171 -4.27 -24.09 1.82
C TYR A 171 -4.06 -23.35 3.13
N LEU A 172 -4.34 -24.03 4.25
CA LEU A 172 -3.99 -23.52 5.57
C LEU A 172 -2.47 -23.49 5.67
N HIS A 173 -1.90 -22.30 5.83
CA HIS A 173 -0.46 -22.11 5.64
C HIS A 173 0.25 -21.45 6.81
N LEU A 174 1.42 -21.98 7.15
CA LEU A 174 2.31 -21.38 8.13
C LEU A 174 3.24 -20.40 7.43
N SER A 175 3.14 -19.13 7.80
CA SER A 175 4.05 -18.09 7.30
C SER A 175 4.96 -17.62 8.43
N THR A 176 6.26 -17.63 8.15
CA THR A 176 7.26 -17.25 9.15
C THR A 176 8.05 -16.00 8.72
N ALA A 177 7.45 -15.20 7.84
CA ALA A 177 8.08 -14.01 7.29
C ALA A 177 8.23 -12.88 8.31
N SER A 178 9.33 -12.14 8.20
CA SER A 178 9.65 -10.97 9.04
C SER A 178 9.71 -11.26 10.54
N GLY A 179 9.86 -12.53 10.90
CA GLY A 179 9.91 -12.96 12.29
C GLY A 179 8.55 -13.24 12.91
N GLU A 180 7.50 -12.91 12.16
CA GLU A 180 6.13 -13.12 12.63
C GLU A 180 5.63 -14.52 12.26
N LEU A 181 5.30 -15.31 13.28
CA LEU A 181 4.72 -16.64 13.07
C LEU A 181 3.21 -16.54 12.93
N GLN A 182 2.77 -16.27 11.70
CA GLN A 182 1.37 -16.05 11.40
C GLN A 182 0.78 -17.20 10.59
N VAL A 183 -0.50 -17.45 10.78
CA VAL A 183 -1.24 -18.43 9.99
C VAL A 183 -2.12 -17.72 8.96
N ASP A 184 -2.08 -18.19 7.72
CA ASP A 184 -2.90 -17.63 6.65
C ASP A 184 -3.42 -18.71 5.69
N ALA A 185 -4.14 -18.27 4.68
CA ALA A 185 -4.56 -19.13 3.58
C ALA A 185 -3.92 -18.64 2.30
N SER A 186 -2.99 -19.44 1.77
CA SER A 186 -2.28 -19.09 0.53
C SER A 186 -2.19 -20.29 -0.42
N PHE A 187 -1.37 -20.16 -1.47
CA PHE A 187 -1.17 -21.22 -2.44
C PHE A 187 -0.03 -22.16 -2.04
N MET A 188 0.64 -21.83 -0.93
CA MET A 188 1.68 -22.69 -0.37
C MET A 188 1.04 -23.64 0.64
N GLN A 189 1.40 -24.92 0.58
CA GLN A 189 0.80 -25.92 1.45
C GLN A 189 1.64 -26.22 2.70
N THR A 190 0.94 -26.33 3.82
CA THR A 190 1.54 -26.66 5.11
C THR A 190 0.85 -27.91 5.65
N LEU A 191 1.64 -28.86 6.14
CA LEU A 191 1.12 -30.08 6.73
C LEU A 191 0.64 -29.81 8.16
N TRP A 192 -0.56 -30.29 8.47
CA TRP A 192 -1.15 -30.11 9.80
C TRP A 192 -1.47 -31.44 10.47
N ASN A 193 -1.38 -31.46 11.80
CA ASN A 193 -1.79 -32.62 12.58
C ASN A 193 -2.95 -32.28 13.50
N MET A 194 -3.92 -33.18 13.57
CA MET A 194 -5.10 -33.00 14.40
C MET A 194 -5.15 -34.10 15.47
N ASN A 195 -4.90 -33.71 16.73
CA ASN A 195 -4.86 -34.66 17.84
C ASN A 195 -5.83 -34.28 18.96
N PRO A 196 -6.54 -35.29 19.51
CA PRO A 196 -7.47 -35.03 20.61
C PRO A 196 -6.78 -35.07 21.97
N GLN B 4 -20.00 -12.24 -12.33
CA GLN B 4 -20.99 -11.13 -12.46
C GLN B 4 -21.82 -10.96 -11.19
N PHE B 5 -21.95 -9.71 -10.74
CA PHE B 5 -22.72 -9.37 -9.56
C PHE B 5 -23.79 -8.34 -9.92
N LEU B 6 -24.78 -8.18 -9.04
CA LEU B 6 -25.78 -7.15 -9.21
C LEU B 6 -25.23 -5.82 -8.71
N ARG B 7 -25.34 -4.79 -9.56
CA ARG B 7 -24.84 -3.46 -9.23
C ARG B 7 -25.96 -2.44 -9.18
N THR B 8 -25.66 -1.26 -8.65
CA THR B 8 -26.62 -0.15 -8.64
C THR B 8 -26.82 0.38 -10.07
N ASP B 9 -27.94 1.06 -10.29
CA ASP B 9 -28.34 1.58 -11.60
C ASP B 9 -28.68 0.47 -12.61
N ASP B 10 -28.68 -0.77 -12.13
CA ASP B 10 -29.09 -1.91 -12.96
C ASP B 10 -30.61 -1.96 -13.08
N GLU B 11 -31.08 -2.25 -14.28
CA GLU B 11 -32.50 -2.41 -14.54
C GLU B 11 -32.88 -3.88 -14.37
N VAL B 12 -33.78 -4.14 -13.41
CA VAL B 12 -34.13 -5.51 -13.04
C VAL B 12 -35.64 -5.78 -13.06
N VAL B 13 -36.01 -7.06 -13.18
CA VAL B 13 -37.38 -7.49 -12.93
C VAL B 13 -37.37 -8.49 -11.78
N LEU B 14 -38.20 -8.24 -10.77
CA LEU B 14 -38.28 -9.10 -9.60
C LEU B 14 -39.16 -10.31 -9.91
N GLN B 15 -38.54 -11.49 -9.97
CA GLN B 15 -39.24 -12.72 -10.33
C GLN B 15 -39.19 -13.77 -9.23
N CYS B 16 -40.28 -14.52 -9.10
CA CYS B 16 -40.36 -15.64 -8.16
C CYS B 16 -41.06 -16.83 -8.80
N SER B 17 -41.16 -17.93 -8.05
CA SER B 17 -41.78 -19.16 -8.56
C SER B 17 -42.59 -19.87 -7.48
N ALA B 18 -43.75 -20.38 -7.88
CA ALA B 18 -44.64 -21.13 -6.99
C ALA B 18 -45.15 -22.40 -7.65
N THR B 19 -45.36 -23.43 -6.85
CA THR B 19 -45.93 -24.69 -7.33
C THR B 19 -47.44 -24.68 -7.16
N VAL B 20 -48.16 -24.88 -8.27
CA VAL B 20 -49.62 -24.83 -8.27
C VAL B 20 -50.23 -26.24 -8.30
N LEU B 21 -49.91 -27.01 -9.33
CA LEU B 21 -50.38 -28.39 -9.46
C LEU B 21 -49.59 -29.32 -8.54
N GLU B 23 -46.95 -28.29 -11.59
CA GLU B 23 -46.37 -27.28 -12.46
C GLU B 23 -45.83 -26.10 -11.65
N GLN B 24 -44.62 -25.66 -12.01
CA GLN B 24 -43.98 -24.50 -11.37
C GLN B 24 -44.09 -23.27 -12.26
N LEU B 25 -44.96 -22.33 -11.85
CA LEU B 25 -45.16 -21.09 -12.60
C LEU B 25 -44.16 -20.03 -12.15
N LYS B 26 -43.64 -19.26 -13.11
CA LYS B 26 -42.74 -18.14 -12.81
C LYS B 26 -43.51 -16.83 -12.85
N LEU B 27 -43.49 -16.10 -11.73
CA LEU B 27 -44.27 -14.88 -11.57
C LEU B 27 -43.36 -13.69 -11.29
N CYS B 28 -43.51 -12.62 -12.09
CA CYS B 28 -42.70 -11.42 -11.90
C CYS B 28 -43.49 -10.18 -11.48
N LEU B 29 -42.92 -9.44 -10.53
CA LEU B 29 -43.55 -8.28 -9.90
C LEU B 29 -43.84 -7.14 -10.88
N ALA B 30 -45.12 -6.79 -10.98
CA ALA B 30 -45.58 -5.70 -11.85
C ALA B 30 -46.37 -4.66 -11.06
N ALA B 31 -46.29 -3.40 -11.52
CA ALA B 31 -47.03 -2.30 -10.91
C ALA B 31 -47.39 -1.26 -11.97
N GLU B 32 -48.48 -0.54 -11.74
CA GLU B 32 -48.94 0.50 -12.67
C GLU B 32 -49.07 1.86 -12.00
N ARG B 37 -50.59 2.95 -6.74
CA ARG B 37 -51.34 1.71 -6.94
C ARG B 37 -50.61 0.49 -6.37
N LEU B 38 -51.39 -0.51 -5.97
CA LEU B 38 -50.85 -1.74 -5.37
C LEU B 38 -50.14 -2.60 -6.41
N CYS B 39 -49.21 -3.43 -5.93
CA CYS B 39 -48.43 -4.30 -6.82
C CYS B 39 -49.15 -5.61 -7.10
N PHE B 40 -49.17 -5.99 -8.38
CA PHE B 40 -49.70 -7.29 -8.80
C PHE B 40 -48.60 -8.18 -9.37
N LEU B 41 -48.98 -9.34 -9.91
CA LEU B 41 -47.99 -10.30 -10.41
C LEU B 41 -48.32 -10.80 -11.82
N GLU B 42 -47.42 -10.51 -12.75
CA GLU B 42 -47.57 -10.94 -14.14
C GLU B 42 -46.83 -12.27 -14.37
N PRO B 43 -47.58 -13.34 -14.68
CA PRO B 43 -47.01 -14.65 -14.95
C PRO B 43 -46.31 -14.70 -16.31
N THR B 44 -45.48 -15.71 -16.51
CA THR B 44 -44.79 -15.92 -17.79
C THR B 44 -45.27 -17.20 -18.46
N SER B 45 -45.23 -17.20 -19.80
CA SER B 45 -45.64 -18.36 -20.59
C SER B 45 -44.47 -19.31 -20.81
N PRO B 52 -48.04 -10.24 -21.18
CA PRO B 52 -46.98 -9.71 -20.33
C PRO B 52 -46.36 -8.44 -20.89
N ASP B 53 -45.73 -7.65 -20.01
CA ASP B 53 -45.04 -6.43 -20.40
C ASP B 53 -43.88 -6.10 -19.46
N LEU B 54 -42.70 -5.91 -20.05
CA LEU B 54 -41.49 -5.60 -19.28
C LEU B 54 -41.48 -4.16 -18.75
N ALA B 55 -42.24 -3.29 -19.41
CA ALA B 55 -42.30 -1.87 -19.06
C ALA B 55 -42.83 -1.62 -17.64
N ILE B 56 -43.83 -2.41 -17.25
CA ILE B 56 -44.43 -2.29 -15.92
C ILE B 56 -43.68 -3.12 -14.87
N CYS B 57 -42.90 -4.09 -15.33
CA CYS B 57 -42.16 -4.99 -14.43
C CYS B 57 -40.76 -4.49 -14.08
N CYS B 58 -40.26 -3.51 -14.84
CA CYS B 58 -38.89 -3.05 -14.68
C CYS B 58 -38.69 -2.14 -13.47
N PHE B 59 -37.70 -2.51 -12.65
CA PHE B 59 -37.29 -1.70 -11.50
C PHE B 59 -35.82 -1.32 -11.64
N THR B 60 -35.45 -0.17 -11.08
CA THR B 60 -34.07 0.26 -11.06
C THR B 60 -33.51 0.28 -9.64
N LEU B 61 -32.39 -0.41 -9.46
CA LEU B 61 -31.64 -0.38 -8.20
C LEU B 61 -30.92 0.96 -8.12
N GLU B 62 -31.61 1.96 -7.60
CA GLU B 62 -31.11 3.33 -7.62
C GLU B 62 -29.98 3.57 -6.62
N GLN B 63 -30.16 3.10 -5.38
CA GLN B 63 -29.19 3.34 -4.32
C GLN B 63 -29.09 2.16 -3.36
N SER B 64 -27.87 1.88 -2.90
CA SER B 64 -27.63 0.85 -1.91
C SER B 64 -26.85 1.40 -0.71
N LEU B 65 -27.33 1.09 0.49
CA LEU B 65 -26.71 1.55 1.73
C LEU B 65 -26.67 0.42 2.75
N SER B 66 -25.71 0.50 3.68
CA SER B 66 -25.67 -0.40 4.83
C SER B 66 -26.73 0.02 5.85
N VAL B 67 -27.03 -0.88 6.78
CA VAL B 67 -28.02 -0.60 7.84
C VAL B 67 -27.69 0.70 8.57
N ARG B 68 -26.44 0.83 9.00
CA ARG B 68 -25.98 2.01 9.75
C ARG B 68 -25.93 3.28 8.90
N ALA B 69 -25.54 3.13 7.63
CA ALA B 69 -25.47 4.27 6.70
C ALA B 69 -26.85 4.83 6.39
N LEU B 70 -27.85 3.93 6.34
CA LEU B 70 -29.24 4.32 6.16
C LEU B 70 -29.80 4.97 7.42
N GLN B 71 -29.49 4.37 8.57
CA GLN B 71 -29.99 4.84 9.87
C GLN B 71 -29.50 6.23 10.23
N GLU B 72 -28.28 6.56 9.82
CA GLU B 72 -27.69 7.86 10.09
C GLU B 72 -28.28 8.96 9.20
N MET B 73 -28.41 8.66 7.90
CA MET B 73 -28.88 9.67 6.94
C MET B 73 -30.37 9.98 7.05
N LEU B 74 -31.15 9.02 7.54
CA LEU B 74 -32.57 9.23 7.82
C LEU B 74 -32.75 10.05 9.10
N ALA B 75 -31.79 9.91 10.03
CA ALA B 75 -31.78 10.66 11.27
C ALA B 75 -31.30 12.10 11.05
N ASN B 76 -30.55 12.32 9.97
CA ASN B 76 -30.07 13.65 9.60
C ASN B 76 -30.96 14.28 8.54
N THR B 77 -32.03 14.94 8.98
CA THR B 77 -33.00 15.58 8.09
C THR B 77 -33.25 17.04 8.46
N GLY B 89 -22.09 5.57 -8.41
CA GLY B 89 -22.10 5.17 -9.81
C GLY B 89 -22.73 3.81 -10.02
N HIS B 90 -21.88 2.78 -10.16
CA HIS B 90 -22.33 1.40 -10.31
C HIS B 90 -21.69 0.54 -9.23
N ARG B 91 -22.33 0.49 -8.08
CA ARG B 91 -21.79 -0.17 -6.89
C ARG B 91 -22.31 -1.60 -6.74
N THR B 92 -21.41 -2.53 -6.46
CA THR B 92 -21.74 -3.93 -6.23
C THR B 92 -22.61 -4.09 -4.98
N LEU B 93 -23.71 -4.82 -5.12
CA LEU B 93 -24.64 -5.05 -4.01
C LEU B 93 -24.15 -6.16 -3.08
N LEU B 94 -24.27 -5.91 -1.78
CA LEU B 94 -23.81 -6.84 -0.75
C LEU B 94 -24.97 -7.31 0.12
N TYR B 95 -24.91 -8.58 0.55
CA TYR B 95 -25.90 -9.11 1.47
C TYR B 95 -25.84 -8.38 2.81
N GLY B 96 -27.00 -7.99 3.33
CA GLY B 96 -27.10 -7.22 4.55
C GLY B 96 -27.47 -5.78 4.28
N HIS B 97 -26.94 -5.24 3.19
CA HIS B 97 -27.23 -3.87 2.75
C HIS B 97 -28.68 -3.70 2.31
N ALA B 98 -29.18 -2.46 2.41
CA ALA B 98 -30.53 -2.12 1.98
C ALA B 98 -30.51 -1.50 0.59
N ILE B 99 -31.48 -1.87 -0.24
CA ILE B 99 -31.59 -1.33 -1.59
C ILE B 99 -32.82 -0.46 -1.81
N LEU B 100 -32.79 0.34 -2.86
CA LEU B 100 -33.87 1.25 -3.21
C LEU B 100 -34.35 0.96 -4.62
N LEU B 101 -35.56 0.42 -4.74
CA LEU B 101 -36.12 0.00 -6.03
C LEU B 101 -37.06 1.03 -6.64
N ARG B 102 -36.61 1.66 -7.74
CA ARG B 102 -37.43 2.64 -8.44
C ARG B 102 -38.11 2.03 -9.67
N HIS B 103 -39.44 2.09 -9.67
CA HIS B 103 -40.25 1.66 -10.80
C HIS B 103 -39.97 2.59 -11.98
N ALA B 104 -39.28 2.05 -12.99
CA ALA B 104 -38.76 2.84 -14.12
C ALA B 104 -39.82 3.58 -14.92
N HIS B 105 -41.01 2.98 -15.04
CA HIS B 105 -42.10 3.56 -15.82
C HIS B 105 -42.78 4.72 -15.08
N SER B 106 -43.15 4.49 -13.82
CA SER B 106 -43.89 5.47 -13.03
C SER B 106 -42.98 6.48 -12.31
N ARG B 107 -41.68 6.19 -12.31
CA ARG B 107 -40.67 6.96 -11.56
C ARG B 107 -40.89 6.95 -10.04
N MET B 108 -41.81 6.08 -9.61
CA MET B 108 -42.15 5.92 -8.20
C MET B 108 -41.33 4.79 -7.55
N TYR B 109 -41.46 4.64 -6.24
CA TYR B 109 -40.63 3.72 -5.48
C TYR B 109 -41.43 2.61 -4.81
N LEU B 110 -40.87 1.40 -4.81
CA LEU B 110 -41.48 0.25 -4.13
C LEU B 110 -41.41 0.45 -2.62
N SER B 111 -42.57 0.41 -1.96
CA SER B 111 -42.64 0.67 -0.53
C SER B 111 -43.54 -0.32 0.20
N CYS B 112 -43.42 -0.31 1.53
CA CYS B 112 -44.29 -1.11 2.39
C CYS B 112 -45.34 -0.17 3.00
N LEU B 113 -46.54 -0.22 2.43
CA LEU B 113 -47.61 0.71 2.80
C LEU B 113 -48.18 0.42 4.19
N THR B 114 -48.85 1.41 4.78
CA THR B 114 -49.43 1.28 6.12
C THR B 114 -50.75 0.52 6.10
N THR B 115 -51.43 0.51 4.95
CA THR B 115 -52.72 -0.17 4.79
C THR B 115 -52.56 -1.69 4.85
N SER B 116 -53.36 -2.32 5.72
CA SER B 116 -53.28 -3.76 5.96
C SER B 116 -53.75 -4.57 4.75
N LEU B 123 -52.22 -10.17 9.16
CA LEU B 123 -50.91 -9.73 9.63
C LEU B 123 -50.02 -9.23 8.49
N ALA B 124 -50.43 -9.50 7.25
CA ALA B 124 -49.69 -9.06 6.07
C ALA B 124 -49.89 -7.56 5.80
N PHE B 125 -48.99 -6.98 5.01
CA PHE B 125 -49.04 -5.57 4.65
C PHE B 125 -49.06 -5.39 3.14
N ASP B 126 -49.80 -4.39 2.66
CA ASP B 126 -49.90 -4.10 1.23
C ASP B 126 -48.62 -3.49 0.69
N VAL B 127 -48.20 -3.98 -0.47
CA VAL B 127 -47.04 -3.44 -1.18
C VAL B 127 -47.54 -2.65 -2.37
N GLY B 128 -47.10 -1.39 -2.46
CA GLY B 128 -47.51 -0.52 -3.56
C GLY B 128 -46.44 0.48 -3.95
N LEU B 129 -46.75 1.33 -4.92
CA LEU B 129 -45.83 2.38 -5.36
C LEU B 129 -45.93 3.60 -4.46
N GLN B 130 -44.85 4.36 -4.41
CA GLN B 130 -44.76 5.53 -3.55
C GLN B 130 -44.11 6.71 -4.29
N GLU B 131 -44.83 7.82 -4.35
CA GLU B 131 -44.32 9.06 -4.94
C GLU B 131 -43.13 9.58 -4.13
N ASP B 132 -43.25 9.50 -2.82
CA ASP B 132 -42.24 10.00 -1.89
C ASP B 132 -41.07 9.04 -1.78
N ALA B 133 -39.85 9.58 -1.86
CA ALA B 133 -38.62 8.80 -1.76
C ALA B 133 -38.08 8.78 -0.32
N THR B 134 -38.72 9.53 0.57
CA THR B 134 -38.32 9.60 1.97
C THR B 134 -39.06 8.56 2.82
N GLY B 135 -38.46 8.21 3.96
CA GLY B 135 -39.04 7.24 4.87
C GLY B 135 -38.40 5.87 4.78
N GLU B 136 -38.65 5.03 5.78
CA GLU B 136 -38.08 3.69 5.84
C GLU B 136 -38.75 2.69 4.90
N ALA B 137 -39.95 3.05 4.43
CA ALA B 137 -40.77 2.16 3.59
C ALA B 137 -40.13 1.86 2.23
N CYS B 138 -39.36 2.81 1.72
CA CYS B 138 -38.72 2.68 0.40
C CYS B 138 -37.64 1.61 0.38
N TRP B 139 -36.98 1.41 1.52
CA TRP B 139 -35.78 0.56 1.58
C TRP B 139 -36.07 -0.88 1.94
N TRP B 140 -35.33 -1.80 1.33
CA TRP B 140 -35.49 -3.24 1.55
C TRP B 140 -34.10 -3.89 1.70
N THR B 141 -33.90 -4.61 2.80
CA THR B 141 -32.63 -5.30 3.02
C THR B 141 -32.61 -6.68 2.35
N MET B 142 -31.48 -7.02 1.76
CA MET B 142 -31.30 -8.29 1.06
C MET B 142 -30.67 -9.33 1.98
N HIS B 143 -31.24 -10.53 1.98
CA HIS B 143 -30.74 -11.63 2.81
C HIS B 143 -30.59 -12.93 2.03
N PRO B 144 -29.52 -13.71 2.30
CA PRO B 144 -29.28 -14.98 1.63
C PRO B 144 -30.39 -16.00 1.87
N ALA B 145 -30.82 -16.66 0.78
CA ALA B 145 -31.88 -17.67 0.84
C ALA B 145 -31.35 -19.00 1.35
N SER B 146 -30.05 -19.22 1.19
CA SER B 146 -29.40 -20.46 1.61
C SER B 146 -28.05 -20.16 2.22
N SER B 150 -23.79 -16.08 2.49
CA SER B 150 -23.36 -15.53 3.77
C SER B 150 -23.47 -14.01 3.81
N GLU B 151 -23.85 -13.49 4.99
CA GLU B 151 -24.09 -12.06 5.18
C GLU B 151 -22.81 -11.24 5.12
N GLY B 152 -22.68 -10.44 4.06
CA GLY B 152 -21.49 -9.62 3.85
C GLY B 152 -20.90 -9.81 2.46
N GLU B 153 -21.21 -10.95 1.85
CA GLU B 153 -20.74 -11.30 0.51
C GLU B 153 -21.45 -10.49 -0.57
N LYS B 154 -20.89 -10.51 -1.77
CA LYS B 154 -21.47 -9.84 -2.93
C LYS B 154 -22.67 -10.61 -3.44
N VAL B 155 -23.67 -9.89 -3.93
CA VAL B 155 -24.88 -10.51 -4.49
C VAL B 155 -24.67 -10.81 -5.97
N ARG B 156 -24.67 -12.11 -6.30
CA ARG B 156 -24.46 -12.56 -7.68
C ARG B 156 -25.71 -12.40 -8.54
N VAL B 157 -25.50 -12.28 -9.85
CA VAL B 157 -26.60 -12.29 -10.81
C VAL B 157 -27.21 -13.69 -10.85
N GLY B 158 -28.50 -13.78 -10.54
CA GLY B 158 -29.23 -15.04 -10.56
C GLY B 158 -29.43 -15.69 -9.20
N ASP B 159 -28.83 -15.11 -8.17
CA ASP B 159 -28.98 -15.60 -6.81
C ASP B 159 -30.41 -15.43 -6.30
N ASP B 160 -30.87 -16.42 -5.53
CA ASP B 160 -32.18 -16.35 -4.88
C ASP B 160 -32.04 -15.61 -3.56
N LEU B 161 -32.93 -14.64 -3.31
CA LEU B 161 -32.78 -13.74 -2.17
C LEU B 161 -34.05 -13.59 -1.33
N ILE B 162 -33.85 -13.15 -0.09
CA ILE B 162 -34.92 -12.75 0.81
C ILE B 162 -34.94 -11.22 0.85
N LEU B 163 -36.12 -10.62 0.71
CA LEU B 163 -36.30 -9.17 0.76
C LEU B 163 -37.08 -8.70 1.98
N VAL B 164 -36.38 -8.08 2.93
CA VAL B 164 -36.99 -7.63 4.19
C VAL B 164 -37.23 -6.12 4.20
N SER B 165 -38.46 -5.74 4.53
CA SER B 165 -38.82 -4.32 4.68
C SER B 165 -38.16 -3.71 5.91
N VAL B 166 -37.50 -2.57 5.71
CA VAL B 166 -36.83 -1.85 6.80
C VAL B 166 -37.83 -1.26 7.78
N SER B 167 -38.97 -0.79 7.25
CA SER B 167 -39.99 -0.12 8.05
C SER B 167 -40.84 -1.05 8.90
N SER B 168 -41.27 -2.18 8.31
CA SER B 168 -42.18 -3.10 8.99
C SER B 168 -41.53 -4.41 9.43
N GLU B 169 -40.28 -4.61 9.01
CA GLU B 169 -39.49 -5.82 9.32
C GLU B 169 -40.17 -7.10 8.83
N ARG B 170 -40.87 -7.00 7.70
CA ARG B 170 -41.60 -8.11 7.10
C ARG B 170 -41.03 -8.49 5.74
N TYR B 171 -41.10 -9.78 5.42
CA TYR B 171 -40.60 -10.31 4.15
C TYR B 171 -41.54 -9.98 3.00
N LEU B 172 -40.98 -9.67 1.84
CA LEU B 172 -41.75 -9.51 0.61
C LEU B 172 -42.32 -10.88 0.22
N HIS B 173 -43.63 -11.02 0.33
CA HIS B 173 -44.28 -12.34 0.32
C HIS B 173 -45.21 -12.59 -0.87
N LEU B 174 -45.13 -13.81 -1.40
CA LEU B 174 -46.05 -14.29 -2.42
C LEU B 174 -47.16 -15.12 -1.77
N SER B 175 -48.39 -14.64 -1.87
CA SER B 175 -49.54 -15.28 -1.24
C SER B 175 -50.48 -15.93 -2.25
N THR B 176 -51.22 -16.95 -1.78
CA THR B 176 -52.17 -17.68 -2.61
C THR B 176 -53.48 -17.90 -1.84
N ALA B 177 -54.61 -17.76 -2.54
CA ALA B 177 -55.92 -17.92 -1.93
C ALA B 177 -56.94 -18.58 -2.87
N GLU B 180 -55.42 -16.66 -7.41
CA GLU B 180 -55.35 -15.58 -6.42
C GLU B 180 -53.91 -15.25 -6.03
N LEU B 181 -53.04 -15.18 -7.03
CA LEU B 181 -51.61 -14.95 -6.81
C LEU B 181 -51.29 -13.48 -6.52
N GLN B 182 -51.32 -13.13 -5.24
CA GLN B 182 -51.07 -11.76 -4.79
C GLN B 182 -49.75 -11.62 -4.06
N VAL B 183 -49.16 -10.42 -4.12
CA VAL B 183 -47.90 -10.13 -3.44
C VAL B 183 -48.11 -9.12 -2.31
N ASP B 184 -47.71 -9.53 -1.10
CA ASP B 184 -47.81 -8.67 0.08
C ASP B 184 -46.52 -8.64 0.90
N ALA B 185 -46.61 -8.19 2.15
CA ALA B 185 -45.48 -8.17 3.07
C ALA B 185 -45.88 -8.79 4.40
N SER B 186 -45.51 -10.05 4.60
CA SER B 186 -45.84 -10.78 5.82
C SER B 186 -44.56 -11.32 6.47
N PHE B 187 -44.74 -12.16 7.49
CA PHE B 187 -43.61 -12.80 8.16
C PHE B 187 -43.28 -14.16 7.54
N MET B 188 -43.97 -14.52 6.47
CA MET B 188 -43.64 -15.70 5.68
C MET B 188 -42.78 -15.27 4.50
N GLN B 189 -41.61 -15.90 4.37
CA GLN B 189 -40.60 -15.50 3.37
C GLN B 189 -40.91 -16.02 1.97
N THR B 190 -40.25 -15.40 0.98
CA THR B 190 -40.33 -15.82 -0.42
C THR B 190 -38.98 -15.56 -1.10
N LEU B 191 -38.60 -16.46 -2.00
CA LEU B 191 -37.34 -16.32 -2.73
C LEU B 191 -37.54 -15.55 -4.03
N TRP B 192 -36.82 -14.45 -4.17
CA TRP B 192 -36.92 -13.60 -5.36
C TRP B 192 -35.60 -13.54 -6.13
N ASN B 193 -35.70 -13.57 -7.46
CA ASN B 193 -34.55 -13.32 -8.32
C ASN B 193 -34.64 -11.91 -8.87
N MET B 194 -33.52 -11.20 -8.86
CA MET B 194 -33.42 -9.90 -9.50
C MET B 194 -32.64 -10.07 -10.80
N ASN B 195 -33.39 -10.30 -11.88
CA ASN B 195 -32.79 -10.59 -13.18
C ASN B 195 -32.59 -9.32 -14.01
N PRO B 196 -31.35 -9.06 -14.46
CA PRO B 196 -31.06 -7.94 -15.36
C PRO B 196 -31.63 -8.17 -16.75
N GLN C 4 -19.09 -18.42 -16.08
CA GLN C 4 -18.31 -19.68 -15.89
C GLN C 4 -16.81 -19.43 -15.78
N PHE C 5 -16.14 -20.25 -14.98
CA PHE C 5 -14.70 -20.15 -14.78
C PHE C 5 -14.03 -21.48 -15.06
N LEU C 6 -12.81 -21.43 -15.59
CA LEU C 6 -12.06 -22.63 -15.92
C LEU C 6 -11.49 -23.30 -14.67
N ARG C 7 -11.85 -24.57 -14.48
CA ARG C 7 -11.36 -25.35 -13.36
C ARG C 7 -10.32 -26.36 -13.86
N THR C 8 -9.61 -27.00 -12.93
CA THR C 8 -8.69 -28.07 -13.28
C THR C 8 -9.47 -29.34 -13.67
N ASP C 9 -8.80 -30.27 -14.33
CA ASP C 9 -9.39 -31.50 -14.85
C ASP C 9 -10.50 -31.24 -15.90
N ASP C 10 -10.52 -30.01 -16.43
CA ASP C 10 -11.43 -29.65 -17.51
C ASP C 10 -10.81 -29.98 -18.86
N GLU C 11 -11.64 -30.46 -19.79
CA GLU C 11 -11.19 -30.76 -21.13
C GLU C 11 -11.40 -29.54 -22.02
N VAL C 12 -10.30 -29.02 -22.55
CA VAL C 12 -10.33 -27.75 -23.29
C VAL C 12 -9.71 -27.85 -24.68
N VAL C 13 -10.17 -26.98 -25.57
CA VAL C 13 -9.52 -26.78 -26.87
C VAL C 13 -8.88 -25.39 -26.90
N LEU C 14 -7.57 -25.37 -27.16
CA LEU C 14 -6.84 -24.11 -27.27
C LEU C 14 -6.98 -23.53 -28.67
N GLN C 15 -7.66 -22.38 -28.76
CA GLN C 15 -7.94 -21.75 -30.05
C GLN C 15 -7.38 -20.32 -30.13
N CYS C 16 -6.98 -19.92 -31.34
CA CYS C 16 -6.47 -18.58 -31.59
C CYS C 16 -7.01 -17.98 -32.89
N SER C 17 -6.98 -16.65 -32.98
CA SER C 17 -7.45 -15.94 -34.17
C SER C 17 -6.26 -15.50 -35.05
N ALA C 18 -6.29 -15.92 -36.31
CA ALA C 18 -5.19 -15.68 -37.23
C ALA C 18 -5.60 -14.84 -38.43
N THR C 19 -4.68 -13.98 -38.89
CA THR C 19 -4.88 -13.22 -40.12
C THR C 19 -4.01 -13.82 -41.22
N VAL C 20 -4.65 -14.58 -42.11
CA VAL C 20 -3.94 -15.25 -43.20
C VAL C 20 -4.57 -14.94 -44.55
N LYS C 22 -6.07 -13.36 -46.88
CA LYS C 22 -7.06 -12.30 -47.00
C LYS C 22 -8.11 -12.32 -45.88
N GLU C 23 -8.29 -13.48 -45.26
CA GLU C 23 -9.37 -13.69 -44.31
C GLU C 23 -8.88 -14.04 -42.90
N GLN C 24 -9.73 -13.77 -41.92
CA GLN C 24 -9.48 -14.17 -40.53
C GLN C 24 -9.88 -15.63 -40.33
N LEU C 25 -9.04 -16.38 -39.61
CA LEU C 25 -9.25 -17.80 -39.40
C LEU C 25 -9.37 -18.14 -37.92
N LYS C 26 -10.07 -19.25 -37.65
CA LYS C 26 -10.11 -19.81 -36.31
C LYS C 26 -9.37 -21.14 -36.30
N LEU C 27 -8.16 -21.11 -35.74
CA LEU C 27 -7.31 -22.30 -35.62
C LEU C 27 -7.34 -22.81 -34.19
N CYS C 28 -7.06 -24.11 -34.02
CA CYS C 28 -6.95 -24.70 -32.68
C CYS C 28 -5.83 -25.74 -32.60
N LEU C 29 -5.14 -25.76 -31.45
CA LEU C 29 -3.97 -26.61 -31.24
C LEU C 29 -4.29 -28.11 -31.29
N ALA C 30 -3.62 -28.81 -32.20
CA ALA C 30 -3.80 -30.24 -32.39
C ALA C 30 -2.45 -30.94 -32.44
N ALA C 31 -2.39 -32.16 -31.90
CA ALA C 31 -1.15 -32.92 -31.83
C ALA C 31 -1.41 -34.42 -31.95
N GLU C 32 -0.36 -35.17 -32.26
CA GLU C 32 -0.43 -36.63 -32.40
C GLU C 32 0.74 -37.31 -31.70
N GLY C 33 0.46 -38.47 -31.11
CA GLY C 33 1.47 -39.23 -30.36
C GLY C 33 2.45 -40.02 -31.22
N PHE C 34 2.13 -40.16 -32.50
CA PHE C 34 2.98 -40.89 -33.44
C PHE C 34 4.23 -40.10 -33.81
N LEU C 38 4.90 -33.56 -32.49
CA LEU C 38 4.83 -32.31 -33.23
C LEU C 38 3.40 -31.78 -33.29
N CYS C 39 3.22 -30.50 -32.97
CA CYS C 39 1.91 -29.88 -32.91
C CYS C 39 1.59 -29.05 -34.15
N PHE C 40 0.38 -29.21 -34.66
CA PHE C 40 -0.12 -28.44 -35.80
C PHE C 40 -1.41 -27.71 -35.43
N LEU C 41 -1.78 -26.73 -36.24
CA LEU C 41 -3.02 -25.98 -36.04
C LEU C 41 -4.03 -26.25 -37.14
N GLU C 42 -5.24 -26.67 -36.73
CA GLU C 42 -6.29 -27.03 -37.67
C GLU C 42 -7.33 -25.92 -37.79
N PRO C 43 -7.60 -25.48 -39.04
CA PRO C 43 -8.66 -24.49 -39.29
C PRO C 43 -10.05 -25.10 -39.09
N THR C 44 -10.88 -24.44 -38.29
CA THR C 44 -12.22 -24.93 -37.98
C THR C 44 -13.17 -24.72 -39.16
N SER C 45 -14.15 -25.62 -39.28
CA SER C 45 -15.13 -25.56 -40.37
C SER C 45 -16.13 -24.43 -40.14
N PRO C 52 -13.26 -30.49 -36.76
CA PRO C 52 -12.76 -31.76 -37.25
C PRO C 52 -11.65 -32.32 -36.35
N ASP C 53 -11.67 -33.64 -36.14
CA ASP C 53 -10.70 -34.32 -35.27
C ASP C 53 -10.63 -33.67 -33.88
N LEU C 54 -11.71 -33.82 -33.12
CA LEU C 54 -11.80 -33.21 -31.78
C LEU C 54 -10.96 -33.95 -30.75
N ALA C 55 -10.73 -35.24 -30.99
CA ALA C 55 -9.95 -36.08 -30.07
C ALA C 55 -8.48 -35.65 -30.00
N ILE C 56 -7.91 -35.35 -31.16
CA ILE C 56 -6.52 -34.91 -31.25
C ILE C 56 -6.33 -33.45 -30.81
N CYS C 57 -7.44 -32.75 -30.61
CA CYS C 57 -7.45 -31.35 -30.18
C CYS C 57 -7.67 -31.17 -28.68
N CYS C 58 -8.08 -32.24 -27.99
CA CYS C 58 -8.48 -32.16 -26.59
C CYS C 58 -7.28 -32.11 -25.63
N PHE C 59 -7.33 -31.17 -24.69
CA PHE C 59 -6.32 -31.05 -23.64
C PHE C 59 -6.99 -30.99 -22.27
N THR C 60 -6.41 -31.71 -21.30
CA THR C 60 -6.89 -31.63 -19.92
C THR C 60 -5.99 -30.71 -19.11
N LEU C 61 -6.62 -29.84 -18.32
CA LEU C 61 -5.90 -29.00 -17.36
C LEU C 61 -5.61 -29.84 -16.11
N GLU C 62 -4.49 -30.55 -16.12
CA GLU C 62 -4.17 -31.51 -15.07
C GLU C 62 -3.90 -30.85 -13.72
N GLN C 63 -3.00 -29.87 -13.70
CA GLN C 63 -2.65 -29.17 -12.46
C GLN C 63 -2.51 -27.68 -12.67
N SER C 64 -2.75 -26.92 -11.60
CA SER C 64 -2.54 -25.47 -11.59
C SER C 64 -1.88 -25.03 -10.29
N LEU C 65 -0.65 -24.53 -10.40
CA LEU C 65 0.12 -24.08 -9.25
C LEU C 65 0.57 -22.63 -9.43
N SER C 66 0.78 -21.94 -8.31
CA SER C 66 1.37 -20.61 -8.33
C SER C 66 2.86 -20.69 -8.61
N VAL C 67 3.47 -19.56 -9.00
CA VAL C 67 4.88 -19.51 -9.38
C VAL C 67 5.80 -20.00 -8.25
N ARG C 68 5.56 -19.53 -7.03
CA ARG C 68 6.36 -19.91 -5.87
C ARG C 68 6.13 -21.36 -5.46
N ALA C 69 4.89 -21.83 -5.60
CA ALA C 69 4.53 -23.21 -5.28
C ALA C 69 5.19 -24.20 -6.24
N LEU C 70 5.23 -23.84 -7.53
CA LEU C 70 5.90 -24.65 -8.54
C LEU C 70 7.42 -24.67 -8.35
N GLN C 71 7.97 -23.52 -7.95
CA GLN C 71 9.40 -23.37 -7.76
C GLN C 71 9.90 -24.17 -6.55
N GLU C 72 9.03 -24.36 -5.56
CA GLU C 72 9.36 -25.13 -4.37
C GLU C 72 9.13 -26.63 -4.58
N MET C 73 8.09 -26.96 -5.36
CA MET C 73 7.76 -28.37 -5.66
C MET C 73 8.83 -29.07 -6.48
N LEU C 74 9.46 -28.34 -7.40
CA LEU C 74 10.51 -28.87 -8.26
C LEU C 74 11.79 -29.21 -7.51
N ALA C 75 12.06 -28.45 -6.45
CA ALA C 75 13.25 -28.66 -5.62
C ALA C 75 13.10 -29.87 -4.69
N ASN C 76 11.88 -30.05 -4.15
CA ASN C 76 11.59 -31.15 -3.24
C ASN C 76 11.19 -32.43 -3.97
N GLY C 89 -8.12 -31.56 -6.49
CA GLY C 89 -9.51 -31.12 -6.58
C GLY C 89 -9.80 -30.35 -7.85
N HIS C 90 -11.03 -29.87 -7.98
CA HIS C 90 -11.45 -29.08 -9.13
C HIS C 90 -11.14 -27.60 -8.88
N ARG C 91 -9.85 -27.29 -8.79
CA ARG C 91 -9.39 -25.94 -8.46
C ARG C 91 -9.58 -24.98 -9.63
N THR C 92 -10.05 -23.77 -9.32
CA THR C 92 -10.29 -22.74 -10.31
C THR C 92 -8.97 -22.08 -10.74
N LEU C 93 -8.86 -21.82 -12.04
CA LEU C 93 -7.67 -21.20 -12.62
C LEU C 93 -7.62 -19.71 -12.35
N LEU C 94 -6.47 -19.24 -11.89
CA LEU C 94 -6.25 -17.82 -11.58
C LEU C 94 -5.09 -17.29 -12.41
N TYR C 95 -5.22 -16.05 -12.88
CA TYR C 95 -4.15 -15.40 -13.64
C TYR C 95 -2.89 -15.25 -12.79
N GLY C 96 -1.76 -15.66 -13.36
CA GLY C 96 -0.49 -15.65 -12.65
C GLY C 96 0.01 -17.05 -12.32
N HIS C 97 -0.93 -18.00 -12.26
CA HIS C 97 -0.62 -19.39 -11.97
C HIS C 97 -0.10 -20.13 -13.20
N ALA C 98 0.73 -21.14 -12.96
CA ALA C 98 1.25 -22.01 -14.01
C ALA C 98 0.36 -23.24 -14.16
N ILE C 99 0.13 -23.65 -15.40
CA ILE C 99 -0.73 -24.81 -15.68
C ILE C 99 -0.02 -25.93 -16.45
N LEU C 100 -0.53 -27.15 -16.29
CA LEU C 100 -0.04 -28.33 -16.97
C LEU C 100 -1.08 -28.79 -17.99
N LEU C 101 -0.68 -28.85 -19.26
CA LEU C 101 -1.59 -29.21 -20.34
C LEU C 101 -1.31 -30.61 -20.87
N ARG C 102 -2.22 -31.53 -20.61
CA ARG C 102 -2.06 -32.91 -21.05
C ARG C 102 -2.96 -33.21 -22.26
N HIS C 103 -2.32 -33.58 -23.37
CA HIS C 103 -3.01 -34.05 -24.57
C HIS C 103 -3.80 -35.29 -24.22
N ALA C 104 -5.10 -35.27 -24.48
CA ALA C 104 -6.00 -36.35 -24.06
C ALA C 104 -5.78 -37.66 -24.83
N HIS C 105 -5.55 -37.55 -26.13
CA HIS C 105 -5.42 -38.71 -27.01
C HIS C 105 -4.09 -39.46 -26.79
N SER C 106 -3.00 -38.71 -26.70
CA SER C 106 -1.66 -39.28 -26.60
C SER C 106 -1.16 -39.40 -25.15
N ARG C 107 -1.89 -38.78 -24.23
CA ARG C 107 -1.54 -38.75 -22.79
C ARG C 107 -0.23 -38.03 -22.49
N MET C 108 0.37 -37.42 -23.52
CA MET C 108 1.61 -36.67 -23.37
C MET C 108 1.36 -35.21 -23.01
N TYR C 109 2.39 -34.55 -22.50
CA TYR C 109 2.28 -33.18 -22.00
C TYR C 109 2.85 -32.17 -22.98
N LEU C 110 2.11 -31.09 -23.20
CA LEU C 110 2.55 -29.98 -24.04
C LEU C 110 3.70 -29.25 -23.38
N SER C 111 4.84 -29.17 -24.07
CA SER C 111 6.03 -28.55 -23.51
C SER C 111 6.80 -27.70 -24.51
N CYS C 112 7.69 -26.86 -23.98
CA CYS C 112 8.58 -26.03 -24.77
C CYS C 112 9.96 -26.68 -24.87
N LEU C 113 10.27 -27.21 -26.04
CA LEU C 113 11.51 -27.97 -26.27
C LEU C 113 12.75 -27.08 -26.43
N THR C 114 13.92 -27.69 -26.30
CA THR C 114 15.20 -26.97 -26.40
C THR C 114 15.60 -26.67 -27.84
N THR C 115 15.00 -27.35 -28.80
CA THR C 115 15.30 -27.18 -30.22
C THR C 115 14.73 -25.88 -30.78
N SER C 116 15.58 -25.13 -31.48
CA SER C 116 15.20 -23.84 -32.05
C SER C 116 14.38 -23.97 -33.34
N ARG C 117 13.93 -22.83 -33.86
CA ARG C 117 13.15 -22.79 -35.09
C ARG C 117 13.69 -21.74 -36.07
N LEU C 123 15.70 -16.57 -32.06
CA LEU C 123 15.46 -16.77 -30.63
C LEU C 123 14.05 -17.33 -30.36
N ALA C 124 13.71 -18.40 -31.09
CA ALA C 124 12.42 -19.06 -30.94
C ALA C 124 12.57 -20.57 -30.79
N PHE C 125 11.87 -21.14 -29.80
CA PHE C 125 11.94 -22.57 -29.53
C PHE C 125 10.72 -23.34 -30.07
N ASP C 126 10.91 -24.64 -30.30
CA ASP C 126 9.84 -25.51 -30.77
C ASP C 126 8.94 -25.92 -29.61
N VAL C 127 7.67 -26.19 -29.93
CA VAL C 127 6.68 -26.62 -28.95
C VAL C 127 6.05 -27.95 -29.39
N GLY C 128 6.25 -28.99 -28.60
CA GLY C 128 5.73 -30.31 -28.91
C GLY C 128 5.27 -31.11 -27.70
N LEU C 129 4.92 -32.37 -27.92
CA LEU C 129 4.47 -33.26 -26.85
C LEU C 129 5.65 -33.88 -26.12
N GLN C 130 5.42 -34.29 -24.88
CA GLN C 130 6.46 -34.85 -24.02
C GLN C 130 5.83 -35.86 -23.06
N GLU C 131 6.29 -37.10 -23.13
CA GLU C 131 5.82 -38.17 -22.23
C GLU C 131 6.19 -37.85 -20.78
N ASP C 132 7.41 -37.37 -20.59
CA ASP C 132 7.91 -36.95 -19.28
C ASP C 132 7.19 -35.67 -18.83
N ALA C 133 6.98 -35.53 -17.52
CA ALA C 133 6.25 -34.39 -16.97
C ALA C 133 7.09 -33.52 -16.04
N THR C 134 8.34 -33.95 -15.81
CA THR C 134 9.25 -33.23 -14.92
C THR C 134 9.91 -32.03 -15.62
N GLY C 135 10.20 -30.99 -14.83
CA GLY C 135 10.84 -29.79 -15.35
C GLY C 135 9.88 -28.65 -15.59
N GLU C 136 10.42 -27.45 -15.72
CA GLU C 136 9.64 -26.23 -15.96
C GLU C 136 8.99 -26.22 -17.35
N ALA C 137 9.65 -26.86 -18.31
CA ALA C 137 9.26 -26.84 -19.72
C ALA C 137 7.80 -27.18 -20.00
N CYS C 138 7.19 -27.99 -19.14
CA CYS C 138 5.80 -28.40 -19.30
C CYS C 138 4.79 -27.43 -18.66
N TRP C 139 5.29 -26.43 -17.95
CA TRP C 139 4.44 -25.49 -17.23
C TRP C 139 4.30 -24.15 -17.94
N TRP C 140 3.08 -23.62 -17.95
CA TRP C 140 2.73 -22.41 -18.67
C TRP C 140 1.92 -21.47 -17.78
N THR C 141 2.35 -20.21 -17.68
CA THR C 141 1.64 -19.23 -16.84
C THR C 141 0.61 -18.44 -17.65
N MET C 142 -0.52 -18.15 -17.00
CA MET C 142 -1.65 -17.47 -17.65
C MET C 142 -1.67 -15.98 -17.32
N HIS C 143 -1.72 -15.15 -18.36
CA HIS C 143 -1.75 -13.70 -18.21
C HIS C 143 -2.89 -13.10 -19.05
N PRO C 144 -3.56 -12.06 -18.51
CA PRO C 144 -4.72 -11.50 -19.19
C PRO C 144 -4.40 -10.36 -20.16
N ALA C 145 -5.34 -10.09 -21.07
CA ALA C 145 -5.25 -8.94 -21.97
C ALA C 145 -5.52 -7.63 -21.23
N SER C 146 -6.46 -7.69 -20.27
CA SER C 146 -6.84 -6.56 -19.41
C SER C 146 -7.27 -5.33 -20.21
N GLU C 151 -4.43 -9.40 -11.85
CA GLU C 151 -3.71 -10.64 -11.60
C GLU C 151 -4.18 -11.29 -10.30
N GLY C 152 -4.38 -12.60 -10.35
CA GLY C 152 -4.91 -13.35 -9.21
C GLY C 152 -6.41 -13.55 -9.31
N GLU C 153 -7.02 -12.90 -10.29
CA GLU C 153 -8.45 -13.06 -10.59
C GLU C 153 -8.69 -14.37 -11.35
N LYS C 154 -9.93 -14.84 -11.30
CA LYS C 154 -10.32 -16.11 -11.91
C LYS C 154 -10.40 -16.02 -13.43
N VAL C 155 -9.91 -17.06 -14.10
CA VAL C 155 -9.93 -17.15 -15.56
C VAL C 155 -11.31 -17.62 -16.03
N ARG C 156 -11.97 -16.79 -16.82
CA ARG C 156 -13.31 -17.09 -17.33
C ARG C 156 -13.28 -17.89 -18.62
N VAL C 157 -14.39 -18.57 -18.91
CA VAL C 157 -14.59 -19.24 -20.20
C VAL C 157 -14.82 -18.19 -21.27
N GLY C 158 -14.00 -18.25 -22.33
CA GLY C 158 -14.09 -17.28 -23.42
C GLY C 158 -13.05 -16.18 -23.37
N ASP C 159 -12.38 -16.04 -22.22
CA ASP C 159 -11.35 -15.02 -22.03
C ASP C 159 -10.13 -15.25 -22.90
N ASP C 160 -9.62 -14.18 -23.50
CA ASP C 160 -8.36 -14.21 -24.24
C ASP C 160 -7.20 -14.19 -23.26
N LEU C 161 -6.26 -15.13 -23.43
CA LEU C 161 -5.14 -15.27 -22.51
C LEU C 161 -3.80 -15.14 -23.19
N ILE C 162 -2.77 -14.94 -22.37
CA ILE C 162 -1.37 -14.97 -22.78
C ILE C 162 -0.72 -16.13 -22.02
N LEU C 163 -0.11 -17.06 -22.76
CA LEU C 163 0.56 -18.21 -22.17
C LEU C 163 2.08 -18.09 -22.27
N VAL C 164 2.74 -17.99 -21.12
CA VAL C 164 4.19 -17.83 -21.04
C VAL C 164 4.80 -19.11 -20.48
N SER C 165 5.80 -19.65 -21.18
CA SER C 165 6.53 -20.82 -20.70
C SER C 165 7.40 -20.46 -19.50
N VAL C 166 7.42 -21.35 -18.50
CA VAL C 166 8.17 -21.10 -17.26
C VAL C 166 9.69 -21.18 -17.45
N SER C 167 10.12 -22.12 -18.29
CA SER C 167 11.55 -22.34 -18.55
C SER C 167 12.17 -21.27 -19.44
N SER C 168 11.48 -20.89 -20.51
CA SER C 168 12.05 -20.01 -21.54
C SER C 168 11.63 -18.55 -21.46
N GLU C 169 10.51 -18.28 -20.77
CA GLU C 169 9.90 -16.94 -20.69
C GLU C 169 9.23 -16.50 -21.99
N ARG C 170 9.17 -17.41 -22.96
CA ARG C 170 8.61 -17.11 -24.29
C ARG C 170 7.12 -17.47 -24.37
N TYR C 171 6.38 -16.64 -25.10
CA TYR C 171 4.94 -16.81 -25.26
C TYR C 171 4.60 -17.97 -26.19
N LEU C 172 3.44 -18.60 -25.98
CA LEU C 172 2.92 -19.58 -26.93
C LEU C 172 2.46 -18.82 -28.17
N HIS C 173 3.15 -19.05 -29.27
CA HIS C 173 3.01 -18.22 -30.46
C HIS C 173 2.58 -18.99 -31.72
N LEU C 174 1.74 -18.34 -32.52
CA LEU C 174 1.34 -18.85 -33.83
C LEU C 174 2.29 -18.36 -34.92
N SER C 175 3.01 -19.30 -35.54
CA SER C 175 3.88 -18.98 -36.67
C SER C 175 3.26 -19.44 -37.98
N THR C 176 3.41 -18.61 -39.02
CA THR C 176 2.81 -18.88 -40.32
C THR C 176 3.85 -19.06 -41.43
N ALA C 177 5.11 -19.22 -41.04
CA ALA C 177 6.22 -19.36 -42.00
C ALA C 177 6.13 -20.62 -42.87
N SER C 178 6.81 -20.58 -44.02
CA SER C 178 6.83 -21.66 -45.01
C SER C 178 5.43 -22.05 -45.50
N GLY C 179 4.42 -21.25 -45.15
CA GLY C 179 3.03 -21.55 -45.44
C GLY C 179 2.40 -22.47 -44.41
N GLU C 180 3.24 -23.04 -43.55
CA GLU C 180 2.80 -23.96 -42.51
C GLU C 180 2.22 -23.22 -41.30
N LEU C 181 1.04 -23.68 -40.86
CA LEU C 181 0.40 -23.12 -39.67
C LEU C 181 0.80 -23.93 -38.44
N GLN C 182 1.91 -23.53 -37.82
CA GLN C 182 2.48 -24.27 -36.69
C GLN C 182 2.58 -23.39 -35.44
N VAL C 183 2.81 -24.04 -34.30
CA VAL C 183 2.94 -23.36 -33.02
C VAL C 183 4.40 -23.37 -32.56
N ASP C 184 4.84 -22.26 -31.96
CA ASP C 184 6.19 -22.16 -31.42
C ASP C 184 6.25 -21.28 -30.17
N ALA C 185 7.45 -21.11 -29.63
CA ALA C 185 7.66 -20.24 -28.47
C ALA C 185 8.58 -19.10 -28.85
N SER C 186 8.04 -17.88 -28.84
CA SER C 186 8.82 -16.67 -29.15
C SER C 186 8.39 -15.50 -28.27
N PHE C 187 9.04 -14.35 -28.46
CA PHE C 187 8.72 -13.15 -27.70
C PHE C 187 7.62 -12.30 -28.37
N MET C 188 7.08 -12.81 -29.47
CA MET C 188 5.87 -12.24 -30.08
C MET C 188 4.66 -13.02 -29.55
N GLN C 189 3.73 -12.30 -28.94
CA GLN C 189 2.61 -12.93 -28.25
C GLN C 189 1.48 -13.37 -29.18
N THR C 190 0.66 -14.30 -28.69
CA THR C 190 -0.56 -14.73 -29.37
C THR C 190 -1.65 -14.96 -28.32
N LEU C 191 -2.81 -14.36 -28.56
CA LEU C 191 -3.98 -14.53 -27.69
C LEU C 191 -4.55 -15.92 -27.88
N TRP C 192 -4.84 -16.59 -26.77
CA TRP C 192 -5.43 -17.93 -26.81
C TRP C 192 -6.77 -17.99 -26.09
N ASN C 193 -7.69 -18.76 -26.65
CA ASN C 193 -8.97 -19.05 -26.02
C ASN C 193 -8.99 -20.49 -25.53
N MET C 194 -9.54 -20.70 -24.33
CA MET C 194 -9.69 -22.05 -23.79
C MET C 194 -11.15 -22.32 -23.52
N ASN C 195 -11.71 -23.32 -24.22
CA ASN C 195 -13.13 -23.60 -24.17
C ASN C 195 -13.46 -25.06 -23.81
N PRO C 196 -14.30 -25.25 -22.77
CA PRO C 196 -14.70 -26.60 -22.38
C PRO C 196 -15.91 -27.08 -23.17
N GLN D 4 10.82 5.57 -26.89
CA GLN D 4 11.96 4.77 -27.39
C GLN D 4 12.36 3.68 -26.38
N PHE D 5 12.37 2.44 -26.84
CA PHE D 5 12.67 1.30 -25.98
C PHE D 5 13.76 0.41 -26.57
N LEU D 6 14.61 -0.12 -25.70
CA LEU D 6 15.67 -1.03 -26.12
C LEU D 6 15.12 -2.44 -26.35
N ARG D 7 15.51 -3.04 -27.47
CA ARG D 7 15.10 -4.39 -27.82
C ARG D 7 16.31 -5.25 -28.15
N THR D 8 16.09 -6.55 -28.31
CA THR D 8 17.16 -7.47 -28.69
C THR D 8 17.61 -7.23 -30.14
N ASP D 9 18.83 -7.65 -30.46
CA ASP D 9 19.46 -7.43 -31.77
C ASP D 9 19.74 -5.95 -32.12
N ASP D 10 19.71 -5.10 -31.10
CA ASP D 10 20.01 -3.68 -31.28
C ASP D 10 21.51 -3.41 -31.22
N GLU D 11 22.03 -2.78 -32.27
CA GLU D 11 23.43 -2.37 -32.33
C GLU D 11 23.59 -1.08 -31.53
N VAL D 12 24.08 -1.20 -30.30
CA VAL D 12 24.19 -0.04 -29.41
C VAL D 12 25.62 0.23 -28.94
N VAL D 13 25.86 1.46 -28.49
CA VAL D 13 27.12 1.82 -27.86
C VAL D 13 26.89 2.24 -26.40
N LEU D 14 27.67 1.67 -25.49
CA LEU D 14 27.61 2.04 -24.07
C LEU D 14 28.49 3.26 -23.82
N GLN D 15 27.89 4.31 -23.27
CA GLN D 15 28.60 5.55 -22.99
C GLN D 15 28.25 6.13 -21.62
N CYS D 16 29.23 6.72 -20.95
CA CYS D 16 29.03 7.33 -19.64
C CYS D 16 29.60 8.75 -19.55
N SER D 17 28.99 9.58 -18.71
CA SER D 17 29.44 10.95 -18.48
C SER D 17 30.55 11.00 -17.43
N ALA D 18 31.63 11.72 -17.75
CA ALA D 18 32.79 11.81 -16.87
C ALA D 18 33.41 13.20 -16.89
N THR D 19 33.83 13.67 -15.72
CA THR D 19 34.53 14.95 -15.60
C THR D 19 36.04 14.72 -15.42
N VAL D 20 36.81 15.22 -16.39
CA VAL D 20 38.27 15.07 -16.38
C VAL D 20 38.95 16.33 -16.91
N LYS D 22 39.08 21.04 -15.62
CA LYS D 22 38.26 19.85 -15.73
C LYS D 22 37.07 20.08 -16.65
N GLU D 23 36.86 19.15 -17.58
CA GLU D 23 35.78 19.25 -18.57
C GLU D 23 34.97 17.97 -18.65
N GLN D 24 33.68 18.11 -18.95
CA GLN D 24 32.77 16.97 -19.04
C GLN D 24 32.93 16.23 -20.36
N LEU D 25 33.49 15.02 -20.29
CA LEU D 25 33.70 14.18 -21.46
C LEU D 25 32.73 12.99 -21.46
N LYS D 26 32.18 12.68 -22.62
CA LYS D 26 31.30 11.53 -22.79
C LYS D 26 32.08 10.35 -23.38
N LEU D 27 32.60 9.50 -22.49
CA LEU D 27 33.41 8.35 -22.87
C LEU D 27 32.54 7.15 -23.22
N CYS D 28 32.90 6.44 -24.28
CA CYS D 28 32.17 5.24 -24.70
C CYS D 28 33.04 4.00 -24.72
N LEU D 29 32.45 2.87 -24.31
CA LEU D 29 33.12 1.58 -24.18
C LEU D 29 33.67 1.06 -25.51
N ALA D 30 34.92 0.62 -25.49
CA ALA D 30 35.61 0.12 -26.69
C ALA D 30 36.53 -1.05 -26.37
N ALA D 31 36.73 -1.93 -27.36
CA ALA D 31 37.60 -3.10 -27.21
C ALA D 31 38.11 -3.59 -28.56
N GLU D 32 39.33 -4.14 -28.56
CA GLU D 32 39.91 -4.76 -29.75
C GLU D 32 39.74 -6.28 -29.70
N GLY D 33 39.66 -6.90 -30.87
CA GLY D 33 39.44 -8.35 -31.00
C GLY D 33 40.57 -9.22 -30.49
N PHE D 34 41.80 -8.76 -30.69
CA PHE D 34 42.99 -9.50 -30.26
C PHE D 34 43.82 -8.70 -29.26
N ARG D 37 40.57 -9.28 -24.95
CA ARG D 37 41.38 -8.10 -24.67
C ARG D 37 40.71 -7.17 -23.66
N LEU D 38 41.54 -6.38 -22.97
CA LEU D 38 41.07 -5.44 -21.95
C LEU D 38 40.29 -4.29 -22.58
N CYS D 39 39.15 -3.96 -21.99
CA CYS D 39 38.31 -2.87 -22.49
C CYS D 39 38.85 -1.51 -22.09
N PHE D 40 38.54 -0.50 -22.92
CA PHE D 40 38.96 0.88 -22.69
C PHE D 40 37.86 1.85 -23.10
N LEU D 41 38.08 3.14 -22.83
CA LEU D 41 37.08 4.18 -23.12
C LEU D 41 37.56 5.18 -24.16
N GLU D 42 36.68 5.54 -25.07
CA GLU D 42 37.00 6.48 -26.15
C GLU D 42 36.21 7.77 -26.01
N PRO D 43 36.89 8.93 -26.03
CA PRO D 43 36.24 10.23 -25.88
C PRO D 43 35.56 10.70 -27.16
N THR D 44 34.53 11.54 -27.00
CA THR D 44 33.79 12.08 -28.13
C THR D 44 34.20 13.51 -28.43
N PRO D 51 33.05 9.66 -31.04
CA PRO D 51 33.32 8.27 -31.36
C PRO D 51 34.18 8.14 -32.62
N PRO D 52 35.52 8.15 -32.47
CA PRO D 52 36.45 8.16 -33.60
C PRO D 52 36.49 6.83 -34.35
N ASP D 53 36.09 5.75 -33.69
CA ASP D 53 36.12 4.41 -34.27
C ASP D 53 34.94 3.56 -33.79
N LEU D 54 33.92 3.46 -34.66
CA LEU D 54 32.65 2.82 -34.30
C LEU D 54 32.71 1.29 -34.26
N ALA D 55 33.60 0.70 -35.05
CA ALA D 55 33.74 -0.76 -35.13
C ALA D 55 34.12 -1.40 -33.79
N ILE D 56 35.05 -0.76 -33.07
CA ILE D 56 35.50 -1.26 -31.77
C ILE D 56 34.53 -0.93 -30.64
N CYS D 57 33.55 -0.05 -30.91
CA CYS D 57 32.64 0.46 -29.89
C CYS D 57 31.26 -0.20 -29.86
N CYS D 58 30.86 -0.83 -30.96
CA CYS D 58 29.51 -1.37 -31.06
C CYS D 58 29.28 -2.69 -30.34
N PHE D 59 28.16 -2.77 -29.63
CA PHE D 59 27.73 -3.99 -28.95
C PHE D 59 26.30 -4.34 -29.33
N THR D 60 26.07 -5.60 -29.69
CA THR D 60 24.74 -6.10 -29.99
C THR D 60 24.13 -6.80 -28.77
N LEU D 61 22.86 -6.51 -28.51
CA LEU D 61 22.11 -7.17 -27.45
C LEU D 61 21.59 -8.52 -27.97
N GLU D 62 22.24 -9.60 -27.55
CA GLU D 62 21.88 -10.93 -28.03
C GLU D 62 20.65 -11.48 -27.32
N GLN D 63 20.63 -11.37 -25.99
CA GLN D 63 19.55 -11.91 -25.17
C GLN D 63 19.28 -11.02 -23.96
N SER D 64 18.04 -11.09 -23.46
CA SER D 64 17.63 -10.35 -22.27
C SER D 64 16.68 -11.20 -21.42
N LEU D 65 17.24 -11.94 -20.48
CA LEU D 65 16.48 -12.85 -19.63
C LEU D 65 16.51 -12.43 -18.17
N SER D 66 15.53 -12.89 -17.39
CA SER D 66 15.54 -12.69 -15.95
C SER D 66 16.54 -13.66 -15.30
N VAL D 67 16.90 -13.38 -14.06
CA VAL D 67 17.91 -14.16 -13.32
C VAL D 67 17.50 -15.63 -13.17
N ARG D 68 16.22 -15.87 -12.86
CA ARG D 68 15.68 -17.22 -12.76
C ARG D 68 15.69 -17.95 -14.10
N ALA D 69 15.37 -17.21 -15.17
CA ALA D 69 15.34 -17.75 -16.53
C ALA D 69 16.74 -18.06 -17.04
N LEU D 70 17.72 -17.26 -16.62
CA LEU D 70 19.11 -17.44 -16.99
C LEU D 70 19.72 -18.71 -16.39
N GLN D 71 19.46 -18.94 -15.11
CA GLN D 71 20.02 -20.09 -14.37
C GLN D 71 19.60 -21.42 -14.98
N GLU D 72 18.33 -21.53 -15.36
CA GLU D 72 17.79 -22.75 -15.96
C GLU D 72 18.38 -23.00 -17.35
N MET D 73 18.59 -21.92 -18.10
CA MET D 73 19.17 -21.99 -19.44
C MET D 73 20.61 -22.52 -19.41
N LEU D 74 21.39 -22.03 -18.45
CA LEU D 74 22.79 -22.46 -18.27
C LEU D 74 22.89 -23.91 -17.83
N ALA D 75 21.89 -24.37 -17.06
CA ALA D 75 21.82 -25.75 -16.60
C ALA D 75 21.44 -26.72 -17.73
N ASN D 76 20.62 -26.26 -18.66
CA ASN D 76 20.17 -27.06 -19.79
C ASN D 76 20.85 -26.67 -21.10
N GLY D 89 14.48 -8.44 -34.15
CA GLY D 89 14.41 -7.89 -32.80
C GLY D 89 13.06 -8.15 -32.18
N HIS D 90 13.05 -8.88 -31.08
CA HIS D 90 11.79 -9.35 -30.48
C HIS D 90 11.49 -8.78 -29.09
N ARG D 91 12.27 -9.19 -28.09
CA ARG D 91 11.97 -8.84 -26.69
C ARG D 91 12.49 -7.46 -26.27
N THR D 92 11.58 -6.65 -25.73
CA THR D 92 11.93 -5.35 -25.16
C THR D 92 12.60 -5.56 -23.80
N LEU D 93 13.69 -4.84 -23.57
CA LEU D 93 14.47 -4.96 -22.35
C LEU D 93 13.75 -4.40 -21.13
N LEU D 94 13.75 -5.15 -20.04
CA LEU D 94 13.12 -4.74 -18.78
C LEU D 94 14.15 -4.57 -17.68
N TYR D 95 13.86 -3.71 -16.71
CA TYR D 95 14.71 -3.55 -15.54
C TYR D 95 14.65 -4.79 -14.65
N GLY D 96 15.83 -5.27 -14.24
CA GLY D 96 15.94 -6.52 -13.49
C GLY D 96 16.45 -7.65 -14.35
N HIS D 97 16.27 -7.51 -15.67
CA HIS D 97 16.73 -8.50 -16.64
C HIS D 97 18.26 -8.56 -16.70
N ALA D 98 18.78 -9.74 -17.02
CA ALA D 98 20.20 -9.93 -17.30
C ALA D 98 20.41 -9.94 -18.82
N ILE D 99 21.38 -9.15 -19.28
CA ILE D 99 21.62 -9.01 -20.73
C ILE D 99 22.97 -9.56 -21.19
N LEU D 100 22.99 -10.06 -22.42
CA LEU D 100 24.20 -10.58 -23.04
C LEU D 100 24.66 -9.63 -24.15
N LEU D 101 25.85 -9.05 -23.97
CA LEU D 101 26.37 -8.06 -24.91
C LEU D 101 27.48 -8.59 -25.80
N ARG D 102 27.14 -8.86 -27.06
CA ARG D 102 28.10 -9.38 -28.03
C ARG D 102 28.82 -8.26 -28.77
N HIS D 103 30.14 -8.29 -28.70
CA HIS D 103 31.00 -7.33 -29.40
C HIS D 103 30.94 -7.58 -30.91
N ALA D 104 30.29 -6.65 -31.61
CA ALA D 104 30.00 -6.79 -33.05
C ALA D 104 31.20 -7.16 -33.91
N HIS D 105 32.34 -6.54 -33.66
CA HIS D 105 33.53 -6.73 -34.49
C HIS D 105 34.24 -8.06 -34.24
N SER D 106 34.51 -8.37 -32.97
CA SER D 106 35.23 -9.58 -32.59
C SER D 106 34.36 -10.83 -32.53
N ARG D 107 33.04 -10.63 -32.50
CA ARG D 107 32.04 -11.69 -32.31
C ARG D 107 32.10 -12.32 -30.91
N MET D 108 32.87 -11.69 -30.02
CA MET D 108 32.99 -12.15 -28.63
C MET D 108 32.03 -11.40 -27.71
N TYR D 109 32.08 -11.74 -26.42
CA TYR D 109 31.13 -11.20 -25.45
C TYR D 109 31.82 -10.42 -24.34
N LEU D 110 31.21 -9.31 -23.94
CA LEU D 110 31.68 -8.51 -22.80
C LEU D 110 31.47 -9.31 -21.52
N SER D 111 32.49 -9.33 -20.66
CA SER D 111 32.46 -10.15 -19.46
C SER D 111 33.23 -9.57 -18.27
N CYS D 112 33.09 -10.23 -17.13
CA CYS D 112 33.84 -9.90 -15.93
C CYS D 112 34.98 -10.90 -15.77
N LEU D 113 36.21 -10.43 -16.01
CA LEU D 113 37.38 -11.30 -15.95
C LEU D 113 37.81 -11.57 -14.50
N THR D 114 38.53 -12.66 -14.30
CA THR D 114 38.92 -13.11 -12.96
C THR D 114 40.22 -12.47 -12.47
N THR D 115 40.85 -11.67 -13.33
CA THR D 115 42.13 -11.03 -13.03
C THR D 115 41.97 -9.56 -12.60
N SER D 116 43.05 -8.98 -12.10
CA SER D 116 43.07 -7.57 -11.69
C SER D 116 44.38 -6.90 -12.10
N LEU D 123 41.23 -5.71 -5.69
CA LEU D 123 39.96 -6.41 -5.49
C LEU D 123 39.02 -6.25 -6.68
N ALA D 124 39.14 -5.12 -7.37
CA ALA D 124 38.35 -4.83 -8.56
C ALA D 124 38.79 -5.71 -9.73
N PHE D 125 37.83 -6.43 -10.30
CA PHE D 125 38.11 -7.35 -11.40
C PHE D 125 38.13 -6.67 -12.77
N ASP D 126 39.04 -7.13 -13.63
CA ASP D 126 39.17 -6.63 -15.00
C ASP D 126 37.92 -6.92 -15.84
N VAL D 127 37.69 -6.06 -16.83
CA VAL D 127 36.57 -6.25 -17.77
C VAL D 127 37.10 -6.38 -19.19
N GLY D 128 36.80 -7.50 -19.83
CA GLY D 128 37.25 -7.77 -21.18
C GLY D 128 36.29 -8.63 -22.00
N LEU D 129 36.83 -9.29 -23.01
CA LEU D 129 36.03 -10.11 -23.92
C LEU D 129 36.26 -11.61 -23.71
N GLN D 130 35.20 -12.39 -23.92
CA GLN D 130 35.26 -13.84 -23.81
C GLN D 130 34.55 -14.53 -24.97
N GLU D 131 35.04 -15.70 -25.37
CA GLU D 131 34.46 -16.47 -26.46
C GLU D 131 33.26 -17.29 -26.02
N ASP D 132 33.27 -17.74 -24.77
CA ASP D 132 32.21 -18.59 -24.23
C ASP D 132 30.98 -17.78 -23.85
N ALA D 133 29.81 -18.28 -24.25
CA ALA D 133 28.53 -17.65 -23.93
C ALA D 133 27.96 -18.19 -22.62
N THR D 134 28.27 -19.46 -22.33
CA THR D 134 27.83 -20.10 -21.09
C THR D 134 28.66 -19.59 -19.91
N GLY D 135 28.07 -19.62 -18.72
CA GLY D 135 28.70 -19.05 -17.54
C GLY D 135 28.18 -17.65 -17.26
N GLU D 136 28.16 -17.29 -15.98
CA GLU D 136 27.54 -16.03 -15.52
C GLU D 136 28.38 -14.80 -15.84
N ALA D 137 29.65 -15.00 -16.19
CA ALA D 137 30.60 -13.90 -16.42
C ALA D 137 30.17 -12.93 -17.52
N CYS D 138 29.57 -13.47 -18.59
CA CYS D 138 29.17 -12.66 -19.74
C CYS D 138 27.79 -12.01 -19.60
N TRP D 139 27.21 -12.08 -18.40
CA TRP D 139 25.87 -11.57 -18.17
C TRP D 139 25.86 -10.41 -17.18
N TRP D 140 25.08 -9.39 -17.50
CA TRP D 140 25.00 -8.15 -16.71
C TRP D 140 23.54 -7.78 -16.48
N THR D 141 23.18 -7.49 -15.23
CA THR D 141 21.82 -7.07 -14.90
C THR D 141 21.66 -5.55 -14.89
N MET D 142 20.54 -5.08 -15.43
CA MET D 142 20.24 -3.65 -15.51
C MET D 142 19.42 -3.17 -14.33
N HIS D 143 19.73 -1.97 -13.83
CA HIS D 143 19.01 -1.37 -12.70
C HIS D 143 18.84 0.14 -12.85
N PRO D 144 17.79 0.72 -12.25
CA PRO D 144 17.53 2.16 -12.30
C PRO D 144 18.63 3.00 -11.67
N ARG D 149 13.27 3.64 -14.03
CA ARG D 149 12.74 4.14 -12.77
C ARG D 149 12.57 3.02 -11.73
N SER D 150 11.86 1.97 -12.11
CA SER D 150 11.59 0.85 -11.21
C SER D 150 11.88 -0.50 -11.87
N GLU D 151 12.12 -1.52 -11.05
CA GLU D 151 12.40 -2.87 -11.53
C GLU D 151 11.15 -3.49 -12.15
N GLY D 152 11.31 -4.02 -13.37
CA GLY D 152 10.20 -4.62 -14.11
C GLY D 152 9.73 -3.74 -15.25
N GLU D 153 9.96 -2.43 -15.12
CA GLU D 153 9.61 -1.46 -16.15
C GLU D 153 10.47 -1.62 -17.40
N LYS D 154 9.96 -1.14 -18.53
CA LYS D 154 10.69 -1.18 -19.80
C LYS D 154 11.87 -0.21 -19.77
N VAL D 155 13.02 -0.65 -20.30
CA VAL D 155 14.21 0.19 -20.38
C VAL D 155 14.05 1.18 -21.54
N ARG D 156 14.25 2.46 -21.23
CA ARG D 156 14.12 3.53 -22.22
C ARG D 156 15.47 3.99 -22.74
N VAL D 157 15.56 4.15 -24.06
CA VAL D 157 16.78 4.59 -24.73
C VAL D 157 17.20 5.98 -24.25
N GLY D 158 18.41 6.06 -23.70
CA GLY D 158 18.95 7.33 -23.21
C GLY D 158 19.02 7.41 -21.70
N ASP D 159 18.21 6.60 -21.02
CA ASP D 159 18.19 6.57 -19.56
C ASP D 159 19.49 6.00 -18.98
N ASP D 160 19.91 6.56 -17.85
CA ASP D 160 21.07 6.06 -17.11
C ASP D 160 20.80 4.67 -16.57
N LEU D 161 21.84 3.83 -16.56
CA LEU D 161 21.71 2.44 -16.13
C LEU D 161 22.78 2.05 -15.11
N ILE D 162 22.43 1.06 -14.28
CA ILE D 162 23.38 0.41 -13.39
C ILE D 162 23.55 -1.03 -13.87
N LEU D 163 24.76 -1.36 -14.30
CA LEU D 163 25.05 -2.71 -14.78
C LEU D 163 25.79 -3.52 -13.72
N VAL D 164 25.15 -4.59 -13.25
CA VAL D 164 25.70 -5.42 -12.19
C VAL D 164 26.12 -6.78 -12.77
N SER D 165 27.36 -7.17 -12.51
CA SER D 165 27.89 -8.46 -12.95
C SER D 165 27.17 -9.59 -12.22
N VAL D 166 26.58 -10.50 -13.00
CA VAL D 166 25.85 -11.65 -12.45
C VAL D 166 26.79 -12.57 -11.65
N SER D 167 28.00 -12.73 -12.16
CA SER D 167 29.01 -13.61 -11.56
C SER D 167 29.64 -13.04 -10.29
N SER D 168 30.11 -11.81 -10.36
CA SER D 168 30.88 -11.20 -9.25
C SER D 168 30.08 -10.21 -8.40
N GLU D 169 28.92 -9.78 -8.91
CA GLU D 169 28.04 -8.84 -8.21
C GLU D 169 28.67 -7.44 -8.05
N ARG D 170 29.52 -7.06 -9.00
CA ARG D 170 30.19 -5.76 -8.99
C ARG D 170 29.70 -4.89 -10.15
N TYR D 171 29.66 -3.57 -9.91
CA TYR D 171 29.17 -2.61 -10.89
C TYR D 171 30.22 -2.28 -11.94
N LEU D 172 29.78 -2.13 -13.19
CA LEU D 172 30.64 -1.66 -14.28
C LEU D 172 31.09 -0.24 -13.97
N HIS D 173 32.40 -0.07 -13.77
CA HIS D 173 32.95 1.13 -13.15
C HIS D 173 33.94 1.89 -14.01
N LEU D 174 33.79 3.21 -14.03
CA LEU D 174 34.73 4.12 -14.69
C LEU D 174 35.90 4.45 -13.76
N SER D 175 37.10 4.24 -14.26
CA SER D 175 38.32 4.54 -13.50
C SER D 175 39.30 5.39 -14.32
N THR D 176 39.75 6.48 -13.72
CA THR D 176 40.78 7.34 -14.31
C THR D 176 42.12 6.61 -14.28
N ALA D 177 42.37 5.87 -13.20
CA ALA D 177 43.51 4.96 -13.05
C ALA D 177 44.80 5.50 -13.65
N SER D 178 45.28 6.60 -13.08
CA SER D 178 46.55 7.23 -13.46
C SER D 178 46.61 7.56 -14.97
N GLY D 179 45.69 8.42 -15.41
CA GLY D 179 45.67 8.91 -16.79
C GLY D 179 45.02 7.99 -17.80
N GLU D 180 45.23 6.68 -17.63
CA GLU D 180 44.66 5.68 -18.52
C GLU D 180 43.21 5.40 -18.15
N LEU D 181 42.29 6.03 -18.87
CA LEU D 181 40.85 5.87 -18.65
C LEU D 181 40.43 4.41 -18.89
N GLN D 182 40.30 3.67 -17.79
CA GLN D 182 40.00 2.24 -17.83
C GLN D 182 38.64 1.92 -17.23
N VAL D 183 38.14 0.73 -17.55
CA VAL D 183 36.86 0.25 -17.03
C VAL D 183 37.03 -1.10 -16.33
N ASP D 184 36.49 -1.21 -15.13
CA ASP D 184 36.56 -2.46 -14.35
C ASP D 184 35.24 -2.78 -13.63
N ALA D 185 35.25 -3.85 -12.85
CA ALA D 185 34.11 -4.21 -12.02
C ALA D 185 34.48 -4.06 -10.55
N SER D 186 33.89 -3.05 -9.90
CA SER D 186 34.16 -2.78 -8.50
C SER D 186 32.86 -2.45 -7.74
N PHE D 187 32.99 -2.13 -6.46
CA PHE D 187 31.84 -1.78 -5.63
C PHE D 187 31.40 -0.34 -5.82
N MET D 188 32.20 0.42 -6.57
CA MET D 188 31.85 1.78 -6.96
C MET D 188 31.03 1.74 -8.25
N GLN D 189 29.92 2.47 -8.27
CA GLN D 189 29.00 2.47 -9.40
C GLN D 189 29.19 3.67 -10.33
N THR D 190 28.85 3.48 -11.60
CA THR D 190 28.76 4.57 -12.58
C THR D 190 27.51 4.37 -13.44
N LEU D 191 26.94 5.48 -13.91
CA LEU D 191 25.75 5.44 -14.75
C LEU D 191 26.12 5.31 -16.23
N TRP D 192 25.47 4.38 -16.92
CA TRP D 192 25.76 4.09 -18.34
C TRP D 192 24.55 4.29 -19.24
N ASN D 193 24.81 4.79 -20.45
CA ASN D 193 23.76 5.02 -21.45
C ASN D 193 23.99 4.17 -22.69
N MET D 194 22.99 3.40 -23.08
CA MET D 194 23.06 2.56 -24.26
C MET D 194 22.29 3.19 -25.42
N ASN D 195 23.03 3.79 -26.36
CA ASN D 195 22.43 4.46 -27.51
C ASN D 195 22.72 3.73 -28.82
N PRO D 196 21.70 3.58 -29.68
CA PRO D 196 21.85 2.89 -30.97
C PRO D 196 22.75 3.62 -31.95
N GLN E 4 26.62 -21.87 2.84
CA GLN E 4 25.60 -20.79 2.68
C GLN E 4 26.16 -19.43 3.11
N PHE E 5 25.84 -18.41 2.33
CA PHE E 5 26.30 -17.05 2.61
C PHE E 5 25.13 -16.13 2.96
N LEU E 6 25.41 -15.11 3.78
CA LEU E 6 24.44 -14.08 4.09
C LEU E 6 24.35 -13.09 2.92
N ARG E 7 23.11 -12.78 2.52
CA ARG E 7 22.87 -11.84 1.43
C ARG E 7 21.92 -10.74 1.86
N THR E 8 21.86 -9.66 1.08
CA THR E 8 20.90 -8.58 1.31
C THR E 8 19.46 -9.08 1.13
N ASP E 9 18.54 -8.43 1.83
CA ASP E 9 17.12 -8.81 1.86
C ASP E 9 16.84 -10.10 2.63
N ASP E 10 17.87 -10.62 3.30
CA ASP E 10 17.70 -11.75 4.22
C ASP E 10 17.20 -11.25 5.56
N GLU E 11 16.25 -11.98 6.14
CA GLU E 11 15.74 -11.69 7.47
C GLU E 11 16.62 -12.40 8.49
N VAL E 12 17.15 -11.67 9.45
CA VAL E 12 18.14 -12.21 10.39
C VAL E 12 17.89 -11.79 11.84
N VAL E 13 18.50 -12.52 12.77
CA VAL E 13 18.61 -12.10 14.16
C VAL E 13 20.08 -12.08 14.59
N LEU E 14 20.48 -11.04 15.31
CA LEU E 14 21.85 -10.92 15.79
C LEU E 14 21.98 -11.54 17.18
N GLN E 15 22.83 -12.56 17.27
CA GLN E 15 23.01 -13.32 18.51
C GLN E 15 24.45 -13.28 19.01
N CYS E 16 24.62 -13.29 20.33
CA CYS E 16 25.93 -13.30 20.96
C CYS E 16 25.96 -14.21 22.19
N SER E 17 27.13 -14.78 22.46
CA SER E 17 27.32 -15.66 23.61
C SER E 17 27.90 -14.88 24.79
N ALA E 18 27.31 -15.06 25.96
CA ALA E 18 27.73 -14.35 27.17
C ALA E 18 27.43 -15.13 28.44
N THR E 19 28.25 -14.93 29.47
CA THR E 19 28.04 -15.54 30.78
C THR E 19 27.39 -14.57 31.75
N VAL E 20 26.35 -15.03 32.44
CA VAL E 20 25.62 -14.23 33.43
C VAL E 20 25.03 -15.10 34.53
N LYS E 22 27.31 -18.12 37.10
CA LYS E 22 27.30 -17.68 35.71
C LYS E 22 27.01 -18.83 34.75
N GLU E 23 26.11 -18.57 33.80
CA GLU E 23 25.69 -19.56 32.81
C GLU E 23 25.97 -19.06 31.39
N GLN E 24 26.30 -19.97 30.49
CA GLN E 24 26.50 -19.63 29.08
C GLN E 24 25.16 -19.37 28.41
N LEU E 25 24.92 -18.10 28.09
CA LEU E 25 23.64 -17.68 27.50
C LEU E 25 23.81 -17.18 26.07
N LYS E 26 22.75 -17.34 25.27
CA LYS E 26 22.68 -16.79 23.93
C LYS E 26 21.62 -15.69 23.90
N LEU E 27 22.05 -14.47 23.58
CA LEU E 27 21.19 -13.30 23.64
C LEU E 27 21.01 -12.66 22.25
N CYS E 28 19.77 -12.34 21.91
CA CYS E 28 19.49 -11.72 20.61
C CYS E 28 18.95 -10.29 20.73
N LEU E 29 19.40 -9.45 19.79
CA LEU E 29 19.12 -8.02 19.76
C LEU E 29 17.65 -7.74 19.47
N ALA E 30 16.99 -7.03 20.40
CA ALA E 30 15.58 -6.69 20.27
C ALA E 30 15.35 -5.18 20.36
N ALA E 31 14.23 -4.72 19.78
CA ALA E 31 13.90 -3.29 19.75
C ALA E 31 12.39 -3.06 19.67
N GLU E 32 11.97 -1.80 19.84
CA GLU E 32 10.55 -1.42 19.75
C GLU E 32 10.37 0.01 19.26
N GLY E 33 9.32 0.23 18.47
CA GLY E 33 9.02 1.54 17.90
C GLY E 33 8.18 2.44 18.79
N PHE E 34 7.55 1.85 19.80
CA PHE E 34 6.70 2.58 20.74
C PHE E 34 7.51 3.47 21.69
N ARG E 37 13.39 3.93 19.85
CA ARG E 37 13.73 3.63 21.24
C ARG E 37 15.04 2.83 21.34
N LEU E 38 15.58 2.78 22.55
CA LEU E 38 16.83 2.06 22.84
C LEU E 38 16.65 0.54 22.72
N CYS E 39 17.69 -0.13 22.25
CA CYS E 39 17.66 -1.58 22.05
C CYS E 39 18.01 -2.36 23.31
N PHE E 40 17.32 -3.48 23.51
CA PHE E 40 17.61 -4.40 24.62
C PHE E 40 17.94 -5.80 24.08
N LEU E 41 18.23 -6.73 25.00
CA LEU E 41 18.57 -8.11 24.63
C LEU E 41 17.60 -9.12 25.24
N GLU E 42 17.32 -10.17 24.49
CA GLU E 42 16.39 -11.22 24.92
C GLU E 42 17.03 -12.60 24.83
N PRO E 43 17.07 -13.34 25.97
CA PRO E 43 17.64 -14.68 26.02
C PRO E 43 16.83 -15.71 25.24
N THR E 44 17.48 -16.76 24.77
CA THR E 44 16.84 -17.83 24.02
C THR E 44 16.06 -18.76 24.95
N PRO E 51 14.18 -17.46 21.01
CA PRO E 51 13.64 -16.24 21.60
C PRO E 51 12.13 -16.33 21.84
N PRO E 52 11.63 -15.77 22.96
CA PRO E 52 10.20 -15.79 23.28
C PRO E 52 9.34 -15.04 22.26
N ASP E 53 9.91 -14.02 21.62
CA ASP E 53 9.23 -13.25 20.58
C ASP E 53 10.19 -12.85 19.45
N LEU E 54 10.09 -13.57 18.33
CA LEU E 54 10.99 -13.40 17.19
C LEU E 54 10.67 -12.14 16.36
N ALA E 55 9.43 -11.67 16.45
CA ALA E 55 8.95 -10.54 15.66
C ALA E 55 9.66 -9.22 15.98
N ILE E 56 10.05 -9.05 17.25
CA ILE E 56 10.73 -7.83 17.69
C ILE E 56 12.26 -7.94 17.57
N CYS E 57 12.75 -9.13 17.23
CA CYS E 57 14.17 -9.40 17.11
C CYS E 57 14.66 -9.49 15.66
N CYS E 58 13.72 -9.65 14.73
CA CYS E 58 14.06 -9.78 13.32
C CYS E 58 14.56 -8.46 12.71
N PHE E 59 15.72 -8.54 12.07
CA PHE E 59 16.27 -7.43 11.31
C PHE E 59 16.46 -7.84 9.85
N THR E 60 16.30 -6.88 8.95
CA THR E 60 16.47 -7.16 7.52
C THR E 60 17.63 -6.35 6.94
N LEU E 61 18.54 -7.06 6.27
CA LEU E 61 19.69 -6.45 5.60
C LEU E 61 19.23 -5.74 4.33
N GLU E 62 19.00 -4.44 4.43
CA GLU E 62 18.49 -3.67 3.30
C GLU E 62 19.56 -3.41 2.25
N GLN E 63 20.70 -2.86 2.68
CA GLN E 63 21.79 -2.51 1.77
C GLN E 63 23.15 -2.92 2.32
N SER E 64 24.12 -3.07 1.41
CA SER E 64 25.48 -3.45 1.77
C SER E 64 26.50 -2.79 0.83
N LEU E 65 26.79 -1.52 1.09
CA LEU E 65 27.74 -0.76 0.29
C LEU E 65 29.11 -0.74 0.95
N SER E 66 30.16 -0.80 0.13
CA SER E 66 31.53 -0.68 0.61
C SER E 66 31.79 0.74 1.10
N VAL E 67 32.72 0.88 2.05
CA VAL E 67 33.05 2.16 2.68
C VAL E 67 33.28 3.28 1.64
N ARG E 68 34.00 2.94 0.57
CA ARG E 68 34.23 3.86 -0.55
C ARG E 68 32.93 4.29 -1.22
N ALA E 69 32.07 3.30 -1.48
CA ALA E 69 30.76 3.54 -2.10
C ALA E 69 29.79 4.26 -1.17
N LEU E 70 29.98 4.05 0.14
CA LEU E 70 29.18 4.71 1.17
C LEU E 70 29.49 6.21 1.24
N GLN E 71 30.77 6.55 1.20
CA GLN E 71 31.22 7.94 1.17
C GLN E 71 30.74 8.66 -0.08
N GLU E 72 30.79 7.95 -1.21
CA GLU E 72 30.32 8.46 -2.50
C GLU E 72 28.81 8.66 -2.51
N MET E 73 28.10 7.82 -1.78
CA MET E 73 26.65 7.91 -1.65
C MET E 73 26.24 9.08 -0.75
N LEU E 74 27.04 9.31 0.30
CA LEU E 74 26.79 10.40 1.26
C LEU E 74 27.24 11.76 0.73
N ALA E 75 28.10 11.74 -0.30
CA ALA E 75 28.62 12.97 -0.91
C ALA E 75 27.55 13.68 -1.73
N HIS E 90 19.77 -8.97 -4.23
CA HIS E 90 20.14 -10.05 -3.31
C HIS E 90 21.65 -10.28 -3.30
N ARG E 91 22.39 -9.19 -3.09
CA ARG E 91 23.85 -9.19 -3.16
C ARG E 91 24.49 -9.82 -1.92
N THR E 92 25.53 -10.61 -2.14
CA THR E 92 26.25 -11.32 -1.08
C THR E 92 27.09 -10.37 -0.22
N LEU E 93 27.03 -10.57 1.09
CA LEU E 93 27.79 -9.77 2.03
C LEU E 93 29.26 -10.19 2.05
N LEU E 94 30.15 -9.19 1.96
CA LEU E 94 31.58 -9.41 1.99
C LEU E 94 32.21 -8.66 3.16
N TYR E 95 33.29 -9.22 3.71
CA TYR E 95 33.99 -8.60 4.84
C TYR E 95 34.60 -7.25 4.48
N GLY E 96 34.36 -6.26 5.32
CA GLY E 96 34.83 -4.90 5.09
C GLY E 96 33.72 -3.93 4.73
N HIS E 97 32.65 -4.44 4.16
CA HIS E 97 31.51 -3.63 3.73
C HIS E 97 30.67 -3.13 4.92
N ALA E 98 29.92 -2.05 4.68
CA ALA E 98 28.99 -1.50 5.66
C ALA E 98 27.56 -1.91 5.34
N ILE E 99 26.87 -2.47 6.33
CA ILE E 99 25.48 -2.93 6.15
C ILE E 99 24.46 -1.99 6.78
N LEU E 100 23.26 -1.96 6.18
CA LEU E 100 22.12 -1.21 6.72
C LEU E 100 21.08 -2.19 7.26
N LEU E 101 20.90 -2.17 8.59
CA LEU E 101 20.01 -3.11 9.28
C LEU E 101 18.65 -2.47 9.56
N ARG E 102 17.60 -3.02 8.96
CA ARG E 102 16.25 -2.49 9.14
C ARG E 102 15.42 -3.36 10.09
N HIS E 103 14.98 -2.74 11.19
CA HIS E 103 14.09 -3.39 12.15
C HIS E 103 12.73 -3.61 11.48
N ALA E 104 12.39 -4.87 11.27
CA ALA E 104 11.23 -5.26 10.46
C ALA E 104 9.88 -4.76 11.00
N HIS E 105 9.71 -4.82 12.32
CA HIS E 105 8.43 -4.48 12.94
C HIS E 105 8.14 -2.98 12.98
N SER E 106 9.18 -2.19 13.21
CA SER E 106 9.06 -0.73 13.30
C SER E 106 9.34 -0.03 11.98
N ARG E 107 9.91 -0.77 11.02
CA ARG E 107 10.38 -0.23 9.74
C ARG E 107 11.45 0.85 9.92
N MET E 108 12.14 0.80 11.06
CA MET E 108 13.20 1.75 11.38
C MET E 108 14.58 1.08 11.32
N TYR E 109 15.63 1.84 11.61
CA TYR E 109 17.00 1.38 11.39
C TYR E 109 17.84 1.38 12.66
N LEU E 110 18.71 0.39 12.79
CA LEU E 110 19.65 0.31 13.90
C LEU E 110 20.73 1.38 13.72
N SER E 111 20.77 2.34 14.63
CA SER E 111 21.70 3.47 14.52
C SER E 111 22.50 3.70 15.79
N CYS E 112 23.68 4.29 15.64
CA CYS E 112 24.52 4.67 16.76
C CYS E 112 24.12 6.07 17.22
N LEU E 113 23.54 6.13 18.42
CA LEU E 113 23.02 7.39 18.95
C LEU E 113 24.12 8.31 19.47
N THR E 114 23.80 9.60 19.57
CA THR E 114 24.73 10.60 20.09
C THR E 114 24.75 10.60 21.62
N THR E 115 23.64 10.17 22.21
CA THR E 115 23.48 10.15 23.67
C THR E 115 24.17 8.93 24.30
N SER E 116 24.67 9.12 25.52
CA SER E 116 25.35 8.06 26.27
C SER E 116 24.44 7.41 27.31
N PHE E 125 28.31 5.22 23.87
CA PHE E 125 27.14 5.67 23.12
C PHE E 125 26.05 4.60 23.12
N ASP E 126 24.80 5.05 23.20
CA ASP E 126 23.65 4.17 23.15
C ASP E 126 23.39 3.70 21.71
N VAL E 127 22.77 2.53 21.57
CA VAL E 127 22.36 2.01 20.27
C VAL E 127 20.84 1.82 20.26
N GLY E 128 20.17 2.60 19.41
CA GLY E 128 18.71 2.55 19.32
C GLY E 128 18.18 2.54 17.89
N LEU E 129 16.90 2.90 17.76
CA LEU E 129 16.23 2.91 16.46
C LEU E 129 16.12 4.31 15.88
N GLN E 130 16.26 4.40 14.56
CA GLN E 130 16.20 5.65 13.82
C GLN E 130 15.18 5.55 12.69
N GLU E 131 14.27 6.53 12.62
CA GLU E 131 13.27 6.57 11.56
C GLU E 131 13.88 6.91 10.19
N ASP E 132 15.00 7.63 10.21
CA ASP E 132 15.68 8.04 8.99
C ASP E 132 16.94 7.21 8.71
N ALA E 133 17.08 6.79 7.46
CA ALA E 133 18.26 6.08 7.00
C ALA E 133 19.37 7.04 6.54
N THR E 134 19.08 8.34 6.64
CA THR E 134 20.06 9.39 6.32
C THR E 134 21.05 9.55 7.47
N GLY E 135 22.30 9.81 7.13
CA GLY E 135 23.38 9.92 8.12
C GLY E 135 24.08 8.58 8.32
N GLU E 136 25.40 8.63 8.49
CA GLU E 136 26.22 7.43 8.62
C GLU E 136 26.09 6.74 9.99
N ALA E 137 25.12 7.17 10.79
CA ALA E 137 24.89 6.63 12.12
C ALA E 137 24.27 5.23 12.09
N CYS E 138 23.53 4.95 11.02
CA CYS E 138 22.81 3.69 10.87
C CYS E 138 23.57 2.65 10.04
N TRP E 139 24.83 2.95 9.72
CA TRP E 139 25.67 2.04 8.95
C TRP E 139 26.71 1.35 9.83
N TRP E 140 26.89 0.05 9.63
CA TRP E 140 27.80 -0.76 10.44
C TRP E 140 28.70 -1.62 9.56
N THR E 141 30.01 -1.44 9.69
CA THR E 141 30.98 -2.23 8.93
C THR E 141 31.19 -3.60 9.56
N MET E 142 31.44 -4.60 8.72
CA MET E 142 31.65 -5.98 9.18
C MET E 142 33.13 -6.34 9.17
N HIS E 143 33.59 -6.95 10.25
CA HIS E 143 34.98 -7.36 10.39
C HIS E 143 35.08 -8.81 10.89
N PRO E 144 36.08 -9.57 10.39
CA PRO E 144 36.22 -10.99 10.73
C PRO E 144 36.58 -11.24 12.20
N ALA E 145 36.47 -12.49 12.62
CA ALA E 145 36.82 -12.91 13.98
C ALA E 145 38.10 -13.74 14.00
N SER E 146 38.39 -14.41 12.90
CA SER E 146 39.58 -15.26 12.79
C SER E 146 40.09 -15.32 11.35
N GLU E 151 39.55 -10.01 4.44
CA GLU E 151 38.97 -8.75 4.00
C GLU E 151 38.58 -8.84 2.53
N GLY E 152 37.29 -8.71 2.26
CA GLY E 152 36.75 -8.90 0.91
C GLY E 152 36.23 -10.31 0.68
N GLU E 153 36.48 -11.18 1.66
CA GLU E 153 36.01 -12.56 1.65
C GLU E 153 34.51 -12.59 1.94
N LYS E 154 33.82 -13.60 1.42
CA LYS E 154 32.37 -13.72 1.58
C LYS E 154 31.97 -14.14 3.00
N VAL E 155 30.98 -13.45 3.56
CA VAL E 155 30.49 -13.72 4.90
C VAL E 155 29.59 -14.95 4.91
N ARG E 156 30.03 -16.00 5.60
CA ARG E 156 29.31 -17.27 5.64
C ARG E 156 28.35 -17.33 6.82
N VAL E 157 27.32 -18.17 6.71
CA VAL E 157 26.30 -18.32 7.74
C VAL E 157 26.87 -19.05 8.97
N GLY E 158 26.78 -18.39 10.12
CA GLY E 158 27.27 -18.95 11.39
C GLY E 158 28.55 -18.32 11.90
N ASP E 159 29.13 -17.42 11.10
CA ASP E 159 30.38 -16.76 11.43
C ASP E 159 30.25 -15.73 12.55
N ASP E 160 31.25 -15.69 13.43
CA ASP E 160 31.35 -14.66 14.45
C ASP E 160 31.77 -13.36 13.76
N LEU E 161 31.16 -12.24 14.17
CA LEU E 161 31.35 -10.98 13.47
C LEU E 161 31.69 -9.83 14.40
N ILE E 162 32.52 -8.92 13.90
CA ILE E 162 32.78 -7.65 14.55
C ILE E 162 32.06 -6.55 13.78
N LEU E 163 31.07 -5.93 14.43
CA LEU E 163 30.29 -4.86 13.82
C LEU E 163 30.77 -3.49 14.33
N VAL E 164 31.26 -2.67 13.41
CA VAL E 164 31.83 -1.37 13.76
C VAL E 164 30.96 -0.24 13.24
N SER E 165 30.61 0.68 14.14
CA SER E 165 29.89 1.89 13.78
C SER E 165 30.71 2.76 12.82
N VAL E 166 30.09 3.19 11.73
CA VAL E 166 30.74 4.05 10.74
C VAL E 166 30.88 5.48 11.28
N SER E 167 29.90 5.91 12.06
CA SER E 167 29.84 7.28 12.58
C SER E 167 30.76 7.54 13.77
N SER E 168 30.84 6.58 14.69
CA SER E 168 31.57 6.76 15.94
C SER E 168 32.85 5.94 16.06
N GLU E 169 33.11 5.09 15.07
CA GLU E 169 34.26 4.18 15.05
C GLU E 169 34.36 3.31 16.31
N ARG E 170 33.21 2.85 16.79
CA ARG E 170 33.13 1.99 17.98
C ARG E 170 32.38 0.68 17.68
N TYR E 171 32.52 -0.29 18.58
CA TYR E 171 32.00 -1.63 18.37
C TYR E 171 30.63 -1.86 19.05
N LEU E 172 29.78 -2.66 18.41
CA LEU E 172 28.51 -3.07 19.01
C LEU E 172 28.79 -4.01 20.18
N HIS E 173 28.56 -3.51 21.39
CA HIS E 173 29.03 -4.15 22.62
C HIS E 173 27.90 -4.61 23.54
N LEU E 174 28.16 -5.66 24.32
CA LEU E 174 27.24 -6.17 25.32
C LEU E 174 27.54 -5.56 26.71
N SER E 175 26.54 -4.95 27.33
CA SER E 175 26.72 -4.33 28.64
C SER E 175 25.70 -4.78 29.67
N THR E 176 26.10 -4.77 30.94
CA THR E 176 25.21 -5.12 32.06
C THR E 176 25.28 -4.10 33.20
N ALA E 177 24.12 -3.79 33.77
CA ALA E 177 24.02 -2.80 34.84
C ALA E 177 23.33 -3.35 36.10
N LEU E 181 21.48 -5.68 31.06
CA LEU E 181 21.52 -6.53 29.87
C LEU E 181 21.27 -5.70 28.61
N GLN E 182 22.02 -4.61 28.47
CA GLN E 182 21.84 -3.66 27.37
C GLN E 182 22.89 -3.81 26.27
N VAL E 183 22.76 -3.01 25.22
CA VAL E 183 23.67 -3.03 24.08
C VAL E 183 24.09 -1.59 23.73
N ASP E 184 25.40 -1.36 23.68
CA ASP E 184 25.94 -0.03 23.41
C ASP E 184 27.07 -0.06 22.38
N ALA E 185 27.76 1.08 22.24
CA ALA E 185 28.89 1.19 21.33
C ALA E 185 30.13 1.71 22.09
N SER E 186 31.11 0.83 22.26
CA SER E 186 32.30 1.14 23.05
C SER E 186 33.59 0.60 22.42
N PHE E 187 34.71 0.92 23.06
CA PHE E 187 36.03 0.44 22.63
C PHE E 187 36.19 -1.07 22.79
N MET E 188 35.39 -1.66 23.68
CA MET E 188 35.36 -3.10 23.88
C MET E 188 34.46 -3.76 22.85
N GLN E 189 34.94 -4.81 22.21
CA GLN E 189 34.21 -5.48 21.13
C GLN E 189 33.52 -6.78 21.56
N THR E 190 32.49 -7.14 20.81
CA THR E 190 31.71 -8.35 21.06
C THR E 190 31.46 -9.08 19.74
N LEU E 191 31.56 -10.41 19.78
CA LEU E 191 31.30 -11.24 18.61
C LEU E 191 29.80 -11.43 18.39
N TRP E 192 29.37 -11.31 17.14
CA TRP E 192 27.96 -11.46 16.79
C TRP E 192 27.73 -12.53 15.71
N ASN E 193 26.62 -13.24 15.83
CA ASN E 193 26.19 -14.19 14.81
C ASN E 193 24.85 -13.78 14.21
N MET E 194 24.89 -13.33 12.96
CA MET E 194 23.69 -12.94 12.23
C MET E 194 23.00 -14.17 11.66
N ASN E 195 22.09 -14.74 12.44
CA ASN E 195 21.39 -15.97 12.06
C ASN E 195 20.11 -15.70 11.27
N PRO E 196 20.03 -16.21 10.03
CA PRO E 196 18.88 -16.01 9.13
C PRO E 196 17.56 -16.60 9.64
N ILE E 197 16.46 -15.94 9.29
CA ILE E 197 15.09 -16.31 9.70
C ILE E 197 14.87 -16.07 11.20
N GLN F 4 -29.81 13.70 28.22
CA GLN F 4 -29.18 12.37 27.92
C GLN F 4 -28.69 11.69 29.19
N PHE F 5 -29.03 10.41 29.35
CA PHE F 5 -28.62 9.62 30.50
C PHE F 5 -27.50 8.66 30.14
N LEU F 6 -26.65 8.34 31.12
CA LEU F 6 -25.59 7.37 30.93
C LEU F 6 -26.13 5.94 30.92
N ARG F 7 -25.67 5.15 29.96
CA ARG F 7 -26.11 3.77 29.80
C ARG F 7 -24.91 2.84 29.65
N THR F 8 -25.15 1.54 29.84
CA THR F 8 -24.10 0.53 29.63
C THR F 8 -23.77 0.41 28.15
N ASP F 9 -22.58 -0.14 27.86
CA ASP F 9 -22.03 -0.22 26.50
C ASP F 9 -21.59 1.13 25.94
N ASP F 10 -21.68 2.18 26.76
CA ASP F 10 -21.20 3.51 26.39
C ASP F 10 -19.70 3.61 26.58
N GLU F 11 -19.03 4.28 25.65
CA GLU F 11 -17.61 4.57 25.78
C GLU F 11 -17.44 5.98 26.33
N VAL F 12 -16.84 6.08 27.52
CA VAL F 12 -16.75 7.35 28.25
C VAL F 12 -15.31 7.72 28.60
N VAL F 13 -15.12 8.98 28.97
CA VAL F 13 -13.90 9.42 29.65
C VAL F 13 -14.28 9.96 31.03
N LEU F 14 -13.37 9.79 32.00
CA LEU F 14 -13.59 10.29 33.36
C LEU F 14 -12.74 11.53 33.61
N GLN F 15 -13.41 12.67 33.79
CA GLN F 15 -12.73 13.95 33.99
C GLN F 15 -13.02 14.56 35.36
N CYS F 16 -12.07 15.35 35.87
CA CYS F 16 -12.26 16.12 37.11
C CYS F 16 -11.57 17.48 37.01
N SER F 17 -12.22 18.49 37.58
CA SER F 17 -11.71 19.87 37.55
C SER F 17 -10.90 20.19 38.81
N ALA F 18 -9.65 20.61 38.61
CA ALA F 18 -8.74 20.89 39.71
C ALA F 18 -7.83 22.08 39.42
N THR F 19 -7.45 22.80 40.47
CA THR F 19 -6.49 23.89 40.34
C THR F 19 -5.08 23.39 40.62
N VAL F 20 -4.16 23.69 39.71
CA VAL F 20 -2.76 23.31 39.85
C VAL F 20 -1.83 24.42 39.38
N LEU F 21 -0.91 24.83 40.24
CA LEU F 21 0.08 25.89 39.97
C LEU F 21 -0.55 27.19 39.45
N GLU F 23 -3.78 27.57 38.15
CA GLU F 23 -4.78 27.54 37.09
C GLU F 23 -5.70 26.31 37.19
N GLN F 24 -6.96 26.51 36.81
CA GLN F 24 -7.95 25.43 36.82
C GLN F 24 -7.86 24.60 35.54
N LEU F 25 -7.70 23.28 35.71
CA LEU F 25 -7.53 22.36 34.60
C LEU F 25 -8.55 21.22 34.61
N LYS F 26 -8.94 20.78 33.42
CA LYS F 26 -9.79 19.61 33.26
C LYS F 26 -8.91 18.37 33.09
N LEU F 27 -8.76 17.61 34.17
CA LEU F 27 -7.91 16.43 34.19
C LEU F 27 -8.72 15.16 33.96
N CYS F 28 -8.40 14.43 32.90
CA CYS F 28 -9.11 13.19 32.58
C CYS F 28 -8.24 11.94 32.76
N LEU F 29 -8.87 10.86 33.22
CA LEU F 29 -8.19 9.62 33.60
C LEU F 29 -7.61 8.86 32.42
N ALA F 30 -6.40 8.34 32.59
CA ALA F 30 -5.70 7.57 31.56
C ALA F 30 -4.87 6.43 32.15
N ALA F 31 -4.64 5.40 31.34
CA ALA F 31 -3.84 4.24 31.75
C ALA F 31 -3.14 3.58 30.57
N GLU F 32 -1.97 3.00 30.84
CA GLU F 32 -1.24 2.21 29.86
C GLU F 32 -1.36 0.72 30.20
N GLY F 33 -1.40 -0.11 29.16
CA GLY F 33 -1.56 -1.56 29.33
C GLY F 33 -0.32 -2.22 29.89
N ARG F 37 -1.14 -1.17 34.56
CA ARG F 37 -0.25 -0.20 35.20
C ARG F 37 -1.04 0.78 36.08
N LEU F 38 -0.32 1.59 36.84
CA LEU F 38 -0.93 2.61 37.70
C LEU F 38 -1.58 3.71 36.85
N CYS F 39 -2.74 4.18 37.30
CA CYS F 39 -3.52 5.17 36.56
C CYS F 39 -3.06 6.61 36.83
N PHE F 40 -2.89 7.36 35.75
CA PHE F 40 -2.46 8.76 35.81
C PHE F 40 -3.51 9.69 35.20
N LEU F 41 -3.44 10.97 35.57
CA LEU F 41 -4.35 11.98 35.03
C LEU F 41 -3.68 12.85 33.97
N GLU F 42 -4.48 13.29 32.99
CA GLU F 42 -3.98 14.09 31.88
C GLU F 42 -4.74 15.40 31.71
N PRO F 43 -4.01 16.53 31.57
CA PRO F 43 -4.61 17.84 31.33
C PRO F 43 -5.15 17.96 29.90
N THR F 44 -6.18 18.80 29.73
CA THR F 44 -6.73 19.09 28.40
C THR F 44 -6.46 20.55 28.02
N SER F 45 -5.88 20.74 26.83
CA SER F 45 -5.53 22.06 26.34
C SER F 45 -6.75 22.84 25.88
N PRO F 51 -8.04 16.68 25.27
CA PRO F 51 -7.19 15.53 25.57
C PRO F 51 -6.29 15.15 24.40
N PRO F 52 -5.00 14.89 24.65
CA PRO F 52 -4.05 14.51 23.61
C PRO F 52 -4.36 13.15 22.97
N ASP F 53 -4.68 12.17 23.80
CA ASP F 53 -5.02 10.83 23.31
C ASP F 53 -6.21 10.22 24.04
N LEU F 54 -7.34 10.15 23.33
CA LEU F 54 -8.56 9.56 23.86
C LEU F 54 -8.49 8.03 23.90
N ALA F 55 -7.59 7.47 23.08
CA ALA F 55 -7.40 6.03 22.98
C ALA F 55 -7.00 5.38 24.31
N ILE F 56 -6.13 6.07 25.06
CA ILE F 56 -5.69 5.59 26.37
C ILE F 56 -6.60 6.08 27.50
N CYS F 57 -7.55 6.96 27.15
CA CYS F 57 -8.50 7.53 28.11
C CYS F 57 -9.89 6.88 28.00
N CYS F 58 -10.08 6.03 27.00
CA CYS F 58 -11.38 5.43 26.74
C CYS F 58 -11.74 4.32 27.71
N PHE F 59 -12.86 4.50 28.41
CA PHE F 59 -13.42 3.49 29.30
C PHE F 59 -14.82 3.09 28.83
N THR F 60 -15.10 1.80 28.83
CA THR F 60 -16.42 1.30 28.46
C THR F 60 -17.20 0.87 29.71
N LEU F 61 -18.40 1.44 29.86
CA LEU F 61 -19.30 1.05 30.94
C LEU F 61 -19.89 -0.32 30.60
N GLU F 62 -19.20 -1.37 31.04
CA GLU F 62 -19.54 -2.74 30.64
C GLU F 62 -20.83 -3.25 31.29
N GLN F 63 -20.93 -3.13 32.61
CA GLN F 63 -22.11 -3.58 33.35
C GLN F 63 -22.46 -2.65 34.52
N SER F 64 -23.75 -2.55 34.80
CA SER F 64 -24.26 -1.79 35.95
C SER F 64 -25.22 -2.65 36.76
N LEU F 65 -24.85 -2.91 38.02
CA LEU F 65 -25.66 -3.74 38.91
C LEU F 65 -25.85 -3.08 40.27
N SER F 66 -26.96 -3.39 40.92
CA SER F 66 -27.23 -2.93 42.28
C SER F 66 -26.39 -3.72 43.28
N VAL F 67 -26.34 -3.24 44.52
CA VAL F 67 -25.52 -3.84 45.58
C VAL F 67 -25.88 -5.32 45.81
N ARG F 68 -27.18 -5.59 45.96
CA ARG F 68 -27.68 -6.95 46.20
C ARG F 68 -27.45 -7.87 45.00
N ALA F 69 -27.60 -7.32 43.79
CA ALA F 69 -27.36 -8.07 42.56
C ALA F 69 -25.89 -8.46 42.41
N LEU F 70 -25.00 -7.59 42.91
CA LEU F 70 -23.56 -7.84 42.88
C LEU F 70 -23.15 -8.92 43.89
N GLN F 71 -23.65 -8.79 45.12
CA GLN F 71 -23.33 -9.72 46.21
C GLN F 71 -23.82 -11.14 45.93
N GLU F 72 -24.97 -11.24 45.27
CA GLU F 72 -25.57 -12.53 44.90
C GLU F 72 -24.76 -13.20 43.79
N MET F 73 -24.11 -12.38 42.96
CA MET F 73 -23.25 -12.88 41.89
C MET F 73 -21.93 -13.42 42.43
N LEU F 74 -21.38 -12.74 43.44
CA LEU F 74 -20.12 -13.12 44.06
C LEU F 74 -20.27 -14.39 44.92
N ALA F 75 -21.41 -14.52 45.58
CA ALA F 75 -21.71 -15.68 46.42
C ALA F 75 -22.02 -16.93 45.59
N ASN F 76 -22.37 -16.72 44.31
CA ASN F 76 -22.64 -17.82 43.38
C ASN F 76 -21.42 -18.21 42.58
N GLN F 86 -24.22 -9.93 30.29
CA GLN F 86 -25.09 -10.78 31.09
C GLN F 86 -26.49 -10.19 31.23
N GLY F 87 -26.56 -8.87 31.42
CA GLY F 87 -27.82 -8.16 31.59
C GLY F 87 -28.63 -8.04 30.32
N GLY F 88 -27.95 -7.66 29.23
CA GLY F 88 -28.60 -7.47 27.94
C GLY F 88 -27.96 -6.33 27.14
N GLY F 89 -27.46 -5.33 27.87
CA GLY F 89 -26.78 -4.18 27.25
C GLY F 89 -27.67 -2.96 27.11
N HIS F 90 -27.02 -1.79 27.08
CA HIS F 90 -27.69 -0.48 26.90
C HIS F 90 -28.72 -0.19 28.00
N ARG F 91 -28.28 -0.28 29.26
CA ARG F 91 -29.15 -0.06 30.41
C ARG F 91 -28.77 1.22 31.16
N THR F 92 -29.79 1.99 31.55
CA THR F 92 -29.60 3.29 32.21
C THR F 92 -28.98 3.14 33.61
N LEU F 93 -27.87 3.86 33.82
CA LEU F 93 -27.16 3.87 35.09
C LEU F 93 -27.94 4.60 36.18
N LEU F 94 -27.87 4.08 37.40
CA LEU F 94 -28.62 4.63 38.53
C LEU F 94 -27.73 4.86 39.75
N TYR F 95 -28.07 5.88 40.54
CA TYR F 95 -27.32 6.20 41.76
C TYR F 95 -27.53 5.14 42.82
N GLY F 96 -26.42 4.63 43.35
CA GLY F 96 -26.45 3.51 44.29
C GLY F 96 -25.92 2.25 43.65
N HIS F 97 -26.11 2.12 42.34
CA HIS F 97 -25.64 0.98 41.56
C HIS F 97 -24.12 0.96 41.44
N ALA F 98 -23.56 -0.22 41.21
CA ALA F 98 -22.13 -0.39 41.00
C ALA F 98 -21.81 -0.57 39.51
N ILE F 99 -20.71 0.04 39.07
CA ILE F 99 -20.28 -0.06 37.67
C ILE F 99 -18.95 -0.77 37.50
N LEU F 100 -18.84 -1.49 36.39
CA LEU F 100 -17.60 -2.13 35.97
C LEU F 100 -17.00 -1.31 34.83
N LEU F 101 -15.77 -0.83 35.02
CA LEU F 101 -15.13 0.04 34.04
C LEU F 101 -14.00 -0.67 33.29
N ARG F 102 -14.20 -0.86 31.98
CA ARG F 102 -13.22 -1.53 31.14
C ARG F 102 -12.41 -0.55 30.30
N HIS F 103 -11.10 -0.51 30.55
CA HIS F 103 -10.16 0.27 29.76
C HIS F 103 -10.09 -0.34 28.36
N ALA F 104 -10.54 0.44 27.36
CA ALA F 104 -10.72 -0.07 26.00
C ALA F 104 -9.44 -0.51 25.30
N HIS F 105 -8.37 0.25 25.52
CA HIS F 105 -7.08 0.01 24.85
C HIS F 105 -6.38 -1.27 25.33
N SER F 106 -6.54 -1.58 26.61
CA SER F 106 -5.87 -2.73 27.22
C SER F 106 -6.83 -3.90 27.51
N ARG F 107 -8.13 -3.64 27.36
CA ARG F 107 -9.19 -4.61 27.69
C ARG F 107 -9.16 -5.03 29.17
N MET F 108 -8.58 -4.16 30.01
CA MET F 108 -8.46 -4.42 31.44
C MET F 108 -9.45 -3.57 32.26
N TYR F 109 -9.58 -3.89 33.55
CA TYR F 109 -10.60 -3.25 34.39
C TYR F 109 -9.99 -2.35 35.46
N LEU F 110 -10.61 -1.20 35.67
CA LEU F 110 -10.21 -0.27 36.71
C LEU F 110 -10.50 -0.86 38.08
N SER F 111 -9.44 -1.18 38.82
CA SER F 111 -9.57 -1.84 40.12
C SER F 111 -8.80 -1.16 41.23
N CYS F 112 -9.34 -1.21 42.44
CA CYS F 112 -8.69 -0.64 43.62
C CYS F 112 -7.71 -1.65 44.22
N LEU F 113 -6.42 -1.34 44.10
CA LEU F 113 -5.35 -2.24 44.55
C LEU F 113 -5.20 -2.22 46.07
N THR F 114 -4.45 -3.20 46.60
CA THR F 114 -4.24 -3.33 48.04
C THR F 114 -2.98 -2.62 48.52
N THR F 115 -2.16 -2.14 47.58
CA THR F 115 -0.91 -1.45 47.90
C THR F 115 -1.14 0.04 48.13
N SER F 116 -0.41 0.61 49.09
CA SER F 116 -0.52 2.03 49.42
C SER F 116 0.23 2.91 48.41
N LYS F 122 -0.47 4.21 53.88
CA LYS F 122 -1.14 3.72 55.08
C LYS F 122 -2.65 3.96 55.01
N LEU F 123 -3.04 5.21 54.78
CA LEU F 123 -4.45 5.59 54.66
C LEU F 123 -4.83 5.94 53.23
N ALA F 124 -4.15 5.31 52.27
CA ALA F 124 -4.44 5.46 50.85
C ALA F 124 -4.11 4.17 50.10
N PHE F 125 -4.79 3.95 48.98
CA PHE F 125 -4.59 2.75 48.17
C PHE F 125 -4.38 3.08 46.69
N ASP F 126 -3.60 2.25 46.01
CA ASP F 126 -3.31 2.45 44.58
C ASP F 126 -4.48 2.05 43.70
N VAL F 127 -4.57 2.71 42.54
CA VAL F 127 -5.59 2.41 41.53
C VAL F 127 -4.91 2.10 40.20
N GLY F 128 -5.23 0.94 39.63
CA GLY F 128 -4.62 0.51 38.38
C GLY F 128 -5.54 -0.33 37.51
N LEU F 129 -4.96 -1.32 36.83
CA LEU F 129 -5.71 -2.20 35.95
C LEU F 129 -5.60 -3.67 36.38
N GLN F 130 -6.65 -4.43 36.10
CA GLN F 130 -6.72 -5.84 36.45
C GLN F 130 -7.05 -6.67 35.21
N GLU F 131 -6.39 -7.82 35.07
CA GLU F 131 -6.58 -8.71 33.93
C GLU F 131 -8.01 -9.23 33.80
N ASP F 132 -8.60 -9.65 34.91
CA ASP F 132 -9.97 -10.16 34.94
C ASP F 132 -10.88 -9.35 35.86
N ALA F 133 -12.18 -9.39 35.59
CA ALA F 133 -13.16 -8.66 36.39
C ALA F 133 -13.74 -9.53 37.51
N THR F 134 -12.84 -10.00 38.39
CA THR F 134 -13.21 -10.86 39.51
C THR F 134 -12.93 -10.19 40.85
N GLY F 135 -13.89 -10.31 41.77
CA GLY F 135 -13.75 -9.75 43.11
C GLY F 135 -14.57 -8.48 43.33
N GLU F 136 -14.17 -7.71 44.33
CA GLU F 136 -14.85 -6.45 44.67
C GLU F 136 -14.07 -5.23 44.19
N ALA F 137 -12.75 -5.41 44.05
CA ALA F 137 -11.82 -4.31 43.71
C ALA F 137 -12.18 -3.54 42.45
N CYS F 138 -12.68 -4.24 41.44
CA CYS F 138 -13.01 -3.63 40.15
C CYS F 138 -14.44 -3.07 40.09
N TRP F 139 -15.08 -2.93 41.27
CA TRP F 139 -16.43 -2.38 41.35
C TRP F 139 -16.49 -1.06 42.10
N TRP F 140 -17.13 -0.08 41.48
CA TRP F 140 -17.26 1.27 42.03
C TRP F 140 -18.72 1.70 42.04
N THR F 141 -19.17 2.27 43.16
CA THR F 141 -20.56 2.72 43.29
C THR F 141 -20.70 4.22 43.06
N MET F 142 -21.74 4.60 42.31
CA MET F 142 -22.00 5.99 41.95
C MET F 142 -22.88 6.70 42.98
N HIS F 143 -22.47 7.89 43.37
CA HIS F 143 -23.19 8.69 44.36
C HIS F 143 -23.31 10.14 43.92
N PRO F 144 -24.44 10.81 44.27
CA PRO F 144 -24.62 12.23 43.94
C PRO F 144 -23.68 13.15 44.72
N GLU F 151 -30.21 8.75 44.83
CA GLU F 151 -30.24 7.35 45.22
C GLU F 151 -31.42 6.63 44.54
N GLY F 152 -31.13 5.97 43.42
CA GLY F 152 -32.16 5.33 42.61
C GLY F 152 -32.48 6.13 41.36
N GLU F 153 -32.21 7.43 41.41
CA GLU F 153 -32.41 8.34 40.28
C GLU F 153 -31.42 8.03 39.16
N LYS F 154 -31.77 8.40 37.93
CA LYS F 154 -30.93 8.14 36.76
C LYS F 154 -29.72 9.08 36.70
N VAL F 155 -28.61 8.56 36.19
CA VAL F 155 -27.38 9.32 36.05
C VAL F 155 -27.36 10.01 34.69
N ARG F 156 -27.43 11.35 34.71
CA ARG F 156 -27.44 12.15 33.50
C ARG F 156 -26.02 12.43 32.99
N VAL F 157 -25.91 12.66 31.68
CA VAL F 157 -24.67 13.13 31.07
C VAL F 157 -24.46 14.59 31.48
N GLY F 158 -23.41 14.83 32.26
CA GLY F 158 -23.13 16.17 32.77
C GLY F 158 -23.26 16.26 34.28
N ASP F 159 -23.56 15.14 34.91
CA ASP F 159 -23.68 15.06 36.38
C ASP F 159 -22.32 14.85 37.03
N ASP F 160 -22.08 15.57 38.12
CA ASP F 160 -20.90 15.36 38.95
C ASP F 160 -21.11 14.11 39.80
N LEU F 161 -20.12 13.21 39.79
CA LEU F 161 -20.26 11.91 40.44
C LEU F 161 -19.24 11.68 41.53
N ILE F 162 -19.62 10.86 42.51
CA ILE F 162 -18.74 10.42 43.58
C ILE F 162 -18.60 8.91 43.51
N LEU F 163 -17.39 8.43 43.21
CA LEU F 163 -17.14 7.01 43.06
C LEU F 163 -16.52 6.38 44.30
N VAL F 164 -17.21 5.38 44.85
CA VAL F 164 -16.76 4.66 46.04
C VAL F 164 -16.46 3.21 45.68
N SER F 165 -15.27 2.74 46.05
CA SER F 165 -14.89 1.35 45.82
C SER F 165 -15.66 0.41 46.73
N VAL F 166 -16.23 -0.65 46.15
CA VAL F 166 -16.99 -1.65 46.90
C VAL F 166 -16.07 -2.43 47.85
N SER F 167 -14.81 -2.59 47.44
CA SER F 167 -13.81 -3.33 48.21
C SER F 167 -13.36 -2.62 49.50
N SER F 168 -13.02 -1.34 49.39
CA SER F 168 -12.37 -0.62 50.48
C SER F 168 -13.23 0.50 51.09
N GLU F 169 -14.30 0.87 50.41
CA GLU F 169 -15.14 2.03 50.80
C GLU F 169 -14.35 3.33 50.86
N ARG F 170 -13.52 3.54 49.84
CA ARG F 170 -12.74 4.77 49.71
C ARG F 170 -13.04 5.44 48.37
N TYR F 171 -13.04 6.75 48.36
CA TYR F 171 -13.39 7.53 47.17
C TYR F 171 -12.26 7.55 46.15
N LEU F 172 -12.62 7.50 44.87
CA LEU F 172 -11.66 7.72 43.79
C LEU F 172 -11.19 9.16 43.88
N HIS F 173 -9.92 9.34 44.21
CA HIS F 173 -9.41 10.64 44.62
C HIS F 173 -8.23 11.14 43.78
N LEU F 174 -8.30 12.42 43.40
CA LEU F 174 -7.22 13.13 42.73
C LEU F 174 -6.04 13.31 43.67
N SER F 175 -4.84 12.98 43.21
CA SER F 175 -3.65 13.10 44.03
C SER F 175 -2.45 13.62 43.24
N THR F 176 -1.92 14.76 43.67
CA THR F 176 -0.72 15.34 43.08
C THR F 176 0.45 15.23 44.06
N ALA F 177 1.55 14.66 43.58
CA ALA F 177 2.77 14.50 44.39
C ALA F 177 4.01 14.46 43.51
N LEU F 181 0.50 13.84 39.38
CA LEU F 181 -0.85 13.89 38.84
C LEU F 181 -1.43 12.48 38.70
N GLN F 182 -1.60 11.80 39.83
CA GLN F 182 -2.10 10.42 39.87
C GLN F 182 -3.47 10.34 40.54
N VAL F 183 -4.01 9.12 40.61
CA VAL F 183 -5.30 8.87 41.24
C VAL F 183 -5.12 7.80 42.35
N ASP F 184 -5.90 7.93 43.42
CA ASP F 184 -5.85 6.95 44.52
C ASP F 184 -7.20 6.77 45.22
N ALA F 185 -7.23 5.86 46.19
CA ALA F 185 -8.45 5.60 46.97
C ALA F 185 -8.25 6.02 48.43
N SER F 186 -9.02 7.01 48.86
CA SER F 186 -8.83 7.61 50.19
C SER F 186 -10.12 8.13 50.83
N PHE F 187 -9.98 8.74 52.00
CA PHE F 187 -11.10 9.35 52.72
C PHE F 187 -11.50 10.68 52.12
N MET F 188 -10.55 11.34 51.46
CA MET F 188 -10.81 12.59 50.73
C MET F 188 -11.48 12.24 49.39
N GLN F 189 -12.46 13.03 48.99
CA GLN F 189 -13.23 12.74 47.77
C GLN F 189 -12.95 13.68 46.60
N THR F 190 -13.26 13.19 45.39
CA THR F 190 -13.10 13.96 44.16
C THR F 190 -14.34 13.80 43.30
N LEU F 191 -14.87 14.93 42.81
CA LEU F 191 -16.03 14.92 41.91
C LEU F 191 -15.59 14.58 40.49
N TRP F 192 -16.22 13.56 39.91
CA TRP F 192 -15.89 13.09 38.57
C TRP F 192 -17.03 13.31 37.59
N ASN F 193 -16.69 13.48 36.31
CA ASN F 193 -17.66 13.58 35.24
C ASN F 193 -17.41 12.50 34.20
N MET F 194 -18.41 11.66 33.95
CA MET F 194 -18.30 10.61 32.95
C MET F 194 -18.91 11.07 31.63
N ASN F 195 -18.07 11.63 30.76
CA ASN F 195 -18.50 12.14 29.46
C ASN F 195 -18.31 11.13 28.33
N PRO F 196 -19.40 10.79 27.61
CA PRO F 196 -19.39 9.79 26.54
C PRO F 196 -18.62 10.21 25.29
N ILE F 197 -18.31 9.24 24.43
CA ILE F 197 -17.53 9.42 23.20
C ILE F 197 -16.12 9.94 23.47
N GLN G 4 17.92 50.00 17.35
CA GLN G 4 19.11 49.15 17.63
C GLN G 4 19.72 48.59 16.34
N PHE G 5 21.05 48.50 16.32
CA PHE G 5 21.78 47.98 15.17
C PHE G 5 22.41 46.62 15.50
N LEU G 6 22.62 45.80 14.47
CA LEU G 6 23.21 44.48 14.64
C LEU G 6 24.74 44.53 14.53
N ARG G 7 25.41 43.77 15.39
CA ARG G 7 26.87 43.71 15.43
C ARG G 7 27.36 42.26 15.57
N THR G 8 28.67 42.06 15.42
CA THR G 8 29.27 40.73 15.58
C THR G 8 29.15 40.22 17.01
N ASP G 9 29.13 38.90 17.16
CA ASP G 9 28.92 38.20 18.44
C ASP G 9 27.45 38.19 18.90
N ASP G 10 26.56 38.69 18.05
CA ASP G 10 25.12 38.69 18.34
C ASP G 10 24.53 37.30 18.17
N GLU G 11 23.89 36.80 19.22
CA GLU G 11 23.15 35.55 19.17
C GLU G 11 21.79 35.79 18.54
N VAL G 12 21.68 35.52 17.23
CA VAL G 12 20.47 35.82 16.48
C VAL G 12 19.71 34.57 16.01
N VAL G 13 18.42 34.76 15.75
CA VAL G 13 17.62 33.77 15.04
C VAL G 13 17.15 34.35 13.70
N LEU G 14 17.13 33.51 12.67
CA LEU G 14 16.66 33.94 11.36
C LEU G 14 15.20 33.53 11.15
N GLN G 15 14.34 34.54 10.99
CA GLN G 15 12.91 34.31 10.84
C GLN G 15 12.39 34.87 9.52
N CYS G 16 11.40 34.18 8.95
CA CYS G 16 10.74 34.62 7.73
C CYS G 16 9.21 34.47 7.82
N SER G 17 8.50 35.30 7.06
CA SER G 17 7.04 35.29 7.07
C SER G 17 6.47 34.38 5.99
N ALA G 18 5.31 33.77 6.30
CA ALA G 18 4.63 32.87 5.36
C ALA G 18 3.15 32.76 5.71
N THR G 19 2.32 32.64 4.67
CA THR G 19 0.88 32.41 4.84
C THR G 19 0.56 30.95 4.58
N VAL G 20 0.28 30.21 5.66
CA VAL G 20 -0.03 28.78 5.57
C VAL G 20 -1.46 28.53 6.06
N LEU G 21 -2.28 27.98 5.17
CA LEU G 21 -3.68 27.63 5.46
C LEU G 21 -4.49 28.82 5.99
N GLN G 24 -1.29 33.15 9.18
CA GLN G 24 0.06 33.66 8.94
C GLN G 24 1.03 33.15 10.01
N LEU G 25 2.17 32.66 9.56
CA LEU G 25 3.16 32.06 10.45
C LEU G 25 4.55 32.69 10.31
N LYS G 26 5.24 32.81 11.45
CA LYS G 26 6.64 33.23 11.47
C LYS G 26 7.49 31.97 11.61
N LEU G 27 8.30 31.69 10.59
CA LEU G 27 9.10 30.47 10.55
C LEU G 27 10.56 30.73 10.88
N CYS G 28 11.04 30.10 11.96
CA CYS G 28 12.41 30.30 12.43
C CYS G 28 13.35 29.22 11.88
N LEU G 29 14.53 29.65 11.43
CA LEU G 29 15.52 28.76 10.82
C LEU G 29 16.20 27.88 11.87
N ALA G 30 16.13 26.57 11.66
CA ALA G 30 16.68 25.59 12.59
C ALA G 30 17.57 24.57 11.89
N ALA G 31 18.53 24.03 12.63
CA ALA G 31 19.44 23.00 12.10
C ALA G 31 19.91 22.04 13.18
N GLU G 32 20.01 20.76 12.82
CA GLU G 32 20.57 19.74 13.70
C GLU G 32 21.85 19.20 13.08
N GLY G 33 22.97 19.39 13.77
CA GLY G 33 24.28 19.03 13.23
C GLY G 33 24.80 17.70 13.75
N ARG G 37 24.11 18.11 8.83
CA ARG G 37 22.84 17.84 8.17
C ARG G 37 22.16 19.11 7.65
N LEU G 38 21.04 18.93 6.94
CA LEU G 38 20.32 20.02 6.29
C LEU G 38 19.58 20.91 7.29
N CYS G 39 19.33 22.16 6.88
CA CYS G 39 18.51 23.09 7.65
C CYS G 39 17.02 22.81 7.46
N PHE G 40 16.23 23.18 8.46
CA PHE G 40 14.77 23.07 8.42
C PHE G 40 14.13 24.26 9.13
N LEU G 41 12.80 24.33 9.10
CA LEU G 41 12.08 25.48 9.65
C LEU G 41 11.14 25.11 10.79
N GLU G 42 11.07 25.98 11.79
CA GLU G 42 10.24 25.75 12.97
C GLU G 42 9.17 26.84 13.13
N PRO G 43 7.88 26.46 13.00
CA PRO G 43 6.77 27.39 13.17
C PRO G 43 6.52 27.69 14.64
N THR G 44 6.18 28.94 14.94
CA THR G 44 5.94 29.38 16.32
C THR G 44 4.48 29.18 16.73
N PRO G 51 9.81 29.82 19.28
CA PRO G 51 10.08 28.50 18.71
C PRO G 51 10.20 27.43 19.81
N PRO G 52 9.70 26.21 19.55
CA PRO G 52 9.69 25.09 20.50
C PRO G 52 11.01 24.86 21.23
N ASP G 53 12.13 24.95 20.50
CA ASP G 53 13.46 24.84 21.12
C ASP G 53 14.48 25.76 20.44
N LEU G 54 15.02 26.69 21.21
CA LEU G 54 15.89 27.75 20.70
C LEU G 54 17.34 27.32 20.48
N ALA G 55 17.76 26.23 21.15
CA ALA G 55 19.14 25.76 21.09
C ALA G 55 19.60 25.42 19.67
N ILE G 56 18.77 24.70 18.94
CA ILE G 56 19.09 24.30 17.55
C ILE G 56 18.89 25.45 16.56
N CYS G 57 18.19 26.49 16.98
CA CYS G 57 17.88 27.64 16.13
C CYS G 57 18.92 28.75 16.20
N CYS G 58 19.64 28.82 17.32
CA CYS G 58 20.55 29.94 17.59
C CYS G 58 21.77 29.98 16.67
N PHE G 59 21.95 31.14 16.03
CA PHE G 59 23.13 31.40 15.21
C PHE G 59 23.87 32.63 15.73
N THR G 60 25.20 32.57 15.73
CA THR G 60 26.03 33.69 16.16
C THR G 60 26.70 34.36 14.97
N LEU G 61 26.73 35.68 14.97
CA LEU G 61 27.41 36.46 13.94
C LEU G 61 28.91 36.52 14.25
N GLU G 62 29.66 35.57 13.69
CA GLU G 62 31.08 35.43 13.99
C GLU G 62 31.93 36.51 13.32
N GLN G 63 31.83 36.62 12.00
CA GLN G 63 32.62 37.59 11.25
C GLN G 63 31.79 38.29 10.17
N SER G 64 32.01 39.59 10.04
CA SER G 64 31.37 40.39 9.00
C SER G 64 32.42 41.18 8.23
N LEU G 65 32.62 40.79 6.97
CA LEU G 65 33.60 41.44 6.10
C LEU G 65 32.94 42.00 4.84
N SER G 66 33.61 42.92 4.17
CA SER G 66 33.15 43.45 2.89
C SER G 66 33.48 42.47 1.75
N VAL G 67 33.01 42.77 0.55
CA VAL G 67 33.24 41.91 -0.62
C VAL G 67 34.72 41.84 -1.01
N ARG G 68 35.40 42.99 -0.94
CA ARG G 68 36.82 43.07 -1.27
C ARG G 68 37.70 42.45 -0.18
N ALA G 69 37.22 42.51 1.06
CA ALA G 69 37.94 41.96 2.20
C ALA G 69 37.84 40.44 2.26
N LEU G 70 36.70 39.91 1.81
CA LEU G 70 36.43 38.47 1.86
C LEU G 70 37.33 37.67 0.90
N GLN G 71 37.47 38.15 -0.33
CA GLN G 71 38.29 37.49 -1.34
C GLN G 71 39.77 37.49 -0.97
N GLU G 72 40.23 38.58 -0.36
CA GLU G 72 41.62 38.72 0.07
C GLU G 72 41.95 37.83 1.27
N MET G 73 40.99 37.70 2.19
CA MET G 73 41.15 36.87 3.38
C MET G 73 41.13 35.38 3.05
N LEU G 74 40.25 34.99 2.12
CA LEU G 74 40.12 33.61 1.69
C LEU G 74 41.35 33.13 0.93
N ALA G 75 42.02 34.06 0.24
CA ALA G 75 43.25 33.78 -0.50
C ALA G 75 44.46 33.53 0.42
N ASN G 76 44.26 33.75 1.72
CA ASN G 76 45.30 33.51 2.72
C ASN G 76 45.12 32.16 3.41
N HIS G 90 34.15 43.92 18.20
CA HIS G 90 32.77 44.09 17.76
C HIS G 90 32.67 45.02 16.56
N ARG G 91 32.07 44.53 15.49
CA ARG G 91 31.83 45.34 14.29
C ARG G 91 30.35 45.37 13.95
N THR G 92 29.85 46.56 13.63
CA THR G 92 28.45 46.76 13.26
C THR G 92 28.22 46.31 11.81
N LEU G 93 27.11 45.59 11.60
CA LEU G 93 26.73 45.08 10.29
C LEU G 93 26.21 46.18 9.37
N LEU G 94 26.68 46.16 8.13
CA LEU G 94 26.25 47.13 7.11
C LEU G 94 25.73 46.42 5.87
N TYR G 95 24.70 47.00 5.24
CA TYR G 95 24.14 46.46 4.01
C TYR G 95 25.19 46.42 2.91
N GLY G 96 25.48 45.22 2.44
CA GLY G 96 26.53 45.01 1.43
C GLY G 96 27.61 44.05 1.92
N HIS G 97 27.81 44.03 3.23
CA HIS G 97 28.80 43.15 3.87
C HIS G 97 28.45 41.67 3.76
N ALA G 98 29.48 40.83 3.88
CA ALA G 98 29.32 39.38 3.93
C ALA G 98 29.46 38.88 5.37
N ILE G 99 28.45 38.15 5.84
CA ILE G 99 28.45 37.63 7.20
C ILE G 99 28.71 36.12 7.29
N LEU G 100 29.24 35.69 8.43
CA LEU G 100 29.50 34.29 8.71
C LEU G 100 28.69 33.84 9.93
N LEU G 101 27.69 33.00 9.68
CA LEU G 101 26.77 32.56 10.72
C LEU G 101 27.13 31.17 11.26
N ARG G 102 27.51 31.12 12.54
CA ARG G 102 27.88 29.86 13.18
C ARG G 102 26.75 29.32 14.05
N HIS G 103 26.36 28.08 13.76
CA HIS G 103 25.40 27.32 14.55
C HIS G 103 25.93 27.15 15.98
N ALA G 104 25.04 27.31 16.96
CA ALA G 104 25.46 27.32 18.36
C ALA G 104 25.58 25.93 19.00
N HIS G 105 24.72 25.00 18.58
CA HIS G 105 24.67 23.67 19.17
C HIS G 105 25.82 22.76 18.72
N SER G 106 25.95 22.60 17.40
CA SER G 106 26.99 21.74 16.83
C SER G 106 28.28 22.51 16.52
N ARG G 107 28.23 23.83 16.69
CA ARG G 107 29.37 24.74 16.43
C ARG G 107 29.86 24.71 14.98
N MET G 108 28.94 24.41 14.07
CA MET G 108 29.25 24.36 12.63
C MET G 108 28.74 25.63 11.93
N TYR G 109 28.98 25.74 10.63
CA TYR G 109 28.68 26.97 9.89
C TYR G 109 27.58 26.82 8.85
N LEU G 110 26.68 27.81 8.79
CA LEU G 110 25.58 27.84 7.82
C LEU G 110 26.12 28.00 6.40
N SER G 111 26.04 26.94 5.62
CA SER G 111 26.63 26.93 4.28
C SER G 111 25.64 26.60 3.17
N CYS G 112 25.98 27.04 1.96
CA CYS G 112 25.26 26.68 0.75
C CYS G 112 25.96 25.48 0.14
N LEU G 113 25.26 24.35 0.06
CA LEU G 113 25.84 23.08 -0.36
C LEU G 113 25.95 22.95 -1.88
N THR G 114 26.72 21.95 -2.32
CA THR G 114 26.93 21.70 -3.75
C THR G 114 25.93 20.69 -4.31
N THR G 115 25.04 20.18 -3.46
CA THR G 115 24.05 19.17 -3.87
C THR G 115 22.66 19.77 -4.05
N SER G 116 21.88 19.16 -4.96
CA SER G 116 20.51 19.58 -5.22
C SER G 116 19.57 19.13 -4.11
N LEU G 123 18.06 22.75 -10.49
CA LEU G 123 19.15 23.71 -10.48
C LEU G 123 19.46 24.26 -9.09
N ALA G 124 18.43 24.32 -8.24
CA ALA G 124 18.57 24.83 -6.87
C ALA G 124 19.39 23.90 -5.98
N PHE G 125 20.14 24.49 -5.05
CA PHE G 125 20.98 23.72 -4.13
C PHE G 125 20.40 23.70 -2.71
N ASP G 126 20.78 22.68 -1.95
CA ASP G 126 20.36 22.53 -0.56
C ASP G 126 21.18 23.41 0.37
N VAL G 127 20.64 23.68 1.56
CA VAL G 127 21.33 24.47 2.58
C VAL G 127 21.50 23.66 3.87
N GLY G 128 22.74 23.39 4.24
CA GLY G 128 23.06 22.62 5.43
C GLY G 128 24.16 23.24 6.26
N LEU G 129 24.93 22.40 6.94
CA LEU G 129 26.01 22.87 7.81
C LEU G 129 27.39 22.38 7.38
N GLN G 130 28.36 23.29 7.43
CA GLN G 130 29.76 22.96 7.13
C GLN G 130 30.57 22.90 8.42
N GLU G 131 31.42 21.88 8.52
CA GLU G 131 32.25 21.65 9.71
C GLU G 131 33.19 22.82 10.00
N ASP G 132 33.85 23.33 8.96
CA ASP G 132 34.78 24.44 9.09
C ASP G 132 34.40 25.60 8.17
N ALA G 133 34.81 26.81 8.55
CA ALA G 133 34.50 28.02 7.80
C ALA G 133 35.49 28.27 6.66
N THR G 134 35.50 27.35 5.69
CA THR G 134 36.40 27.44 4.54
C THR G 134 35.61 27.58 3.23
N GLY G 135 36.21 28.26 2.26
CA GLY G 135 35.59 28.49 0.96
C GLY G 135 34.55 29.59 1.00
N GLU G 136 33.88 29.82 -0.13
CA GLU G 136 32.85 30.85 -0.22
C GLU G 136 31.47 30.35 0.20
N ALA G 137 31.32 29.02 0.29
CA ALA G 137 30.04 28.38 0.60
C ALA G 137 29.43 28.82 1.93
N CYS G 138 30.27 29.11 2.91
CA CYS G 138 29.83 29.49 4.25
C CYS G 138 29.31 30.92 4.33
N TRP G 139 29.74 31.77 3.39
CA TRP G 139 29.50 33.20 3.48
C TRP G 139 28.24 33.66 2.76
N TRP G 140 27.55 34.63 3.37
CA TRP G 140 26.29 35.17 2.85
C TRP G 140 26.32 36.70 2.91
N THR G 141 25.88 37.35 1.84
CA THR G 141 25.85 38.81 1.77
C THR G 141 24.45 39.37 2.04
N MET G 142 24.41 40.48 2.77
CA MET G 142 23.15 41.13 3.14
C MET G 142 22.80 42.27 2.18
N HIS G 143 21.50 42.38 1.88
CA HIS G 143 21.00 43.43 0.98
C HIS G 143 19.63 43.92 1.46
N PRO G 144 19.32 45.22 1.27
CA PRO G 144 18.03 45.76 1.67
C PRO G 144 16.87 45.30 0.79
N ALA G 145 15.65 45.59 1.21
CA ALA G 145 14.44 45.23 0.45
C ALA G 145 13.87 46.45 -0.26
N GLN G 148 13.57 52.35 1.38
CA GLN G 148 13.80 52.99 2.67
C GLN G 148 15.24 52.79 3.15
N ARG G 149 15.66 51.52 3.25
CA ARG G 149 17.04 51.18 3.62
C ARG G 149 17.92 51.08 2.39
N SER G 150 19.17 51.52 2.53
CA SER G 150 20.11 51.57 1.41
C SER G 150 21.39 50.78 1.67
N GLU G 151 22.15 50.55 0.60
CA GLU G 151 23.45 49.88 0.66
C GLU G 151 24.46 50.75 1.41
N GLY G 152 25.23 50.13 2.30
CA GLY G 152 26.22 50.85 3.10
C GLY G 152 25.71 51.24 4.47
N GLU G 153 24.39 51.43 4.58
CA GLU G 153 23.74 51.78 5.84
C GLU G 153 23.81 50.61 6.84
N LYS G 154 23.78 50.96 8.12
CA LYS G 154 23.83 49.97 9.20
C LYS G 154 22.56 49.13 9.24
N VAL G 155 22.72 47.83 9.51
CA VAL G 155 21.59 46.90 9.58
C VAL G 155 20.85 47.05 10.91
N ARG G 156 19.63 47.57 10.85
CA ARG G 156 18.79 47.76 12.03
C ARG G 156 18.10 46.46 12.45
N VAL G 157 17.78 46.36 13.74
CA VAL G 157 17.14 45.18 14.31
C VAL G 157 15.67 45.07 13.89
N GLY G 158 15.33 43.94 13.28
CA GLY G 158 13.95 43.68 12.86
C GLY G 158 13.68 43.97 11.40
N ASP G 159 14.74 44.36 10.68
CA ASP G 159 14.63 44.69 9.26
C ASP G 159 14.57 43.45 8.38
N ASP G 160 13.80 43.54 7.29
CA ASP G 160 13.73 42.48 6.29
C ASP G 160 14.97 42.55 5.39
N LEU G 161 15.65 41.42 5.24
CA LEU G 161 16.92 41.37 4.53
C LEU G 161 16.88 40.41 3.33
N ILE G 162 17.87 40.53 2.47
CA ILE G 162 18.10 39.62 1.36
C ILE G 162 19.46 38.96 1.57
N LEU G 163 19.45 37.64 1.76
CA LEU G 163 20.68 36.89 1.97
C LEU G 163 21.13 36.17 0.70
N VAL G 164 22.30 36.53 0.21
CA VAL G 164 22.84 35.98 -1.05
C VAL G 164 24.11 35.18 -0.79
N SER G 165 24.13 33.95 -1.29
CA SER G 165 25.31 33.08 -1.19
C SER G 165 26.44 33.62 -2.06
N VAL G 166 27.60 33.82 -1.45
CA VAL G 166 28.78 34.34 -2.17
C VAL G 166 29.28 33.33 -3.20
N SER G 167 29.13 32.05 -2.89
CA SER G 167 29.57 30.98 -3.78
C SER G 167 28.66 30.81 -5.00
N SER G 168 27.35 30.64 -4.75
CA SER G 168 26.39 30.29 -5.80
C SER G 168 25.57 31.46 -6.35
N GLU G 169 25.67 32.62 -5.70
CA GLU G 169 24.88 33.82 -6.04
C GLU G 169 23.36 33.65 -5.83
N ARG G 170 22.98 32.56 -5.14
CA ARG G 170 21.58 32.25 -4.90
C ARG G 170 21.10 32.81 -3.56
N TYR G 171 19.78 32.99 -3.45
CA TYR G 171 19.17 33.54 -2.24
C TYR G 171 18.75 32.43 -1.27
N LEU G 172 18.81 32.74 0.03
CA LEU G 172 18.26 31.86 1.05
C LEU G 172 16.74 31.87 0.90
N HIS G 173 16.20 30.76 0.44
CA HIS G 173 14.81 30.72 0.00
C HIS G 173 13.93 29.78 0.82
N LEU G 174 12.71 30.22 1.11
CA LEU G 174 11.67 29.38 1.69
C LEU G 174 10.92 28.66 0.56
N SER G 175 10.96 27.33 0.59
CA SER G 175 10.32 26.51 -0.43
C SER G 175 9.30 25.54 0.15
N THR G 176 8.32 25.17 -0.67
CA THR G 176 7.24 24.27 -0.24
C THR G 176 7.28 22.94 -1.00
N GLY G 179 7.21 19.54 -0.71
CA GLY G 179 6.44 18.78 0.27
C GLY G 179 6.09 19.59 1.50
N GLU G 180 7.00 19.60 2.47
CA GLU G 180 6.82 20.38 3.70
C GLU G 180 7.54 21.73 3.59
N LEU G 181 7.70 22.41 4.73
CA LEU G 181 8.37 23.70 4.78
C LEU G 181 9.89 23.51 4.70
N GLN G 182 10.44 23.86 3.54
CA GLN G 182 11.86 23.66 3.26
C GLN G 182 12.61 24.98 3.11
N VAL G 183 13.93 24.90 3.21
CA VAL G 183 14.81 26.04 2.99
C VAL G 183 15.94 25.64 2.04
N ASP G 184 16.03 26.35 0.91
CA ASP G 184 17.02 26.03 -0.12
C ASP G 184 17.76 27.26 -0.63
N ALA G 185 18.53 27.08 -1.70
CA ALA G 185 19.19 28.18 -2.38
C ALA G 185 18.76 28.22 -3.84
N SER G 186 17.90 29.17 -4.17
CA SER G 186 17.37 29.29 -5.52
C SER G 186 17.48 30.73 -6.04
N PHE G 187 16.88 30.97 -7.21
CA PHE G 187 16.85 32.30 -7.82
C PHE G 187 15.62 33.08 -7.37
N MET G 188 14.75 32.42 -6.62
CA MET G 188 13.65 33.09 -5.91
C MET G 188 14.24 33.66 -4.62
N GLN G 189 13.68 34.76 -4.15
CA GLN G 189 14.18 35.39 -2.91
C GLN G 189 13.12 35.52 -1.82
N THR G 190 13.51 35.15 -0.61
CA THR G 190 12.66 35.31 0.56
C THR G 190 13.28 36.37 1.49
N LEU G 191 12.43 37.14 2.14
CA LEU G 191 12.88 38.15 3.10
C LEU G 191 13.10 37.53 4.48
N TRP G 192 14.23 37.86 5.11
CA TRP G 192 14.61 37.30 6.40
C TRP G 192 14.85 38.37 7.46
N ASN G 193 14.51 38.04 8.71
CA ASN G 193 14.76 38.92 9.84
C ASN G 193 15.76 38.28 10.81
N MET G 194 16.67 39.08 11.34
CA MET G 194 17.67 38.59 12.29
C MET G 194 17.45 39.21 13.68
N ASN G 195 16.66 38.51 14.51
CA ASN G 195 16.34 38.98 15.85
C ASN G 195 17.30 38.43 16.90
N PRO G 196 17.85 39.33 17.75
CA PRO G 196 18.86 38.94 18.75
C PRO G 196 18.26 38.26 19.97
N ILE G 197 19.13 37.69 20.81
CA ILE G 197 18.76 36.94 22.02
C ILE G 197 17.92 35.70 21.71
N GLN H 4 -11.39 29.71 -5.95
CA GLN H 4 -10.24 28.90 -6.43
C GLN H 4 -10.66 27.46 -6.72
N PHE H 5 -10.25 26.97 -7.89
CA PHE H 5 -10.50 25.58 -8.28
C PHE H 5 -9.28 24.72 -7.96
N LEU H 6 -9.52 23.54 -7.41
CA LEU H 6 -8.45 22.60 -7.09
C LEU H 6 -7.90 21.95 -8.36
N ARG H 7 -6.57 21.93 -8.46
CA ARG H 7 -5.88 21.38 -9.63
C ARG H 7 -4.80 20.38 -9.23
N THR H 8 -4.28 19.65 -10.21
CA THR H 8 -3.23 18.66 -9.96
C THR H 8 -1.89 19.31 -9.59
N ASP H 9 -1.04 18.53 -8.92
CA ASP H 9 0.25 18.98 -8.39
C ASP H 9 0.10 20.05 -7.31
N ASP H 10 -1.00 19.97 -6.56
CA ASP H 10 -1.25 20.87 -5.43
C ASP H 10 -0.94 20.17 -4.11
N GLU H 11 -0.19 20.86 -3.25
CA GLU H 11 0.08 20.38 -1.90
C GLU H 11 -1.14 20.65 -1.03
N VAL H 12 -1.83 19.57 -0.65
CA VAL H 12 -3.10 19.68 0.07
C VAL H 12 -3.11 18.89 1.38
N VAL H 13 -3.95 19.34 2.32
CA VAL H 13 -4.21 18.61 3.55
C VAL H 13 -5.69 18.24 3.65
N LEU H 14 -5.96 16.96 3.89
CA LEU H 14 -7.33 16.46 3.98
C LEU H 14 -7.91 16.68 5.38
N GLN H 15 -8.97 17.50 5.45
CA GLN H 15 -9.56 17.89 6.74
C GLN H 15 -11.04 17.54 6.85
N CYS H 16 -11.49 17.31 8.08
CA CYS H 16 -12.90 17.01 8.37
C CYS H 16 -13.35 17.55 9.72
N SER H 17 -14.65 17.49 9.98
CA SER H 17 -15.23 17.91 11.25
C SER H 17 -15.76 16.72 12.04
N ALA H 18 -15.66 16.80 13.37
CA ALA H 18 -16.07 15.70 14.25
C ALA H 18 -16.44 16.17 15.65
N THR H 19 -17.55 15.68 16.17
CA THR H 19 -17.97 15.97 17.54
C THR H 19 -17.45 14.88 18.48
N VAL H 20 -16.74 15.30 19.51
CA VAL H 20 -16.12 14.36 20.46
C VAL H 20 -16.74 14.46 21.85
N LEU H 21 -16.53 15.59 22.52
CA LEU H 21 -17.01 15.78 23.88
C LEU H 21 -17.78 17.08 24.02
N GLU H 23 -18.33 19.20 21.55
CA GLU H 23 -17.16 19.95 21.10
C GLU H 23 -16.78 19.58 19.67
N GLN H 24 -16.89 20.55 18.76
CA GLN H 24 -16.55 20.34 17.36
C GLN H 24 -15.05 20.43 17.13
N LEU H 25 -14.49 19.37 16.57
CA LEU H 25 -13.06 19.29 16.28
C LEU H 25 -12.79 19.42 14.78
N LYS H 26 -11.68 20.06 14.44
CA LYS H 26 -11.22 20.14 13.07
C LYS H 26 -9.99 19.26 12.88
N LEU H 27 -10.23 17.95 12.78
CA LEU H 27 -9.18 16.96 12.59
C LEU H 27 -8.76 16.91 11.12
N CYS H 28 -7.47 16.66 10.88
CA CYS H 28 -6.97 16.48 9.52
C CYS H 28 -6.05 15.27 9.39
N LEU H 29 -6.11 14.64 8.22
CA LEU H 29 -5.42 13.38 7.92
C LEU H 29 -3.91 13.44 8.11
N ALA H 30 -3.37 12.45 8.80
CA ALA H 30 -1.93 12.34 9.04
C ALA H 30 -1.43 10.91 8.86
N ALA H 31 -0.21 10.77 8.36
CA ALA H 31 0.38 9.46 8.10
C ALA H 31 1.91 9.50 8.21
N GLU H 32 2.47 8.49 8.88
CA GLU H 32 3.92 8.38 9.04
C GLU H 32 4.44 7.14 8.30
N GLY H 33 5.65 7.24 7.78
CA GLY H 33 6.26 6.16 6.99
C GLY H 33 7.07 5.15 7.79
N PHE H 34 6.69 4.96 9.05
CA PHE H 34 7.36 4.02 9.94
C PHE H 34 6.42 3.50 11.03
N ARG H 37 2.37 2.24 7.08
CA ARG H 37 1.73 2.31 8.39
C ARG H 37 0.34 2.94 8.31
N LEU H 38 -0.51 2.58 9.27
CA LEU H 38 -1.89 3.07 9.33
C LEU H 38 -1.98 4.57 9.59
N CYS H 39 -2.89 5.23 8.89
CA CYS H 39 -3.08 6.67 8.99
C CYS H 39 -3.83 7.07 10.28
N PHE H 40 -3.38 8.14 10.90
CA PHE H 40 -4.02 8.71 12.09
C PHE H 40 -4.53 10.13 11.83
N LEU H 41 -4.81 10.88 12.90
CA LEU H 41 -5.39 12.22 12.78
C LEU H 41 -4.74 13.27 13.69
N GLU H 42 -4.53 14.46 13.13
CA GLU H 42 -3.95 15.58 13.87
C GLU H 42 -4.91 16.78 13.87
N PRO H 43 -5.23 17.31 15.06
CA PRO H 43 -6.16 18.44 15.17
C PRO H 43 -5.49 19.82 15.10
N THR H 44 -6.25 20.81 14.68
CA THR H 44 -5.76 22.19 14.60
C THR H 44 -6.60 23.13 15.47
N PRO H 52 0.60 22.78 13.96
CA PRO H 52 0.47 21.54 13.19
C PRO H 52 1.81 21.01 12.68
N ASP H 53 1.78 19.86 12.04
CA ASP H 53 2.96 19.24 11.44
C ASP H 53 2.69 18.91 9.98
N LEU H 54 3.42 19.57 9.09
CA LEU H 54 3.20 19.44 7.63
C LEU H 54 3.74 18.15 7.05
N ALA H 55 4.73 17.55 7.72
CA ALA H 55 5.38 16.33 7.23
C ALA H 55 4.39 15.17 7.08
N ILE H 56 3.65 14.88 8.15
CA ILE H 56 2.68 13.78 8.16
C ILE H 56 1.36 14.13 7.47
N CYS H 57 1.06 15.42 7.37
CA CYS H 57 -0.24 15.89 6.89
C CYS H 57 -0.34 16.20 5.39
N CYS H 58 0.75 16.68 4.80
CA CYS H 58 0.73 17.15 3.42
C CYS H 58 0.67 16.01 2.39
N PHE H 59 -0.27 16.15 1.46
CA PHE H 59 -0.40 15.23 0.32
C PHE H 59 -0.37 16.02 -0.98
N THR H 60 0.11 15.38 -2.04
CA THR H 60 0.15 16.01 -3.37
C THR H 60 -0.83 15.33 -4.31
N LEU H 61 -1.64 16.14 -4.99
CA LEU H 61 -2.56 15.66 -6.02
C LEU H 61 -1.78 15.33 -7.29
N GLU H 62 -1.34 14.08 -7.41
CA GLU H 62 -0.47 13.66 -8.50
C GLU H 62 -1.17 13.58 -9.85
N GLN H 63 -2.31 12.91 -9.88
CA GLN H 63 -3.06 12.70 -11.13
C GLN H 63 -4.57 12.78 -10.96
N SER H 64 -5.25 13.15 -12.03
CA SER H 64 -6.72 13.21 -12.05
C SER H 64 -7.24 12.63 -13.36
N LEU H 65 -7.49 11.33 -13.38
CA LEU H 65 -7.98 10.64 -14.56
C LEU H 65 -9.45 10.26 -14.42
N SER H 66 -10.13 10.12 -15.55
CA SER H 66 -11.51 9.63 -15.58
C SER H 66 -11.52 8.12 -15.37
N VAL H 67 -12.68 7.59 -14.96
CA VAL H 67 -12.84 6.15 -14.71
C VAL H 67 -12.52 5.31 -15.95
N ARG H 68 -12.99 5.78 -17.12
CA ARG H 68 -12.73 5.11 -18.39
C ARG H 68 -11.26 5.21 -18.80
N ALA H 69 -10.62 6.33 -18.44
CA ALA H 69 -9.22 6.56 -18.76
C ALA H 69 -8.26 5.89 -17.77
N LEU H 70 -8.79 5.52 -16.61
CA LEU H 70 -8.01 4.89 -15.55
C LEU H 70 -7.71 3.42 -15.83
N GLN H 71 -8.73 2.70 -16.31
CA GLN H 71 -8.63 1.25 -16.53
C GLN H 71 -7.63 0.89 -17.63
N GLU H 72 -7.55 1.72 -18.67
CA GLU H 72 -6.62 1.50 -19.78
C GLU H 72 -5.17 1.71 -19.37
N MET H 73 -4.96 2.57 -18.38
CA MET H 73 -3.62 2.81 -17.82
C MET H 73 -3.10 1.61 -17.03
N LEU H 74 -4.01 0.93 -16.33
CA LEU H 74 -3.66 -0.26 -15.56
C LEU H 74 -3.68 -1.53 -16.43
N ALA H 75 -4.26 -1.42 -17.62
CA ALA H 75 -4.32 -2.53 -18.57
C ALA H 75 -2.96 -2.78 -19.23
N HIS H 90 -0.76 20.49 -15.32
CA HIS H 90 -1.68 20.91 -14.27
C HIS H 90 -3.12 20.96 -14.78
N ARG H 91 -3.87 19.90 -14.47
CA ARG H 91 -5.26 19.77 -14.91
C ARG H 91 -6.25 19.93 -13.76
N THR H 92 -7.34 20.66 -14.02
CA THR H 92 -8.36 20.95 -13.02
C THR H 92 -9.17 19.70 -12.65
N LEU H 93 -9.33 19.49 -11.34
CA LEU H 93 -10.07 18.35 -10.81
C LEU H 93 -11.57 18.50 -11.05
N LEU H 94 -12.18 17.44 -11.60
CA LEU H 94 -13.61 17.39 -11.87
C LEU H 94 -14.26 16.28 -11.04
N TYR H 95 -15.51 16.50 -10.63
CA TYR H 95 -16.26 15.49 -9.87
C TYR H 95 -16.51 14.23 -10.71
N GLY H 96 -16.22 13.08 -10.11
CA GLY H 96 -16.35 11.79 -10.79
C GLY H 96 -15.04 11.26 -11.34
N HIS H 97 -13.94 11.88 -10.93
CA HIS H 97 -12.60 11.48 -11.35
C HIS H 97 -11.80 10.85 -10.21
N ALA H 98 -10.93 9.91 -10.56
CA ALA H 98 -10.07 9.24 -9.59
C ALA H 98 -8.77 10.01 -9.40
N ILE H 99 -8.42 10.27 -8.14
CA ILE H 99 -7.18 11.00 -7.82
C ILE H 99 -6.11 10.14 -7.16
N LEU H 100 -4.86 10.46 -7.47
CA LEU H 100 -3.70 9.80 -6.88
C LEU H 100 -3.05 10.74 -5.86
N LEU H 101 -2.97 10.27 -4.62
CA LEU H 101 -2.42 11.09 -3.53
C LEU H 101 -1.08 10.56 -3.01
N ARG H 102 -0.03 11.35 -3.23
CA ARG H 102 1.32 11.01 -2.78
C ARG H 102 1.69 11.80 -1.54
N HIS H 103 2.05 11.07 -0.48
CA HIS H 103 2.51 11.65 0.78
C HIS H 103 3.80 12.45 0.54
N ALA H 104 3.92 13.57 1.25
CA ALA H 104 5.01 14.52 1.03
C ALA H 104 6.36 14.04 1.57
N HIS H 105 6.37 13.63 2.83
CA HIS H 105 7.61 13.26 3.53
C HIS H 105 8.15 11.90 3.10
N SER H 106 7.27 10.90 3.03
CA SER H 106 7.65 9.52 2.75
C SER H 106 7.66 9.18 1.26
N ARG H 107 7.13 10.09 0.44
CA ARG H 107 6.99 9.90 -1.01
C ARG H 107 6.10 8.72 -1.40
N MET H 108 5.46 8.10 -0.40
CA MET H 108 4.57 6.96 -0.60
C MET H 108 3.16 7.41 -0.98
N TYR H 109 2.30 6.45 -1.29
CA TYR H 109 0.95 6.75 -1.78
C TYR H 109 -0.14 6.29 -0.81
N LEU H 110 -1.13 7.16 -0.59
CA LEU H 110 -2.29 6.83 0.23
C LEU H 110 -3.17 5.83 -0.53
N SER H 111 -3.39 4.68 0.09
CA SER H 111 -4.15 3.61 -0.55
C SER H 111 -5.15 2.93 0.38
N CYS H 112 -6.00 2.08 -0.20
CA CYS H 112 -6.93 1.26 0.56
C CYS H 112 -6.29 -0.10 0.82
N LEU H 113 -5.94 -0.35 2.07
CA LEU H 113 -5.23 -1.57 2.47
C LEU H 113 -6.16 -2.78 2.52
N THR H 114 -5.57 -3.96 2.73
CA THR H 114 -6.32 -5.20 2.83
C THR H 114 -6.33 -5.74 4.27
N THR H 115 -6.09 -4.85 5.23
CA THR H 115 -6.06 -5.21 6.66
C THR H 115 -7.20 -4.54 7.42
N SER H 116 -7.46 -5.04 8.64
CA SER H 116 -8.50 -4.47 9.50
C SER H 116 -8.08 -4.52 10.97
N LEU H 123 -15.13 -6.68 7.26
CA LEU H 123 -16.10 -5.60 7.39
C LEU H 123 -15.60 -4.32 6.74
N ALA H 124 -14.59 -3.71 7.34
CA ALA H 124 -14.04 -2.43 6.88
C ALA H 124 -12.51 -2.48 6.83
N PHE H 125 -11.95 -1.99 5.74
CA PHE H 125 -10.51 -2.06 5.52
C PHE H 125 -9.75 -0.86 6.06
N ASP H 126 -8.51 -1.08 6.47
CA ASP H 126 -7.64 -0.02 6.97
C ASP H 126 -7.16 0.90 5.84
N VAL H 127 -6.78 2.11 6.20
CA VAL H 127 -6.21 3.06 5.25
C VAL H 127 -4.78 3.43 5.69
N GLY H 128 -3.82 3.18 4.80
CA GLY H 128 -2.42 3.45 5.10
C GLY H 128 -1.62 3.81 3.86
N LEU H 129 -0.30 3.83 4.01
CA LEU H 129 0.60 4.21 2.93
C LEU H 129 1.16 3.00 2.20
N GLN H 130 1.41 3.17 0.90
CA GLN H 130 1.98 2.11 0.06
C GLN H 130 2.91 2.69 -0.99
N GLU H 131 4.02 2.01 -1.23
CA GLU H 131 5.02 2.46 -2.21
C GLU H 131 4.84 1.82 -3.59
N ASP H 132 3.62 1.37 -3.88
CA ASP H 132 3.31 0.74 -5.15
C ASP H 132 2.06 1.36 -5.78
N ALA H 133 2.28 2.27 -6.73
CA ALA H 133 1.21 2.96 -7.44
C ALA H 133 0.50 2.05 -8.46
N THR H 134 1.10 0.90 -8.74
CA THR H 134 0.50 -0.10 -9.62
C THR H 134 -0.66 -0.80 -8.92
N GLY H 135 -1.88 -0.52 -9.39
CA GLY H 135 -3.10 -1.07 -8.81
C GLY H 135 -4.16 -0.01 -8.60
N GLU H 136 -5.42 -0.46 -8.48
CA GLU H 136 -6.55 0.43 -8.26
C GLU H 136 -6.64 0.93 -6.81
N ALA H 137 -5.83 0.33 -5.93
CA ALA H 137 -5.90 0.58 -4.49
C ALA H 137 -5.52 2.00 -4.09
N CYS H 138 -4.67 2.64 -4.88
CA CYS H 138 -4.16 3.97 -4.56
C CYS H 138 -5.10 5.10 -5.02
N TRP H 139 -6.02 4.76 -5.91
CA TRP H 139 -6.90 5.76 -6.52
C TRP H 139 -8.22 5.89 -5.77
N TRP H 140 -8.68 7.14 -5.64
CA TRP H 140 -9.92 7.47 -4.95
C TRP H 140 -10.76 8.41 -5.81
N THR H 141 -12.03 8.07 -6.02
CA THR H 141 -12.92 8.91 -6.82
C THR H 141 -13.62 9.97 -5.97
N MET H 142 -13.62 11.20 -6.49
CA MET H 142 -14.22 12.34 -5.80
C MET H 142 -15.70 12.46 -6.15
N HIS H 143 -16.53 12.67 -5.14
CA HIS H 143 -17.98 12.80 -5.32
C HIS H 143 -18.57 13.93 -4.48
N PRO H 144 -19.59 14.63 -5.03
CA PRO H 144 -20.17 15.78 -4.33
C PRO H 144 -21.05 15.39 -3.15
N ALA H 145 -21.03 16.23 -2.11
CA ALA H 145 -21.90 16.06 -0.96
C ALA H 145 -23.22 16.80 -1.19
N SER H 146 -23.10 18.09 -1.50
CA SER H 146 -24.23 18.95 -1.82
C SER H 146 -24.77 18.63 -3.22
N LYS H 147 -26.04 18.95 -3.44
CA LYS H 147 -26.67 18.78 -4.75
C LYS H 147 -26.76 20.12 -5.48
N ARG H 149 -23.86 21.26 -6.72
CA ARG H 149 -22.74 20.40 -7.10
C ARG H 149 -23.21 19.09 -7.71
N SER H 150 -22.67 18.75 -8.88
CA SER H 150 -23.03 17.53 -9.60
C SER H 150 -21.82 16.96 -10.35
N GLU H 151 -21.99 15.74 -10.87
CA GLU H 151 -20.93 15.03 -11.60
C GLU H 151 -20.45 15.82 -12.82
N GLY H 152 -19.14 15.88 -13.00
CA GLY H 152 -18.54 16.53 -14.16
C GLY H 152 -18.02 17.93 -13.90
N GLU H 153 -18.71 18.64 -13.00
CA GLU H 153 -18.34 20.01 -12.62
C GLU H 153 -16.96 20.09 -11.96
N LYS H 154 -16.36 21.27 -12.01
CA LYS H 154 -15.04 21.49 -11.42
C LYS H 154 -15.10 21.47 -9.90
N VAL H 155 -14.04 20.95 -9.28
CA VAL H 155 -13.96 20.88 -7.82
C VAL H 155 -13.30 22.15 -7.26
N ARG H 156 -14.00 22.79 -6.32
CA ARG H 156 -13.53 24.03 -5.72
C ARG H 156 -12.91 23.82 -4.34
N VAL H 157 -12.11 24.78 -3.90
CA VAL H 157 -11.50 24.75 -2.57
C VAL H 157 -12.54 25.01 -1.49
N GLY H 158 -12.52 24.20 -0.43
CA GLY H 158 -13.45 24.35 0.69
C GLY H 158 -14.72 23.52 0.56
N ASP H 159 -14.88 22.87 -0.59
CA ASP H 159 -16.02 21.98 -0.83
C ASP H 159 -15.91 20.72 0.03
N ASP H 160 -17.06 20.22 0.48
CA ASP H 160 -17.13 18.96 1.19
C ASP H 160 -17.20 17.82 0.19
N LEU H 161 -16.26 16.87 0.30
CA LEU H 161 -16.10 15.83 -0.70
C LEU H 161 -16.31 14.43 -0.13
N ILE H 162 -16.91 13.57 -0.95
CA ILE H 162 -16.97 12.15 -0.68
C ILE H 162 -15.87 11.49 -1.51
N LEU H 163 -15.00 10.73 -0.86
CA LEU H 163 -13.93 10.00 -1.55
C LEU H 163 -14.18 8.50 -1.53
N VAL H 164 -14.23 7.90 -2.71
CA VAL H 164 -14.55 6.48 -2.85
C VAL H 164 -13.37 5.68 -3.41
N SER H 165 -12.98 4.63 -2.68
CA SER H 165 -11.93 3.72 -3.09
C SER H 165 -12.32 2.98 -4.36
N VAL H 166 -11.49 3.08 -5.40
CA VAL H 166 -11.76 2.42 -6.69
C VAL H 166 -11.67 0.90 -6.56
N SER H 167 -10.79 0.43 -5.68
CA SER H 167 -10.59 -1.00 -5.47
C SER H 167 -11.73 -1.67 -4.70
N SER H 168 -12.05 -1.12 -3.52
CA SER H 168 -13.01 -1.73 -2.60
C SER H 168 -14.41 -1.10 -2.62
N GLU H 169 -14.54 0.02 -3.32
CA GLU H 169 -15.80 0.77 -3.43
C GLU H 169 -16.27 1.35 -2.08
N ARG H 170 -15.35 1.42 -1.12
CA ARG H 170 -15.65 1.94 0.22
C ARG H 170 -15.25 3.41 0.37
N TYR H 171 -15.90 4.08 1.32
CA TYR H 171 -15.70 5.51 1.53
C TYR H 171 -14.59 5.77 2.55
N LEU H 172 -13.80 6.83 2.33
CA LEU H 172 -12.82 7.29 3.31
C LEU H 172 -13.60 7.76 4.54
N HIS H 173 -13.37 7.10 5.68
CA HIS H 173 -14.24 7.22 6.84
C HIS H 173 -13.49 7.51 8.14
N LEU H 174 -14.08 8.37 8.97
CA LEU H 174 -13.59 8.66 10.31
C LEU H 174 -14.28 7.78 11.35
N SER H 175 -13.49 6.94 12.03
CA SER H 175 -14.03 6.02 13.03
C SER H 175 -14.37 6.73 14.34
N GLY H 179 -11.75 4.27 21.95
CA GLY H 179 -11.88 5.65 21.52
C GLY H 179 -10.71 6.13 20.68
N GLU H 180 -10.10 5.22 19.93
CA GLU H 180 -8.98 5.54 19.05
C GLU H 180 -9.49 6.20 17.77
N LEU H 181 -9.23 7.50 17.64
CA LEU H 181 -9.66 8.27 16.48
C LEU H 181 -8.82 7.91 15.25
N GLN H 182 -9.30 6.90 14.51
CA GLN H 182 -8.60 6.39 13.34
C GLN H 182 -9.40 6.66 12.06
N VAL H 183 -8.71 6.53 10.92
CA VAL H 183 -9.35 6.69 9.61
C VAL H 183 -9.28 5.39 8.80
N ASP H 184 -10.45 4.88 8.40
CA ASP H 184 -10.54 3.61 7.68
C ASP H 184 -11.46 3.70 6.45
N ALA H 185 -11.64 2.56 5.77
CA ALA H 185 -12.53 2.48 4.62
C ALA H 185 -13.75 1.62 4.95
N SER H 186 -14.91 2.27 5.00
CA SER H 186 -16.17 1.59 5.30
C SER H 186 -17.31 2.16 4.44
N PHE H 187 -18.54 1.71 4.70
CA PHE H 187 -19.69 2.15 3.93
C PHE H 187 -20.43 3.33 4.55
N MET H 188 -19.99 3.74 5.74
CA MET H 188 -20.46 4.96 6.37
C MET H 188 -19.58 6.11 5.91
N GLN H 189 -20.18 7.09 5.23
CA GLN H 189 -19.42 8.15 4.56
C GLN H 189 -18.98 9.29 5.50
N THR H 190 -17.93 10.00 5.06
CA THR H 190 -17.39 11.13 5.79
C THR H 190 -17.06 12.25 4.80
N LEU H 191 -17.45 13.47 5.14
CA LEU H 191 -17.15 14.63 4.31
C LEU H 191 -15.70 15.05 4.51
N TRP H 192 -14.97 15.22 3.41
CA TRP H 192 -13.56 15.62 3.47
C TRP H 192 -13.32 16.94 2.73
N ASN H 193 -12.43 17.76 3.30
CA ASN H 193 -11.95 18.98 2.65
C ASN H 193 -10.52 18.78 2.17
N MET H 194 -10.23 19.32 0.98
CA MET H 194 -8.85 19.35 0.48
C MET H 194 -8.38 20.79 0.44
N ASN H 195 -7.60 21.18 1.45
CA ASN H 195 -7.10 22.55 1.57
C ASN H 195 -5.65 22.68 1.14
N PRO H 196 -5.37 23.51 0.12
CA PRO H 196 -4.01 23.73 -0.35
C PRO H 196 -3.30 24.83 0.44
N GLN I 4 -1.17 41.45 -25.44
CA GLN I 4 -1.85 40.75 -26.55
C GLN I 4 -2.37 39.38 -26.12
N PHE I 5 -3.55 39.02 -26.61
CA PHE I 5 -4.20 37.76 -26.25
C PHE I 5 -4.65 36.97 -27.49
N LEU I 6 -4.70 35.65 -27.34
CA LEU I 6 -5.16 34.77 -28.42
C LEU I 6 -6.69 34.77 -28.50
N ARG I 7 -7.22 35.23 -29.63
CA ARG I 7 -8.66 35.30 -29.86
C ARG I 7 -9.09 34.42 -31.03
N THR I 8 -10.41 34.26 -31.18
CA THR I 8 -10.97 33.45 -32.26
C THR I 8 -10.79 34.10 -33.63
N ASP I 9 -10.80 33.26 -34.67
CA ASP I 9 -10.61 33.67 -36.07
C ASP I 9 -9.25 34.36 -36.30
N ASP I 10 -8.20 33.81 -35.70
CA ASP I 10 -6.84 34.31 -35.86
C ASP I 10 -5.94 33.26 -36.50
N GLU I 11 -5.10 33.71 -37.44
CA GLU I 11 -4.14 32.84 -38.11
C GLU I 11 -2.96 32.51 -37.20
N VAL I 12 -3.00 31.34 -36.60
CA VAL I 12 -2.01 30.94 -35.59
C VAL I 12 -1.22 29.68 -35.98
N VAL I 13 -0.02 29.55 -35.42
CA VAL I 13 0.81 28.36 -35.61
C VAL I 13 1.10 27.67 -34.28
N LEU I 14 1.15 26.34 -34.30
CA LEU I 14 1.44 25.54 -33.11
C LEU I 14 2.89 25.07 -33.12
N GLN I 15 3.65 25.48 -32.12
CA GLN I 15 5.08 25.19 -32.05
C GLN I 15 5.48 24.38 -30.81
N CYS I 16 6.52 23.58 -30.96
CA CYS I 16 7.12 22.82 -29.85
C CYS I 16 8.63 22.71 -30.05
N SER I 17 9.36 22.61 -28.94
CA SER I 17 10.82 22.50 -28.97
C SER I 17 11.35 21.67 -27.80
N LYS I 26 13.11 24.99 -32.75
CA LYS I 26 11.66 24.96 -32.63
C LYS I 26 11.01 24.45 -33.92
N LEU I 27 10.14 23.45 -33.78
CA LEU I 27 9.43 22.86 -34.91
C LEU I 27 7.92 23.11 -34.80
N CYS I 28 7.28 23.30 -35.95
CA CYS I 28 5.84 23.57 -36.01
C CYS I 28 5.09 22.49 -36.78
N LEU I 29 3.89 22.16 -36.31
CA LEU I 29 3.07 21.13 -36.94
C LEU I 29 2.40 21.63 -38.23
N LEU I 54 4.45 30.72 -43.67
CA LEU I 54 3.94 29.41 -43.30
C LEU I 54 2.45 29.30 -43.61
N ALA I 55 2.13 29.14 -44.90
CA ALA I 55 0.74 29.06 -45.37
C ALA I 55 0.12 27.69 -45.08
N ILE I 56 0.89 26.63 -45.33
CA ILE I 56 0.43 25.26 -45.09
C ILE I 56 0.43 24.92 -43.60
N CYS I 57 1.29 25.59 -42.85
CA CYS I 57 1.43 25.38 -41.41
C CYS I 57 0.41 26.19 -40.60
N CYS I 58 -0.41 26.97 -41.29
CA CYS I 58 -1.39 27.85 -40.66
C CYS I 58 -2.61 27.09 -40.13
N PHE I 59 -3.13 27.56 -39.00
CA PHE I 59 -4.35 27.01 -38.38
C PHE I 59 -5.25 28.13 -37.90
N THR I 60 -6.56 27.90 -37.93
CA THR I 60 -7.53 28.91 -37.51
C THR I 60 -8.37 28.47 -36.30
N LEU I 61 -8.61 29.41 -35.40
CA LEU I 61 -9.42 29.17 -34.21
C LEU I 61 -10.87 29.54 -34.49
N GLU I 62 -11.56 28.69 -35.25
CA GLU I 62 -12.91 28.96 -35.73
C GLU I 62 -14.02 28.83 -34.67
N GLN I 63 -13.82 27.91 -33.73
CA GLN I 63 -14.81 27.67 -32.69
C GLN I 63 -14.17 27.48 -31.30
N SER I 64 -14.73 28.20 -30.32
CA SER I 64 -14.26 28.12 -28.94
C SER I 64 -15.44 28.03 -27.97
N LEU I 65 -15.41 27.02 -27.10
CA LEU I 65 -16.48 26.80 -26.12
C LEU I 65 -15.95 26.09 -24.87
N SER I 66 -16.73 26.16 -23.80
CA SER I 66 -16.40 25.48 -22.55
C SER I 66 -16.79 24.00 -22.60
N VAL I 67 -16.51 23.28 -21.52
CA VAL I 67 -16.84 21.85 -21.42
C VAL I 67 -18.34 21.60 -21.44
N ARG I 68 -19.11 22.48 -20.78
CA ARG I 68 -20.56 22.38 -20.72
C ARG I 68 -21.22 22.79 -22.04
N ALA I 69 -20.62 23.78 -22.71
CA ALA I 69 -21.13 24.28 -23.99
C ALA I 69 -20.88 23.30 -25.13
N LEU I 70 -19.78 22.55 -25.05
CA LEU I 70 -19.41 21.56 -26.07
C LEU I 70 -20.30 20.32 -26.03
N GLN I 71 -20.73 19.94 -24.83
CA GLN I 71 -21.60 18.79 -24.64
C GLN I 71 -23.03 19.04 -25.11
N GLU I 72 -23.45 20.31 -25.06
CA GLU I 72 -24.79 20.72 -25.44
C GLU I 72 -25.05 20.61 -26.94
N MET I 73 -23.99 20.79 -27.74
CA MET I 73 -24.08 20.73 -29.20
C MET I 73 -24.34 19.31 -29.70
N LEU I 74 -23.59 18.34 -29.16
CA LEU I 74 -23.73 16.94 -29.54
C LEU I 74 -24.94 16.31 -28.86
N ARG I 91 -14.10 36.17 -29.67
CA ARG I 91 -14.17 35.45 -28.41
C ARG I 91 -12.80 35.22 -27.81
N THR I 92 -12.68 35.52 -26.51
CA THR I 92 -11.41 35.39 -25.79
C THR I 92 -11.19 33.95 -25.34
N LEU I 93 -10.02 33.41 -25.69
CA LEU I 93 -9.64 32.06 -25.29
C LEU I 93 -9.23 32.01 -23.82
N LEU I 94 -9.82 31.09 -23.08
CA LEU I 94 -9.54 30.93 -21.65
C LEU I 94 -9.11 29.49 -21.34
N TYR I 95 -8.38 29.31 -20.25
CA TYR I 95 -7.94 27.98 -19.80
C TYR I 95 -9.12 27.15 -19.30
N GLY I 96 -9.14 25.88 -19.70
CA GLY I 96 -10.23 24.97 -19.35
C GLY I 96 -11.21 24.79 -20.50
N HIS I 97 -11.23 25.74 -21.42
CA HIS I 97 -12.11 25.71 -22.58
C HIS I 97 -11.53 24.83 -23.68
N ALA I 98 -12.42 24.26 -24.50
CA ALA I 98 -12.01 23.40 -25.61
C ALA I 98 -12.26 24.08 -26.96
N ILE I 99 -11.20 24.22 -27.74
CA ILE I 99 -11.29 24.85 -29.07
C ILE I 99 -11.25 23.85 -30.22
N LEU I 100 -11.79 24.26 -31.36
CA LEU I 100 -11.75 23.46 -32.58
C LEU I 100 -10.79 24.09 -33.59
N LEU I 101 -9.85 23.30 -34.08
CA LEU I 101 -8.83 23.78 -35.02
C LEU I 101 -9.06 23.26 -36.44
N ARG I 102 -8.75 24.09 -37.42
CA ARG I 102 -8.85 23.73 -38.83
C ARG I 102 -7.62 24.18 -39.60
N HIS I 103 -7.14 23.32 -40.49
CA HIS I 103 -5.96 23.61 -41.30
C HIS I 103 -6.26 24.68 -42.35
N ALA I 104 -5.33 25.63 -42.47
CA ALA I 104 -5.46 26.73 -43.44
C ALA I 104 -4.17 26.92 -44.22
N PHE I 125 -2.44 7.18 -30.26
CA PHE I 125 -3.50 7.39 -31.23
C PHE I 125 -3.06 8.34 -32.35
N ASP I 126 -3.60 8.11 -33.54
CA ASP I 126 -3.25 8.90 -34.72
C ASP I 126 -3.92 10.26 -34.74
N VAL I 127 -3.19 11.27 -35.21
CA VAL I 127 -3.70 12.64 -35.35
C VAL I 127 -3.63 13.06 -36.81
N GLY I 128 -4.76 13.49 -37.37
CA GLY I 128 -4.83 13.92 -38.76
C GLY I 128 -5.90 14.97 -39.03
N LEU I 129 -6.53 14.87 -40.19
CA LEU I 129 -7.59 15.80 -40.59
C LEU I 129 -8.92 15.09 -40.82
N GLN I 130 -10.01 15.78 -40.49
CA GLN I 130 -11.36 15.26 -40.65
C GLN I 130 -12.26 16.24 -41.38
N GLU I 131 -13.58 15.99 -41.33
CA GLU I 131 -14.56 16.87 -41.97
C GLU I 131 -15.57 17.41 -40.97
N ASP I 132 -15.94 16.58 -39.99
CA ASP I 132 -16.91 16.96 -38.95
C ASP I 132 -16.19 17.38 -37.67
N GLU I 136 -16.51 15.67 -31.33
CA GLU I 136 -15.80 15.92 -30.07
C GLU I 136 -14.34 15.52 -30.14
N ALA I 137 -14.00 14.64 -31.09
CA ALA I 137 -12.63 14.18 -31.29
C ALA I 137 -11.72 15.29 -31.83
N CYS I 138 -12.31 16.20 -32.60
CA CYS I 138 -11.59 17.33 -33.19
C CYS I 138 -11.32 18.46 -32.19
N TRP I 139 -12.00 18.42 -31.05
CA TRP I 139 -11.87 19.44 -30.01
C TRP I 139 -10.75 19.10 -29.03
N TRP I 140 -10.04 20.14 -28.57
CA TRP I 140 -8.93 19.99 -27.64
C TRP I 140 -9.06 20.99 -26.49
N THR I 141 -9.05 20.47 -25.25
CA THR I 141 -9.17 21.32 -24.06
C THR I 141 -7.81 21.83 -23.56
N MET I 142 -7.76 23.14 -23.29
CA MET I 142 -6.53 23.82 -22.90
C MET I 142 -6.22 23.69 -21.42
N HIS I 143 -4.94 23.65 -21.08
CA HIS I 143 -4.47 23.59 -19.69
C HIS I 143 -3.17 24.37 -19.49
N PRO I 144 -3.11 25.19 -18.42
CA PRO I 144 -1.93 26.03 -18.15
C PRO I 144 -0.70 25.21 -17.76
N ALA I 145 0.47 25.75 -18.08
CA ALA I 145 1.75 25.11 -17.76
C ALA I 145 2.50 25.93 -16.71
N GLY I 152 -10.00 29.72 -16.73
CA GLY I 152 -10.11 30.88 -15.86
C GLY I 152 -9.50 32.13 -16.49
N GLU I 153 -8.18 32.24 -16.39
CA GLU I 153 -7.45 33.38 -16.92
C GLU I 153 -7.34 33.33 -18.45
N LYS I 154 -6.99 34.47 -19.05
CA LYS I 154 -6.85 34.58 -20.50
C LYS I 154 -5.55 33.96 -21.01
N VAL I 155 -5.60 33.41 -22.21
CA VAL I 155 -4.43 32.76 -22.82
C VAL I 155 -3.59 33.76 -23.61
N ARG I 156 -2.42 34.12 -23.05
CA ARG I 156 -1.49 35.04 -23.69
C ARG I 156 -0.69 34.32 -24.77
N VAL I 157 -0.44 35.03 -25.87
CA VAL I 157 0.38 34.51 -26.97
C VAL I 157 1.84 34.40 -26.53
N GLY I 158 2.48 33.28 -26.87
CA GLY I 158 3.85 33.02 -26.46
C GLY I 158 3.97 32.29 -25.14
N ASP I 159 2.83 31.79 -24.65
CA ASP I 159 2.80 31.00 -23.42
C ASP I 159 2.67 29.51 -23.73
N ASP I 160 3.21 28.69 -22.84
CA ASP I 160 3.13 27.24 -22.98
C ASP I 160 1.73 26.73 -22.65
N LEU I 161 1.20 25.87 -23.52
CA LEU I 161 -0.14 25.34 -23.39
C LEU I 161 -0.13 23.81 -23.38
N ILE I 162 -1.10 23.22 -22.70
CA ILE I 162 -1.31 21.77 -22.72
C ILE I 162 -2.66 21.46 -23.35
N LEU I 163 -2.62 20.68 -24.43
CA LEU I 163 -3.84 20.32 -25.17
C LEU I 163 -4.19 18.84 -25.01
N VAL I 164 -5.37 18.59 -24.46
CA VAL I 164 -5.86 17.23 -24.24
C VAL I 164 -7.10 17.00 -25.10
N SER I 165 -7.19 15.82 -25.72
CA SER I 165 -8.35 15.46 -26.52
C SER I 165 -9.57 15.18 -25.63
N VAL I 166 -10.75 15.56 -26.12
CA VAL I 166 -11.99 15.36 -25.37
C VAL I 166 -12.41 13.89 -25.39
N SER I 167 -12.37 13.28 -26.58
CA SER I 167 -12.80 11.89 -26.77
C SER I 167 -11.81 10.87 -26.21
N SER I 168 -10.56 10.97 -26.64
CA SER I 168 -9.51 10.00 -26.26
C SER I 168 -8.91 10.27 -24.88
N GLU I 169 -9.05 11.50 -24.41
CA GLU I 169 -8.50 11.95 -23.12
C GLU I 169 -6.98 11.75 -23.01
N ARG I 170 -6.26 12.24 -24.02
CA ARG I 170 -4.81 12.14 -24.07
C ARG I 170 -4.15 13.43 -24.55
N TYR I 171 -2.92 13.68 -24.08
CA TYR I 171 -2.17 14.89 -24.42
C TYR I 171 -1.63 14.83 -25.85
N LEU I 172 -1.63 15.99 -26.51
CA LEU I 172 -1.06 16.12 -27.85
C LEU I 172 0.46 16.02 -27.77
N HIS I 173 1.02 15.00 -28.41
CA HIS I 173 2.45 14.72 -28.34
C HIS I 173 3.14 14.95 -29.67
N LEU I 181 10.24 10.85 -35.56
CA LEU I 181 9.49 11.76 -34.69
C LEU I 181 8.26 12.32 -35.40
N GLN I 182 7.09 12.10 -34.79
CA GLN I 182 5.81 12.53 -35.36
C GLN I 182 4.83 12.96 -34.28
N VAL I 183 3.66 13.45 -34.69
CA VAL I 183 2.61 13.88 -33.77
C VAL I 183 1.60 12.77 -33.51
N ASP I 184 1.29 12.56 -32.23
CA ASP I 184 0.31 11.55 -31.82
C ASP I 184 -0.37 11.94 -30.49
N ALA I 185 -1.37 11.16 -30.09
CA ALA I 185 -2.04 11.35 -28.80
C ALA I 185 -1.51 10.35 -27.78
N SER I 186 -0.82 10.85 -26.77
CA SER I 186 -0.16 10.00 -25.77
C SER I 186 -0.38 10.49 -24.34
N PHE I 187 -0.08 9.61 -23.38
CA PHE I 187 -0.16 9.95 -21.95
C PHE I 187 1.02 10.83 -21.51
N MET I 188 2.03 10.94 -22.37
CA MET I 188 3.13 11.86 -22.16
C MET I 188 2.74 13.23 -22.73
N GLN I 189 3.01 14.28 -21.96
CA GLN I 189 2.60 15.63 -22.33
C GLN I 189 3.71 16.42 -23.05
N THR I 190 3.29 17.38 -23.88
CA THR I 190 4.20 18.23 -24.64
C THR I 190 3.76 19.69 -24.52
N LEU I 191 4.74 20.58 -24.33
CA LEU I 191 4.47 22.02 -24.21
C LEU I 191 4.28 22.65 -25.58
N TRP I 192 3.03 22.99 -25.91
CA TRP I 192 2.69 23.60 -27.19
C TRP I 192 2.50 25.10 -27.07
N ASN I 193 2.95 25.84 -28.08
CA ASN I 193 2.84 27.30 -28.09
C ASN I 193 2.09 27.81 -29.33
N MET I 194 1.02 28.56 -29.09
CA MET I 194 0.20 29.12 -30.16
C MET I 194 0.50 30.61 -30.35
N ASN I 195 0.99 30.96 -31.53
CA ASN I 195 1.37 32.34 -31.84
C ASN I 195 0.77 32.81 -33.17
N PRO I 196 0.19 34.03 -33.19
CA PRO I 196 -0.39 34.60 -34.41
C PRO I 196 0.68 35.01 -35.42
#